data_4PH7
#
_entry.id   4PH7
#
_cell.length_a   114.110
_cell.length_b   122.260
_cell.length_c   141.490
_cell.angle_alpha   90.00
_cell.angle_beta   90.00
_cell.angle_gamma   90.00
#
_symmetry.space_group_name_H-M   'P 21 21 21'
#
loop_
_entity.id
_entity.type
_entity.pdbx_description
1 polymer 'Oxysterol-binding protein homolog 6'
2 non-polymer '(2R)-1-{[(R)-hydroxy{[(1R,2R,3R,4R,5S,6R)-2,3,5,6-tetrahydroxy-4-(phosphonooxy)cyclohexyl]oxy}phosphoryl]oxy}-3-(octadecanoyloxy)propan-2-yl (5Z,8Z,11Z,14Z)-icosa-5,8,11,14-tetraenoate'
3 water water
#
_entity_poly.entity_id   1
_entity_poly.type   'polypeptide(L)'
_entity_poly.pdbx_seq_one_letter_code
;GSMGSKKLTVGSDSHRLSKSSFSSNKSSHSATKDQPIDTDDIDEDDESGHNIILNIISQLRPGCDLTRITLPTFILEKKS
MLERVTNQLQFPEFLLQAHSEKDPLKRFLYVMKWYLAGWHIAPKAVKKPLNPVLGEYFTAYWDLPNKQQAYYISEQTSHH
PPECAYFYMIPESSIRVDGVVIPKSRFLGNSSAAMMDGSTVLQFLDIKDGNGKPEKYVLTQPNVYVRGILFGKMRIELGD
HMIIKSPNFQADIEFKTKGYVFGTYDAIEGTVKDYDGNAYYEISGKWNDVMYLKDLKQPRSSPKVFLDTHKESPLRPKVR
PLSEQGEYESRKLWKKVTDALAVRNHPVATEEKFQIEDHQRQLAKKRIEDGVEFHPKLFRRSKPGEDLDYCIYKNIPVDE
DPEKQIRSILQIAPILPGQQFTDKFFIPAFEKIKSQKKMIENEKQNPAKQ
;
_entity_poly.pdbx_strand_id   A,B,C,D
#
loop_
_chem_comp.id
_chem_comp.type
_chem_comp.name
_chem_comp.formula
2Y5 non-polymer '(2R)-1-{[(R)-hydroxy{[(1R,2R,3R,4R,5S,6R)-2,3,5,6-tetrahydroxy-4-(phosphonooxy)cyclohexyl]oxy}phosphoryl]oxy}-3-(octadecanoyloxy)propan-2-yl (5Z,8Z,11Z,14Z)-icosa-5,8,11,14-tetraenoate' 'C47 H84 O16 P2'
#
# COMPACT_ATOMS: atom_id res chain seq x y z
N ILE A 37 -17.83 -12.46 -20.93
CA ILE A 37 -17.71 -12.75 -19.50
C ILE A 37 -17.16 -11.56 -18.72
N ASP A 38 -17.36 -11.58 -17.41
CA ASP A 38 -16.79 -10.56 -16.54
C ASP A 38 -15.33 -10.87 -16.26
N THR A 39 -14.51 -9.83 -16.09
CA THR A 39 -13.07 -9.99 -15.89
C THR A 39 -12.75 -10.80 -14.63
N ASP A 40 -13.67 -10.83 -13.67
CA ASP A 40 -13.50 -11.62 -12.46
C ASP A 40 -13.52 -13.11 -12.75
N ASP A 41 -14.10 -13.49 -13.88
CA ASP A 41 -14.25 -14.91 -14.23
C ASP A 41 -13.28 -15.33 -15.32
N ILE A 42 -12.42 -14.41 -15.75
CA ILE A 42 -11.46 -14.70 -16.80
C ILE A 42 -10.05 -14.87 -16.24
N ASP A 43 -9.48 -16.06 -16.43
CA ASP A 43 -8.09 -16.30 -16.03
C ASP A 43 -7.13 -15.57 -16.96
N GLU A 44 -6.35 -14.65 -16.41
CA GLU A 44 -5.43 -13.84 -17.21
C GLU A 44 -3.99 -14.28 -17.00
N ASP A 45 -3.81 -15.52 -16.53
CA ASP A 45 -2.49 -16.06 -16.30
C ASP A 45 -1.98 -16.81 -17.53
N ASP A 46 -1.42 -16.07 -18.49
CA ASP A 46 -0.84 -16.67 -19.67
C ASP A 46 0.63 -17.02 -19.43
N GLU A 47 1.43 -16.95 -20.50
CA GLU A 47 2.85 -17.27 -20.40
C GLU A 47 3.63 -16.11 -19.77
N SER A 48 3.18 -14.89 -20.04
CA SER A 48 3.84 -13.70 -19.51
C SER A 48 3.60 -13.55 -18.01
N GLY A 49 2.34 -13.71 -17.60
CA GLY A 49 1.98 -13.61 -16.20
C GLY A 49 2.61 -14.70 -15.34
N HIS A 50 2.65 -15.91 -15.88
CA HIS A 50 3.26 -17.03 -15.16
C HIS A 50 4.75 -16.79 -14.95
N ASN A 51 5.36 -16.08 -15.88
CA ASN A 51 6.77 -15.69 -15.75
C ASN A 51 6.98 -14.68 -14.63
N ILE A 52 6.06 -13.73 -14.51
CA ILE A 52 6.13 -12.72 -13.46
C ILE A 52 5.99 -13.37 -12.08
N ILE A 53 5.07 -14.32 -11.97
CA ILE A 53 4.84 -15.04 -10.72
C ILE A 53 6.05 -15.91 -10.35
N LEU A 54 6.53 -16.67 -11.33
CA LEU A 54 7.69 -17.54 -11.11
C LEU A 54 8.92 -16.74 -10.71
N ASN A 55 9.02 -15.52 -11.23
CA ASN A 55 10.16 -14.65 -10.93
C ASN A 55 10.11 -14.14 -9.50
N ILE A 56 8.91 -13.80 -9.03
CA ILE A 56 8.71 -13.37 -7.65
C ILE A 56 9.03 -14.50 -6.69
N ILE A 57 8.57 -15.70 -7.02
CA ILE A 57 8.82 -16.89 -6.23
C ILE A 57 10.32 -17.18 -6.11
N SER A 58 11.07 -16.88 -7.16
CA SER A 58 12.51 -17.12 -7.19
C SER A 58 13.23 -16.42 -6.06
N GLN A 59 12.75 -15.24 -5.68
CA GLN A 59 13.37 -14.46 -4.62
C GLN A 59 12.80 -14.84 -3.25
N LEU A 60 11.85 -15.76 -3.24
CA LEU A 60 11.15 -16.13 -2.01
C LEU A 60 11.70 -17.41 -1.39
N ARG A 61 11.54 -17.50 -0.08
CA ARG A 61 11.97 -18.66 0.68
C ARG A 61 10.77 -19.18 1.47
N PRO A 62 10.48 -20.49 1.36
CA PRO A 62 9.32 -21.15 1.98
C PRO A 62 9.05 -20.71 3.41
N GLY A 63 7.80 -20.35 3.71
CA GLY A 63 7.42 -19.82 5.00
C GLY A 63 7.28 -18.30 4.95
N CYS A 64 7.68 -17.74 3.81
CA CYS A 64 7.69 -16.30 3.60
C CYS A 64 6.31 -15.65 3.78
N ASP A 65 6.30 -14.46 4.34
CA ASP A 65 5.07 -13.67 4.44
C ASP A 65 4.79 -13.04 3.08
N LEU A 66 3.57 -13.21 2.58
CA LEU A 66 3.19 -12.64 1.29
C LEU A 66 2.48 -11.30 1.45
N THR A 67 2.29 -10.89 2.70
CA THR A 67 1.63 -9.62 3.01
C THR A 67 2.49 -8.42 2.60
N ARG A 68 3.80 -8.55 2.80
CA ARG A 68 4.73 -7.45 2.52
C ARG A 68 5.24 -7.47 1.08
N ILE A 69 4.55 -8.19 0.21
CA ILE A 69 5.02 -8.36 -1.16
C ILE A 69 3.98 -7.90 -2.18
N THR A 70 4.37 -6.97 -3.05
CA THR A 70 3.47 -6.48 -4.08
C THR A 70 3.27 -7.55 -5.15
N LEU A 71 2.01 -7.83 -5.47
CA LEU A 71 1.67 -8.86 -6.45
C LEU A 71 1.04 -8.23 -7.70
N PRO A 72 1.19 -8.89 -8.86
CA PRO A 72 0.68 -8.37 -10.14
C PRO A 72 -0.81 -8.14 -10.15
N THR A 73 -1.28 -7.26 -11.02
CA THR A 73 -2.69 -6.86 -11.02
C THR A 73 -3.60 -7.84 -11.78
N PHE A 74 -3.02 -8.82 -12.45
CA PHE A 74 -3.84 -9.74 -13.23
C PHE A 74 -4.44 -10.86 -12.37
N ILE A 75 -4.13 -10.82 -11.07
CA ILE A 75 -4.74 -11.76 -10.13
C ILE A 75 -5.64 -11.01 -9.14
N LEU A 76 -6.12 -9.84 -9.56
CA LEU A 76 -6.98 -9.01 -8.72
C LEU A 76 -8.41 -8.94 -9.26
N GLU A 77 -9.38 -9.16 -8.38
CA GLU A 77 -10.78 -8.89 -8.72
C GLU A 77 -11.07 -7.42 -8.47
N LYS A 78 -12.20 -6.94 -8.97
CA LYS A 78 -12.51 -5.51 -8.90
C LYS A 78 -13.17 -5.10 -7.60
N LYS A 79 -12.74 -5.71 -6.50
CA LYS A 79 -13.29 -5.41 -5.18
C LYS A 79 -12.20 -5.22 -4.14
N SER A 80 -12.47 -4.35 -3.17
CA SER A 80 -11.68 -4.28 -1.96
C SER A 80 -12.09 -5.44 -1.07
N MET A 81 -11.26 -5.82 -0.11
CA MET A 81 -11.61 -6.88 0.83
C MET A 81 -12.87 -6.50 1.60
N LEU A 82 -13.03 -5.20 1.84
CA LEU A 82 -14.18 -4.69 2.59
C LEU A 82 -15.51 -4.96 1.88
N GLU A 83 -15.50 -5.02 0.56
CA GLU A 83 -16.71 -5.30 -0.20
C GLU A 83 -16.86 -6.79 -0.44
N ARG A 84 -15.73 -7.49 -0.55
CA ARG A 84 -15.73 -8.93 -0.74
C ARG A 84 -16.47 -9.64 0.39
N VAL A 85 -16.36 -9.10 1.60
CA VAL A 85 -17.05 -9.66 2.77
C VAL A 85 -18.56 -9.67 2.55
N THR A 86 -19.08 -8.66 1.87
CA THR A 86 -20.52 -8.56 1.62
C THR A 86 -21.05 -9.70 0.72
N ASN A 87 -20.16 -10.33 -0.05
CA ASN A 87 -20.54 -11.50 -0.84
C ASN A 87 -21.18 -12.56 0.03
N GLN A 88 -20.58 -12.79 1.19
CA GLN A 88 -21.00 -13.83 2.11
C GLN A 88 -22.34 -13.51 2.76
N LEU A 89 -22.81 -12.29 2.58
CA LEU A 89 -24.06 -11.82 3.18
C LEU A 89 -25.18 -11.68 2.17
N GLN A 90 -25.01 -12.27 0.99
CA GLN A 90 -25.98 -12.09 -0.09
C GLN A 90 -27.13 -13.08 -0.05
N PHE A 91 -27.27 -13.79 1.05
CA PHE A 91 -28.43 -14.66 1.25
C PHE A 91 -29.15 -14.37 2.56
N PRO A 92 -29.66 -13.15 2.73
CA PRO A 92 -30.28 -12.78 4.00
C PRO A 92 -31.58 -13.53 4.26
N GLU A 93 -32.18 -14.10 3.21
CA GLU A 93 -33.43 -14.83 3.33
C GLU A 93 -33.27 -16.04 4.27
N PHE A 94 -32.15 -16.74 4.14
CA PHE A 94 -31.85 -17.86 5.02
C PHE A 94 -31.71 -17.38 6.47
N LEU A 95 -31.12 -16.20 6.65
CA LEU A 95 -30.93 -15.64 7.98
C LEU A 95 -32.27 -15.23 8.59
N LEU A 96 -33.16 -14.72 7.74
CA LEU A 96 -34.49 -14.34 8.18
C LEU A 96 -35.34 -15.57 8.55
N GLN A 97 -35.14 -16.65 7.81
CA GLN A 97 -35.77 -17.93 8.13
C GLN A 97 -35.33 -18.45 9.49
N ALA A 98 -34.05 -18.31 9.78
CA ALA A 98 -33.48 -18.74 11.06
C ALA A 98 -34.13 -18.00 12.22
N HIS A 99 -34.09 -16.68 12.17
CA HIS A 99 -34.64 -15.85 13.24
C HIS A 99 -36.12 -16.13 13.48
N SER A 100 -36.82 -16.55 12.43
CA SER A 100 -38.25 -16.76 12.51
C SER A 100 -38.59 -18.19 12.94
N GLU A 101 -37.59 -19.06 12.92
CA GLU A 101 -37.77 -20.46 13.32
C GLU A 101 -37.81 -20.61 14.85
N LYS A 102 -38.81 -21.33 15.34
CA LYS A 102 -39.02 -21.49 16.78
C LYS A 102 -38.22 -22.65 17.36
N ASP A 103 -38.07 -23.71 16.57
CA ASP A 103 -37.31 -24.88 17.01
C ASP A 103 -35.81 -24.60 16.98
N PRO A 104 -35.15 -24.69 18.15
CA PRO A 104 -33.72 -24.43 18.32
C PRO A 104 -32.83 -25.16 17.31
N LEU A 105 -33.07 -26.45 17.11
CA LEU A 105 -32.28 -27.25 16.20
C LEU A 105 -32.41 -26.78 14.76
N LYS A 106 -33.63 -26.54 14.32
CA LYS A 106 -33.87 -26.07 12.95
C LYS A 106 -33.33 -24.65 12.76
N ARG A 107 -33.36 -23.86 13.82
CA ARG A 107 -32.81 -22.52 13.76
C ARG A 107 -31.30 -22.57 13.52
N PHE A 108 -30.63 -23.52 14.17
CA PHE A 108 -29.20 -23.71 13.99
C PHE A 108 -28.87 -24.10 12.56
N LEU A 109 -29.69 -24.98 11.98
CA LEU A 109 -29.47 -25.44 10.62
C LEU A 109 -29.63 -24.29 9.61
N TYR A 110 -30.59 -23.40 9.87
CA TYR A 110 -30.82 -22.27 8.98
C TYR A 110 -29.69 -21.25 9.09
N VAL A 111 -29.11 -21.13 10.29
CA VAL A 111 -27.93 -20.29 10.47
C VAL A 111 -26.76 -20.88 9.70
N MET A 112 -26.60 -22.19 9.80
CA MET A 112 -25.53 -22.90 9.10
C MET A 112 -25.72 -22.80 7.60
N LYS A 113 -26.99 -22.79 7.18
CA LYS A 113 -27.32 -22.66 5.77
C LYS A 113 -26.94 -21.27 5.25
N TRP A 114 -27.31 -20.24 6.01
CA TRP A 114 -26.99 -18.86 5.67
C TRP A 114 -25.48 -18.63 5.52
N TYR A 115 -24.71 -19.21 6.41
CA TYR A 115 -23.26 -18.99 6.41
C TYR A 115 -22.55 -19.74 5.29
N LEU A 116 -22.96 -20.99 5.05
CA LEU A 116 -22.33 -21.81 4.02
C LEU A 116 -22.67 -21.33 2.61
N ALA A 117 -23.81 -20.66 2.47
CA ALA A 117 -24.32 -20.25 1.17
C ALA A 117 -23.44 -19.20 0.49
N GLY A 118 -22.78 -18.37 1.29
CA GLY A 118 -22.05 -17.23 0.75
C GLY A 118 -20.69 -17.50 0.14
N TRP A 119 -20.13 -18.68 0.39
CA TRP A 119 -18.76 -18.96 0.00
C TRP A 119 -18.55 -19.19 -1.50
N HIS A 120 -19.61 -19.63 -2.19
CA HIS A 120 -19.51 -19.85 -3.62
C HIS A 120 -19.70 -18.53 -4.39
N ILE A 121 -20.18 -17.50 -3.70
CA ILE A 121 -20.28 -16.18 -4.31
C ILE A 121 -18.88 -15.58 -4.36
N ALA A 122 -18.18 -15.84 -5.44
CA ALA A 122 -16.78 -15.47 -5.56
C ALA A 122 -16.37 -15.49 -7.03
N PRO A 123 -15.25 -14.83 -7.37
CA PRO A 123 -14.78 -14.90 -8.76
C PRO A 123 -14.46 -16.34 -9.17
N LYS A 124 -14.78 -16.69 -10.42
CA LYS A 124 -14.54 -18.03 -10.92
C LYS A 124 -13.08 -18.20 -11.35
N ALA A 125 -12.36 -17.09 -11.47
CA ALA A 125 -10.94 -17.14 -11.79
C ALA A 125 -10.12 -17.05 -10.51
N VAL A 126 -8.87 -17.52 -10.57
CA VAL A 126 -7.99 -17.44 -9.42
C VAL A 126 -7.57 -15.99 -9.18
N LYS A 127 -8.41 -15.24 -8.47
CA LYS A 127 -8.15 -13.84 -8.20
C LYS A 127 -8.51 -13.46 -6.77
N LYS A 128 -7.93 -12.37 -6.29
CA LYS A 128 -8.11 -11.95 -4.90
C LYS A 128 -8.57 -10.50 -4.81
N PRO A 129 -9.22 -10.14 -3.69
CA PRO A 129 -9.60 -8.74 -3.47
C PRO A 129 -8.39 -7.83 -3.33
N LEU A 130 -8.59 -6.54 -3.53
CA LEU A 130 -7.54 -5.55 -3.27
C LEU A 130 -7.25 -5.51 -1.77
N ASN A 131 -5.99 -5.25 -1.44
CA ASN A 131 -5.60 -5.05 -0.04
C ASN A 131 -5.96 -3.63 0.38
N PRO A 132 -6.97 -3.49 1.25
CA PRO A 132 -7.48 -2.17 1.63
C PRO A 132 -6.43 -1.31 2.33
N VAL A 133 -6.43 -0.01 2.04
CA VAL A 133 -5.50 0.90 2.69
C VAL A 133 -5.90 1.11 4.14
N LEU A 134 -4.95 1.55 4.97
CA LEU A 134 -5.23 1.79 6.38
C LEU A 134 -6.27 2.89 6.55
N GLY A 135 -7.39 2.54 7.18
CA GLY A 135 -8.45 3.51 7.42
C GLY A 135 -9.47 3.55 6.31
N GLU A 136 -9.31 2.68 5.32
CA GLU A 136 -10.29 2.54 4.25
C GLU A 136 -11.61 2.07 4.82
N TYR A 137 -12.71 2.59 4.28
CA TYR A 137 -14.03 2.20 4.76
C TYR A 137 -14.96 1.88 3.60
N PHE A 138 -15.97 1.06 3.89
CA PHE A 138 -16.96 0.69 2.89
C PHE A 138 -18.31 0.48 3.55
N THR A 139 -19.34 1.09 2.96
CA THR A 139 -20.69 0.92 3.44
C THR A 139 -21.60 0.47 2.31
N ALA A 140 -22.62 -0.32 2.65
CA ALA A 140 -23.61 -0.75 1.68
C ALA A 140 -24.90 -1.07 2.40
N TYR A 141 -25.99 -1.20 1.65
CA TYR A 141 -27.26 -1.57 2.25
C TYR A 141 -27.99 -2.57 1.36
N TRP A 142 -29.01 -3.20 1.91
CA TRP A 142 -29.84 -4.13 1.17
C TRP A 142 -31.30 -3.71 1.27
N ASP A 143 -32.01 -3.77 0.14
CA ASP A 143 -33.46 -3.65 0.17
C ASP A 143 -34.05 -5.06 0.21
N LEU A 144 -34.42 -5.49 1.41
CA LEU A 144 -34.91 -6.85 1.60
C LEU A 144 -36.32 -7.02 1.04
N PRO A 145 -36.64 -8.22 0.53
CA PRO A 145 -37.94 -8.51 -0.08
C PRO A 145 -39.11 -8.39 0.88
N ASN A 146 -38.85 -8.39 2.18
CA ASN A 146 -39.90 -8.15 3.17
C ASN A 146 -40.03 -6.67 3.47
N LYS A 147 -39.45 -5.86 2.58
CA LYS A 147 -39.50 -4.40 2.65
C LYS A 147 -38.84 -3.86 3.93
N GLN A 148 -37.76 -4.51 4.34
CA GLN A 148 -36.89 -4.00 5.40
C GLN A 148 -35.52 -3.69 4.81
N GLN A 149 -34.65 -3.09 5.61
CA GLN A 149 -33.30 -2.79 5.15
C GLN A 149 -32.22 -3.47 5.99
N ALA A 150 -31.13 -3.85 5.34
CA ALA A 150 -29.93 -4.33 6.01
C ALA A 150 -28.81 -3.32 5.83
N TYR A 151 -28.09 -3.01 6.91
CA TYR A 151 -27.03 -2.00 6.86
C TYR A 151 -25.65 -2.61 7.11
N TYR A 152 -24.67 -2.19 6.33
CA TYR A 152 -23.31 -2.71 6.43
C TYR A 152 -22.29 -1.59 6.53
N ILE A 153 -21.39 -1.72 7.51
CA ILE A 153 -20.32 -0.75 7.73
C ILE A 153 -19.01 -1.48 7.99
N SER A 154 -17.94 -1.09 7.31
CA SER A 154 -16.64 -1.74 7.52
C SER A 154 -15.47 -0.77 7.43
N GLU A 155 -14.35 -1.16 8.03
CA GLU A 155 -13.15 -0.33 8.02
C GLU A 155 -11.88 -1.20 8.12
N GLN A 156 -10.85 -0.83 7.37
CA GLN A 156 -9.56 -1.49 7.48
C GLN A 156 -8.84 -0.94 8.71
N THR A 157 -8.79 -1.75 9.77
CA THR A 157 -8.30 -1.30 11.05
C THR A 157 -6.78 -1.44 11.18
N SER A 158 -6.17 -2.21 10.28
CA SER A 158 -4.74 -2.47 10.37
C SER A 158 -4.16 -2.84 8.99
N HIS A 159 -2.92 -2.45 8.75
CA HIS A 159 -2.28 -2.71 7.46
C HIS A 159 -1.09 -3.65 7.61
N HIS A 160 -0.28 -3.41 8.64
CA HIS A 160 0.81 -4.31 9.00
C HIS A 160 0.61 -4.82 10.42
N PRO A 161 -0.07 -5.96 10.59
CA PRO A 161 -0.62 -6.85 9.56
C PRO A 161 -2.01 -6.41 9.09
N PRO A 162 -2.48 -6.93 7.95
CA PRO A 162 -3.78 -6.50 7.44
C PRO A 162 -4.93 -7.09 8.24
N GLU A 163 -5.94 -6.28 8.51
CA GLU A 163 -7.08 -6.69 9.32
C GLU A 163 -8.21 -5.68 9.15
N CYS A 164 -9.44 -6.18 9.08
CA CYS A 164 -10.58 -5.28 8.98
C CYS A 164 -11.74 -5.75 9.85
N ALA A 165 -12.64 -4.82 10.14
CA ALA A 165 -13.81 -5.10 10.96
C ALA A 165 -15.06 -4.71 10.18
N TYR A 166 -16.15 -5.42 10.42
CA TYR A 166 -17.40 -5.10 9.73
C TYR A 166 -18.61 -5.23 10.65
N PHE A 167 -19.61 -4.41 10.38
CA PHE A 167 -20.83 -4.36 11.16
C PHE A 167 -22.02 -4.55 10.22
N TYR A 168 -22.94 -5.41 10.62
CA TYR A 168 -24.08 -5.76 9.78
C TYR A 168 -25.32 -5.90 10.65
N MET A 169 -26.42 -5.28 10.25
CA MET A 169 -27.61 -5.29 11.09
C MET A 169 -28.91 -5.16 10.29
N ILE A 170 -29.91 -5.90 10.71
CA ILE A 170 -31.28 -5.72 10.24
C ILE A 170 -32.16 -5.45 11.46
N PRO A 171 -32.20 -4.20 11.92
CA PRO A 171 -32.86 -3.79 13.16
C PRO A 171 -34.33 -4.22 13.26
N GLU A 172 -35.06 -4.15 12.15
CA GLU A 172 -36.48 -4.47 12.17
C GLU A 172 -36.74 -5.97 12.28
N SER A 173 -35.67 -6.76 12.25
CA SER A 173 -35.78 -8.21 12.44
C SER A 173 -34.91 -8.69 13.60
N SER A 174 -34.40 -7.73 14.37
CA SER A 174 -33.54 -8.02 15.54
C SER A 174 -32.35 -8.92 15.21
N ILE A 175 -31.68 -8.62 14.09
CA ILE A 175 -30.54 -9.41 13.66
C ILE A 175 -29.26 -8.57 13.61
N ARG A 176 -28.24 -9.01 14.35
CA ARG A 176 -26.98 -8.28 14.37
C ARG A 176 -25.78 -9.19 14.09
N VAL A 177 -24.89 -8.72 13.23
CA VAL A 177 -23.68 -9.46 12.89
C VAL A 177 -22.44 -8.58 13.07
N ASP A 178 -21.48 -9.07 13.84
CA ASP A 178 -20.19 -8.40 13.98
C ASP A 178 -19.09 -9.37 13.58
N GLY A 179 -18.06 -8.87 12.92
CA GLY A 179 -16.96 -9.74 12.51
C GLY A 179 -15.66 -9.06 12.19
N VAL A 180 -14.61 -9.86 12.08
CA VAL A 180 -13.30 -9.39 11.66
C VAL A 180 -12.69 -10.36 10.66
N VAL A 181 -11.90 -9.84 9.73
CA VAL A 181 -11.18 -10.68 8.79
C VAL A 181 -9.68 -10.49 9.01
N ILE A 182 -8.98 -11.58 9.34
CA ILE A 182 -7.56 -11.53 9.62
C ILE A 182 -6.80 -12.49 8.72
N PRO A 183 -6.41 -12.03 7.52
CA PRO A 183 -5.66 -12.88 6.59
C PRO A 183 -4.17 -12.94 6.92
N LYS A 184 -3.63 -14.15 7.05
CA LYS A 184 -2.20 -14.33 7.24
C LYS A 184 -1.64 -15.17 6.10
N SER A 185 -1.12 -14.47 5.09
CA SER A 185 -0.68 -15.09 3.85
C SER A 185 0.76 -15.59 3.92
N ARG A 186 0.97 -16.81 3.44
CA ARG A 186 2.28 -17.43 3.45
C ARG A 186 2.58 -18.17 2.16
N PHE A 187 3.84 -18.07 1.72
CA PHE A 187 4.33 -18.90 0.62
C PHE A 187 4.86 -20.20 1.20
N LEU A 188 4.46 -21.32 0.61
CA LEU A 188 4.82 -22.63 1.14
C LEU A 188 5.46 -23.54 0.09
N GLY A 189 5.70 -23.00 -1.10
CA GLY A 189 6.24 -23.79 -2.19
C GLY A 189 5.25 -23.87 -3.34
N ASN A 190 4.76 -25.07 -3.62
CA ASN A 190 3.77 -25.25 -4.67
C ASN A 190 2.41 -24.75 -4.21
N SER A 191 2.30 -24.51 -2.91
CA SER A 191 1.08 -23.97 -2.34
C SER A 191 1.34 -22.63 -1.66
N SER A 192 0.39 -21.71 -1.78
CA SER A 192 0.37 -20.52 -0.96
C SER A 192 -0.96 -20.49 -0.22
N ALA A 193 -0.95 -20.02 1.02
CA ALA A 193 -2.14 -20.08 1.84
C ALA A 193 -2.45 -18.76 2.51
N ALA A 194 -3.74 -18.47 2.63
CA ALA A 194 -4.20 -17.36 3.46
C ALA A 194 -4.93 -17.95 4.66
N MET A 195 -4.23 -18.03 5.79
CA MET A 195 -4.84 -18.56 7.02
C MET A 195 -5.78 -17.50 7.59
N MET A 196 -7.04 -17.89 7.80
CA MET A 196 -8.08 -16.94 8.19
C MET A 196 -8.41 -17.04 9.67
N ASP A 197 -7.82 -16.14 10.47
CA ASP A 197 -8.04 -16.16 11.91
C ASP A 197 -9.19 -15.27 12.34
N GLY A 198 -9.94 -14.75 11.38
CA GLY A 198 -11.10 -13.93 11.68
C GLY A 198 -12.29 -14.76 12.12
N SER A 199 -13.35 -14.08 12.58
CA SER A 199 -14.56 -14.77 12.98
C SER A 199 -15.76 -13.84 12.94
N THR A 200 -16.96 -14.42 13.05
CA THR A 200 -18.19 -13.66 12.94
C THR A 200 -19.11 -13.98 14.13
N VAL A 201 -19.70 -12.94 14.70
CA VAL A 201 -20.64 -13.13 15.81
C VAL A 201 -22.06 -12.71 15.40
N LEU A 202 -22.95 -13.71 15.33
CA LEU A 202 -24.35 -13.47 14.99
C LEU A 202 -25.20 -13.44 16.25
N GLN A 203 -26.04 -12.41 16.38
CA GLN A 203 -26.94 -12.32 17.53
C GLN A 203 -28.39 -12.13 17.11
N PHE A 204 -29.29 -12.79 17.83
CA PHE A 204 -30.72 -12.55 17.70
C PHE A 204 -31.16 -11.80 18.96
N LEU A 205 -31.31 -10.50 18.83
CA LEU A 205 -31.50 -9.61 19.98
C LEU A 205 -32.74 -9.94 20.82
N ASP A 206 -33.78 -10.46 20.17
CA ASP A 206 -35.03 -10.73 20.88
C ASP A 206 -35.22 -12.21 21.23
N ILE A 207 -34.17 -13.00 21.04
CA ILE A 207 -34.20 -14.40 21.44
C ILE A 207 -33.24 -14.61 22.60
N LYS A 208 -33.77 -14.65 23.81
CA LYS A 208 -32.95 -14.68 25.02
C LYS A 208 -32.49 -16.09 25.38
N ASP A 209 -31.31 -16.20 25.96
CA ASP A 209 -30.80 -17.50 26.42
C ASP A 209 -30.99 -17.66 27.92
N GLY A 210 -30.29 -18.64 28.49
CA GLY A 210 -30.37 -18.91 29.92
C GLY A 210 -29.75 -17.83 30.79
N ASN A 211 -29.20 -16.80 30.14
CA ASN A 211 -28.59 -15.67 30.85
C ASN A 211 -29.35 -14.37 30.63
N GLY A 212 -30.37 -14.42 29.78
CA GLY A 212 -31.11 -13.23 29.43
C GLY A 212 -30.43 -12.44 28.32
N LYS A 213 -29.32 -12.98 27.82
CA LYS A 213 -28.58 -12.38 26.74
C LYS A 213 -29.07 -12.89 25.39
N PRO A 214 -28.96 -12.07 24.33
CA PRO A 214 -29.36 -12.48 22.98
C PRO A 214 -28.65 -13.75 22.53
N GLU A 215 -29.38 -14.63 21.85
CA GLU A 215 -28.84 -15.88 21.36
C GLU A 215 -27.69 -15.64 20.38
N LYS A 216 -26.50 -16.13 20.73
CA LYS A 216 -25.29 -15.79 20.00
C LYS A 216 -24.67 -16.98 19.26
N TYR A 217 -24.30 -16.74 18.00
CA TYR A 217 -23.58 -17.73 17.21
C TYR A 217 -22.18 -17.22 16.89
N VAL A 218 -21.18 -18.07 17.10
CA VAL A 218 -19.82 -17.73 16.73
C VAL A 218 -19.38 -18.60 15.56
N LEU A 219 -18.98 -17.95 14.46
CA LEU A 219 -18.65 -18.66 13.24
C LEU A 219 -17.26 -18.32 12.77
N THR A 220 -16.39 -19.33 12.71
CA THR A 220 -15.02 -19.13 12.26
C THR A 220 -14.93 -19.33 10.74
N GLN A 221 -13.73 -19.11 10.20
CA GLN A 221 -13.53 -19.17 8.77
C GLN A 221 -12.50 -20.25 8.40
N PRO A 222 -12.73 -20.94 7.27
CA PRO A 222 -11.75 -21.92 6.79
C PRO A 222 -10.59 -21.20 6.12
N ASN A 223 -9.49 -21.91 5.87
CA ASN A 223 -8.35 -21.31 5.20
C ASN A 223 -8.50 -21.35 3.68
N VAL A 224 -7.83 -20.43 3.00
CA VAL A 224 -7.89 -20.36 1.55
C VAL A 224 -6.54 -20.69 0.92
N TYR A 225 -6.47 -21.83 0.25
CA TYR A 225 -5.24 -22.28 -0.38
C TYR A 225 -5.27 -22.04 -1.88
N VAL A 226 -4.09 -21.83 -2.48
CA VAL A 226 -3.96 -21.84 -3.92
C VAL A 226 -2.89 -22.85 -4.33
N ARG A 227 -3.28 -23.80 -5.17
CA ARG A 227 -2.40 -24.91 -5.56
C ARG A 227 -1.95 -24.80 -7.01
N GLY A 228 -0.93 -25.58 -7.36
CA GLY A 228 -0.47 -25.69 -8.73
C GLY A 228 0.07 -24.40 -9.32
N ILE A 229 0.72 -23.60 -8.47
CA ILE A 229 1.26 -22.33 -8.90
C ILE A 229 2.61 -22.52 -9.61
N LEU A 230 3.40 -23.47 -9.12
CA LEU A 230 4.66 -23.80 -9.77
C LEU A 230 4.41 -24.59 -11.04
N PHE A 231 4.09 -25.87 -10.88
CA PHE A 231 3.85 -26.76 -12.01
C PHE A 231 2.36 -27.04 -12.20
N GLY A 232 1.83 -26.64 -13.35
CA GLY A 232 0.44 -26.88 -13.67
C GLY A 232 -0.40 -25.62 -13.66
N LYS A 233 -1.71 -25.79 -13.48
CA LYS A 233 -2.63 -24.67 -13.43
C LYS A 233 -2.92 -24.28 -11.99
N MET A 234 -3.35 -23.03 -11.80
CA MET A 234 -3.71 -22.55 -10.46
C MET A 234 -5.15 -22.88 -10.13
N ARG A 235 -5.39 -23.30 -8.89
CA ARG A 235 -6.75 -23.53 -8.43
C ARG A 235 -6.87 -23.15 -6.96
N ILE A 236 -8.00 -22.53 -6.61
CA ILE A 236 -8.26 -22.12 -5.24
C ILE A 236 -9.01 -23.20 -4.46
N GLU A 237 -8.49 -23.54 -3.28
CA GLU A 237 -9.09 -24.56 -2.43
C GLU A 237 -9.42 -23.99 -1.05
N LEU A 238 -10.55 -24.42 -0.49
CA LEU A 238 -10.85 -24.15 0.90
C LEU A 238 -10.44 -25.36 1.73
N GLY A 239 -9.79 -25.13 2.86
CA GLY A 239 -9.30 -26.23 3.66
C GLY A 239 -9.49 -26.08 5.15
N ASP A 240 -9.14 -27.14 5.88
CA ASP A 240 -9.16 -27.16 7.34
C ASP A 240 -10.57 -27.00 7.91
N HIS A 241 -10.67 -26.71 9.21
CA HIS A 241 -11.95 -26.80 9.91
C HIS A 241 -12.66 -25.46 10.15
N MET A 242 -13.98 -25.48 9.94
CA MET A 242 -14.85 -24.36 10.26
C MET A 242 -15.74 -24.72 11.44
N ILE A 243 -15.84 -23.82 12.42
CA ILE A 243 -16.63 -24.08 13.61
C ILE A 243 -17.82 -23.13 13.74
N ILE A 244 -19.00 -23.68 13.97
CA ILE A 244 -20.18 -22.89 14.26
C ILE A 244 -20.76 -23.33 15.60
N LYS A 245 -20.80 -22.42 16.57
CA LYS A 245 -21.25 -22.78 17.91
C LYS A 245 -22.32 -21.83 18.45
N SER A 246 -23.37 -22.44 19.01
CA SER A 246 -24.49 -21.72 19.57
C SER A 246 -24.60 -22.06 21.06
N PRO A 247 -25.56 -21.45 21.79
CA PRO A 247 -25.69 -21.86 23.20
C PRO A 247 -26.05 -23.34 23.39
N ASN A 248 -26.70 -23.95 22.41
CA ASN A 248 -27.17 -25.33 22.57
C ASN A 248 -26.50 -26.31 21.61
N PHE A 249 -26.04 -25.83 20.47
CA PHE A 249 -25.45 -26.72 19.46
C PHE A 249 -24.07 -26.28 19.02
N GLN A 250 -23.38 -27.18 18.34
CA GLN A 250 -22.01 -26.96 17.92
C GLN A 250 -21.74 -27.79 16.68
N ALA A 251 -21.06 -27.19 15.70
CA ALA A 251 -20.78 -27.89 14.45
C ALA A 251 -19.34 -27.68 14.02
N ASP A 252 -18.58 -28.78 13.94
CA ASP A 252 -17.22 -28.75 13.43
C ASP A 252 -17.21 -29.27 11.98
N ILE A 253 -17.17 -28.35 11.03
CA ILE A 253 -17.19 -28.72 9.62
C ILE A 253 -15.77 -28.71 9.05
N GLU A 254 -15.40 -29.79 8.38
CA GLU A 254 -14.09 -29.87 7.75
C GLU A 254 -14.20 -29.66 6.24
N PHE A 255 -13.42 -28.71 5.73
CA PHE A 255 -13.30 -28.52 4.29
C PHE A 255 -12.17 -29.40 3.79
N LYS A 256 -12.52 -30.58 3.29
CA LYS A 256 -11.52 -31.59 2.92
C LYS A 256 -10.66 -31.14 1.74
N THR A 257 -9.39 -31.52 1.80
CA THR A 257 -8.40 -31.13 0.79
C THR A 257 -8.16 -32.25 -0.20
N LYS A 258 -8.13 -31.91 -1.48
CA LYS A 258 -7.86 -32.90 -2.53
C LYS A 258 -6.40 -33.34 -2.53
N GLY A 259 -6.18 -34.64 -2.73
CA GLY A 259 -4.84 -35.19 -2.79
C GLY A 259 -4.36 -35.43 -4.22
N TYR A 260 -3.14 -35.97 -4.35
CA TYR A 260 -2.55 -36.23 -5.66
C TYR A 260 -3.20 -37.44 -6.33
N VAL A 261 -3.26 -38.54 -5.59
CA VAL A 261 -3.93 -39.76 -6.06
C VAL A 261 -5.46 -39.62 -6.03
N PHE A 262 -5.91 -38.39 -5.75
CA PHE A 262 -7.31 -38.01 -5.88
C PHE A 262 -8.12 -38.67 -4.73
N GLY A 263 -9.39 -38.27 -4.51
CA GLY A 263 -10.10 -37.36 -5.38
C GLY A 263 -10.98 -36.25 -4.85
N THR A 264 -11.57 -35.56 -5.82
CA THR A 264 -12.57 -34.49 -5.64
C THR A 264 -12.05 -33.23 -4.94
N TYR A 265 -12.48 -32.10 -5.48
CA TYR A 265 -12.24 -30.81 -4.87
C TYR A 265 -13.49 -30.42 -4.08
N ASP A 266 -13.33 -29.43 -3.20
CA ASP A 266 -14.46 -28.72 -2.61
C ASP A 266 -15.44 -29.58 -1.79
N ALA A 267 -14.94 -30.63 -1.16
CA ALA A 267 -15.79 -31.48 -0.33
C ALA A 267 -15.79 -31.02 1.13
N ILE A 268 -16.94 -31.18 1.79
CA ILE A 268 -17.05 -30.88 3.21
C ILE A 268 -17.64 -32.04 3.99
N GLU A 269 -17.35 -32.09 5.29
CA GLU A 269 -17.94 -33.09 6.17
C GLU A 269 -17.88 -32.64 7.62
N GLY A 270 -19.00 -32.78 8.32
CA GLY A 270 -19.07 -32.37 9.71
C GLY A 270 -20.33 -32.87 10.38
N THR A 271 -20.43 -32.63 11.68
CA THR A 271 -21.55 -33.13 12.47
C THR A 271 -22.15 -32.01 13.31
N VAL A 272 -23.46 -32.07 13.53
CA VAL A 272 -24.13 -31.15 14.43
C VAL A 272 -24.41 -31.86 15.75
N LYS A 273 -23.91 -31.29 16.85
CA LYS A 273 -24.03 -31.91 18.16
C LYS A 273 -24.53 -30.95 19.23
N ASP A 274 -25.13 -31.49 20.28
CA ASP A 274 -25.40 -30.70 21.47
C ASP A 274 -24.15 -30.78 22.34
N TYR A 275 -24.21 -30.19 23.53
CA TYR A 275 -23.02 -30.19 24.37
C TYR A 275 -23.00 -31.38 25.32
N ASP A 276 -23.91 -32.33 25.12
CA ASP A 276 -23.83 -33.62 25.77
C ASP A 276 -23.09 -34.60 24.87
N GLY A 277 -22.71 -34.11 23.69
CA GLY A 277 -21.96 -34.91 22.75
C GLY A 277 -22.81 -35.78 21.85
N ASN A 278 -24.12 -35.54 21.84
CA ASN A 278 -25.02 -36.30 20.99
C ASN A 278 -25.06 -35.74 19.57
N ALA A 279 -24.91 -36.63 18.59
CA ALA A 279 -24.91 -36.23 17.18
C ALA A 279 -26.30 -36.27 16.58
N TYR A 280 -26.68 -35.21 15.88
CA TYR A 280 -28.02 -35.10 15.32
C TYR A 280 -28.00 -35.25 13.79
N TYR A 281 -27.11 -34.52 13.13
CA TYR A 281 -27.02 -34.55 11.67
C TYR A 281 -25.58 -34.63 11.18
N GLU A 282 -25.41 -35.12 9.96
CA GLU A 282 -24.12 -35.05 9.27
C GLU A 282 -24.25 -34.20 8.02
N ILE A 283 -23.31 -33.27 7.84
CA ILE A 283 -23.29 -32.45 6.64
C ILE A 283 -22.29 -33.04 5.64
N SER A 284 -22.67 -33.08 4.37
CA SER A 284 -21.80 -33.61 3.33
C SER A 284 -22.05 -32.88 2.02
N GLY A 285 -21.26 -33.20 1.01
CA GLY A 285 -21.42 -32.60 -0.31
C GLY A 285 -20.31 -31.64 -0.67
N LYS A 286 -20.63 -30.69 -1.53
CA LYS A 286 -19.67 -29.71 -2.00
C LYS A 286 -20.14 -28.28 -1.72
N TRP A 287 -19.25 -27.43 -1.22
CA TRP A 287 -19.63 -26.07 -0.85
C TRP A 287 -19.92 -25.19 -2.06
N ASN A 288 -19.52 -25.65 -3.25
CA ASN A 288 -19.81 -24.91 -4.48
C ASN A 288 -20.80 -25.63 -5.37
N ASP A 289 -21.35 -26.73 -4.87
CA ASP A 289 -22.35 -27.49 -5.63
C ASP A 289 -23.59 -27.73 -4.78
N VAL A 290 -23.75 -28.95 -4.29
CA VAL A 290 -24.91 -29.31 -3.47
C VAL A 290 -24.48 -29.93 -2.15
N MET A 291 -25.02 -29.42 -1.05
CA MET A 291 -24.71 -29.95 0.27
C MET A 291 -25.91 -30.70 0.86
N TYR A 292 -25.64 -31.80 1.55
CA TYR A 292 -26.69 -32.67 2.08
C TYR A 292 -26.65 -32.81 3.60
N LEU A 293 -27.81 -33.09 4.20
CA LEU A 293 -27.90 -33.45 5.61
C LEU A 293 -28.42 -34.87 5.79
N LYS A 294 -27.72 -35.66 6.60
CA LYS A 294 -28.16 -37.01 6.91
C LYS A 294 -28.61 -37.10 8.37
N ASP A 295 -29.89 -37.39 8.57
CA ASP A 295 -30.42 -37.55 9.92
C ASP A 295 -29.87 -38.82 10.55
N LEU A 296 -29.18 -38.66 11.67
CA LEU A 296 -28.47 -39.77 12.29
C LEU A 296 -29.35 -40.65 13.19
N LYS A 297 -30.58 -40.21 13.45
CA LYS A 297 -31.52 -41.04 14.19
C LYS A 297 -32.14 -42.06 13.23
N GLN A 298 -31.92 -41.82 11.94
CA GLN A 298 -32.31 -42.77 10.89
C GLN A 298 -31.06 -43.27 10.18
N PRO A 299 -30.34 -44.23 10.80
CA PRO A 299 -29.03 -44.72 10.34
C PRO A 299 -29.07 -45.38 8.95
N ARG A 300 -30.26 -45.77 8.49
CA ARG A 300 -30.39 -46.45 7.21
C ARG A 300 -30.75 -45.47 6.09
N SER A 301 -31.28 -44.31 6.47
CA SER A 301 -31.71 -43.31 5.49
C SER A 301 -30.52 -42.76 4.71
N SER A 302 -30.82 -42.09 3.60
CA SER A 302 -29.79 -41.47 2.78
C SER A 302 -29.85 -39.95 2.92
N PRO A 303 -28.68 -39.28 2.89
CA PRO A 303 -28.60 -37.83 3.06
C PRO A 303 -29.46 -37.06 2.06
N LYS A 304 -30.32 -36.19 2.57
CA LYS A 304 -31.20 -35.38 1.73
C LYS A 304 -30.61 -34.01 1.46
N VAL A 305 -31.09 -33.35 0.40
CA VAL A 305 -30.58 -32.04 0.00
C VAL A 305 -30.81 -31.00 1.09
N PHE A 306 -29.74 -30.31 1.46
CA PHE A 306 -29.79 -29.29 2.50
C PHE A 306 -29.68 -27.89 1.91
N LEU A 307 -28.79 -27.74 0.93
CA LEU A 307 -28.60 -26.45 0.27
C LEU A 307 -28.09 -26.63 -1.16
N ASP A 308 -28.91 -26.21 -2.13
CA ASP A 308 -28.50 -26.21 -3.52
C ASP A 308 -28.06 -24.81 -3.92
N THR A 309 -26.78 -24.66 -4.25
CA THR A 309 -26.22 -23.35 -4.57
C THR A 309 -26.63 -22.89 -5.95
N HIS A 310 -27.28 -23.78 -6.70
CA HIS A 310 -27.80 -23.41 -8.01
C HIS A 310 -29.26 -23.02 -7.91
N LYS A 311 -29.88 -23.33 -6.77
CA LYS A 311 -31.30 -23.09 -6.59
C LYS A 311 -31.61 -21.62 -6.31
N GLU A 312 -31.38 -21.19 -5.06
CA GLU A 312 -31.74 -19.84 -4.64
C GLU A 312 -30.84 -18.79 -5.29
N SER A 313 -31.31 -17.56 -5.32
CA SER A 313 -30.59 -16.47 -5.96
C SER A 313 -30.05 -15.45 -4.97
N PRO A 314 -28.78 -15.05 -5.13
CA PRO A 314 -28.14 -14.08 -4.25
C PRO A 314 -28.74 -12.68 -4.36
N LEU A 315 -28.66 -11.91 -3.28
CA LEU A 315 -29.13 -10.53 -3.28
C LEU A 315 -27.95 -9.60 -3.05
N ARG A 316 -27.56 -8.88 -4.11
CA ARG A 316 -26.42 -7.97 -4.06
C ARG A 316 -26.71 -6.71 -3.25
N PRO A 317 -25.69 -6.16 -2.59
CA PRO A 317 -25.86 -4.93 -1.81
C PRO A 317 -25.97 -3.69 -2.70
N LYS A 318 -26.68 -2.68 -2.21
CA LYS A 318 -26.76 -1.39 -2.89
C LYS A 318 -25.77 -0.41 -2.26
N VAL A 319 -25.19 0.44 -3.08
CA VAL A 319 -24.21 1.41 -2.60
C VAL A 319 -24.53 2.80 -3.14
N ARG A 320 -24.22 3.83 -2.36
CA ARG A 320 -24.29 5.22 -2.81
C ARG A 320 -23.52 5.41 -4.10
N PRO A 321 -23.97 6.37 -4.95
CA PRO A 321 -23.20 6.72 -6.15
C PRO A 321 -21.86 7.35 -5.78
N LEU A 322 -20.88 7.28 -6.69
CA LEU A 322 -19.54 7.81 -6.42
C LEU A 322 -19.52 9.29 -6.05
N SER A 323 -20.46 10.05 -6.59
CA SER A 323 -20.50 11.49 -6.37
C SER A 323 -20.81 11.85 -4.91
N GLU A 324 -21.11 10.86 -4.09
CA GLU A 324 -21.44 11.08 -2.69
C GLU A 324 -20.40 10.45 -1.76
N GLN A 325 -19.42 9.76 -2.33
CA GLN A 325 -18.47 9.00 -1.54
C GLN A 325 -17.23 9.79 -1.15
N GLY A 326 -16.53 9.31 -0.13
CA GLY A 326 -15.36 9.99 0.38
C GLY A 326 -14.08 9.56 -0.33
N GLU A 327 -13.01 10.31 -0.12
CA GLU A 327 -11.74 10.09 -0.79
C GLU A 327 -11.20 8.67 -0.58
N TYR A 328 -11.39 8.13 0.61
CA TYR A 328 -10.87 6.80 0.94
C TYR A 328 -11.99 5.78 1.13
N GLU A 329 -13.14 6.04 0.55
CA GLU A 329 -14.21 5.05 0.47
C GLU A 329 -13.85 4.08 -0.66
N SER A 330 -13.95 2.78 -0.39
CA SER A 330 -13.41 1.72 -1.24
C SER A 330 -13.57 1.91 -2.75
N ARG A 331 -14.81 1.96 -3.23
CA ARG A 331 -15.07 1.98 -4.67
C ARG A 331 -14.51 3.23 -5.35
N LYS A 332 -14.66 4.38 -4.71
CA LYS A 332 -14.14 5.63 -5.26
C LYS A 332 -12.61 5.62 -5.26
N LEU A 333 -12.02 5.26 -4.12
CA LEU A 333 -10.58 5.24 -3.97
C LEU A 333 -9.90 4.36 -5.02
N TRP A 334 -10.49 3.21 -5.31
CA TRP A 334 -9.91 2.24 -6.22
C TRP A 334 -10.49 2.34 -7.64
N LYS A 335 -11.29 3.37 -7.88
CA LYS A 335 -12.01 3.51 -9.16
C LYS A 335 -11.11 3.40 -10.37
N LYS A 336 -9.99 4.12 -10.38
CA LYS A 336 -9.07 4.09 -11.51
C LYS A 336 -8.48 2.70 -11.71
N VAL A 337 -8.25 1.99 -10.60
CA VAL A 337 -7.67 0.66 -10.67
C VAL A 337 -8.65 -0.37 -11.22
N THR A 338 -9.89 -0.32 -10.73
CA THR A 338 -10.92 -1.26 -11.18
C THR A 338 -11.35 -0.97 -12.62
N ASP A 339 -11.34 0.29 -13.01
CA ASP A 339 -11.66 0.68 -14.38
C ASP A 339 -10.66 0.05 -15.36
N ALA A 340 -9.38 0.11 -15.01
CA ALA A 340 -8.33 -0.45 -15.84
C ALA A 340 -8.44 -1.97 -15.89
N LEU A 341 -8.80 -2.58 -14.77
CA LEU A 341 -8.97 -4.03 -14.70
C LEU A 341 -10.15 -4.48 -15.56
N ALA A 342 -11.20 -3.67 -15.56
CA ALA A 342 -12.43 -3.98 -16.29
C ALA A 342 -12.21 -4.06 -17.80
N VAL A 343 -11.12 -3.43 -18.26
CA VAL A 343 -10.76 -3.47 -19.68
C VAL A 343 -9.41 -4.17 -19.88
N ARG A 344 -8.92 -4.79 -18.80
CA ARG A 344 -7.67 -5.54 -18.81
C ARG A 344 -6.46 -4.72 -19.26
N ASN A 345 -6.45 -3.45 -18.88
CA ASN A 345 -5.28 -2.60 -19.10
C ASN A 345 -4.42 -2.61 -17.84
N HIS A 346 -3.51 -3.57 -17.75
CA HIS A 346 -2.69 -3.76 -16.56
C HIS A 346 -1.55 -2.75 -16.36
N PRO A 347 -0.92 -2.26 -17.45
CA PRO A 347 0.06 -1.20 -17.20
C PRO A 347 -0.55 0.01 -16.48
N VAL A 348 -1.77 0.37 -16.85
CA VAL A 348 -2.49 1.46 -16.21
C VAL A 348 -2.95 1.06 -14.82
N ALA A 349 -3.42 -0.18 -14.68
CA ALA A 349 -3.90 -0.68 -13.40
C ALA A 349 -2.78 -0.70 -12.36
N THR A 350 -1.62 -1.21 -12.77
CA THR A 350 -0.46 -1.28 -11.88
C THR A 350 0.01 0.12 -11.50
N GLU A 351 -0.10 1.06 -12.44
CA GLU A 351 0.31 2.43 -12.20
C GLU A 351 -0.59 3.11 -11.17
N GLU A 352 -1.90 3.04 -11.39
CA GLU A 352 -2.87 3.62 -10.47
C GLU A 352 -2.80 2.97 -9.09
N LYS A 353 -2.53 1.67 -9.06
CA LYS A 353 -2.37 0.95 -7.81
C LYS A 353 -1.14 1.44 -7.06
N PHE A 354 -0.05 1.62 -7.78
CA PHE A 354 1.21 2.09 -7.19
C PHE A 354 1.06 3.47 -6.55
N GLN A 355 0.39 4.37 -7.24
CA GLN A 355 0.16 5.72 -6.73
C GLN A 355 -0.50 5.67 -5.36
N ILE A 356 -1.53 4.85 -5.23
CA ILE A 356 -2.24 4.69 -3.96
C ILE A 356 -1.34 4.07 -2.90
N GLU A 357 -0.62 3.02 -3.26
CA GLU A 357 0.28 2.35 -2.34
C GLU A 357 1.41 3.27 -1.90
N ASP A 358 1.94 4.06 -2.83
CA ASP A 358 3.04 4.97 -2.54
C ASP A 358 2.61 6.13 -1.64
N HIS A 359 1.39 6.63 -1.83
CA HIS A 359 0.87 7.70 -0.99
C HIS A 359 0.71 7.22 0.45
N GLN A 360 0.23 5.99 0.63
CA GLN A 360 0.04 5.40 1.95
C GLN A 360 1.39 5.21 2.65
N ARG A 361 2.40 4.85 1.87
CA ARG A 361 3.75 4.71 2.39
C ARG A 361 4.24 6.05 2.94
N GLN A 362 3.95 7.12 2.19
CA GLN A 362 4.30 8.48 2.60
C GLN A 362 3.63 8.84 3.92
N LEU A 363 2.33 8.58 4.00
CA LEU A 363 1.55 8.87 5.20
C LEU A 363 2.09 8.15 6.42
N ALA A 364 2.54 6.92 6.21
CA ALA A 364 3.09 6.12 7.31
C ALA A 364 4.39 6.72 7.82
N LYS A 365 5.21 7.26 6.90
CA LYS A 365 6.44 7.92 7.28
C LYS A 365 6.14 9.19 8.08
N LYS A 366 5.11 9.92 7.66
CA LYS A 366 4.76 11.17 8.32
C LYS A 366 4.28 10.93 9.74
N ARG A 367 3.50 9.86 9.94
CA ARG A 367 3.01 9.50 11.27
C ARG A 367 4.15 9.26 12.24
N ILE A 368 5.20 8.58 11.77
CA ILE A 368 6.39 8.33 12.58
C ILE A 368 7.06 9.65 12.96
N GLU A 369 7.21 10.53 11.97
CA GLU A 369 7.86 11.81 12.15
C GLU A 369 7.10 12.71 13.12
N ASP A 370 5.76 12.65 13.05
CA ASP A 370 4.91 13.44 13.92
C ASP A 370 4.69 12.74 15.27
N GLY A 371 5.20 11.51 15.39
CA GLY A 371 5.11 10.77 16.63
C GLY A 371 3.73 10.25 16.97
N VAL A 372 2.90 10.04 15.95
CA VAL A 372 1.53 9.59 16.16
C VAL A 372 1.26 8.22 15.54
N GLU A 373 0.20 7.57 16.00
CA GLU A 373 -0.22 6.29 15.44
C GLU A 373 -1.63 6.41 14.89
N PHE A 374 -1.94 5.56 13.91
CA PHE A 374 -3.28 5.52 13.34
C PHE A 374 -4.31 4.99 14.35
N HIS A 375 -5.50 5.57 14.31
CA HIS A 375 -6.62 5.08 15.10
C HIS A 375 -7.87 4.99 14.24
N PRO A 376 -8.55 3.83 14.25
CA PRO A 376 -9.77 3.60 13.48
C PRO A 376 -10.84 4.66 13.73
N LYS A 377 -11.61 5.00 12.70
CA LYS A 377 -12.64 6.02 12.82
C LYS A 377 -13.97 5.45 13.29
N LEU A 378 -14.19 4.17 13.04
CA LEU A 378 -15.52 3.58 13.23
C LEU A 378 -15.54 2.38 14.19
N PHE A 379 -14.38 1.86 14.53
CA PHE A 379 -14.31 0.66 15.37
C PHE A 379 -13.37 0.83 16.56
N ARG A 380 -13.87 0.52 17.75
CA ARG A 380 -13.06 0.57 18.97
C ARG A 380 -12.31 -0.74 19.19
N ARG A 381 -11.26 -0.68 19.99
CA ARG A 381 -10.49 -1.86 20.35
C ARG A 381 -11.29 -2.71 21.34
N SER A 382 -10.99 -4.00 21.40
CA SER A 382 -11.73 -4.94 22.24
C SER A 382 -11.58 -4.67 23.73
N LYS A 383 -12.63 -4.98 24.48
CA LYS A 383 -12.59 -4.99 25.94
C LYS A 383 -12.39 -6.43 26.40
N PRO A 384 -11.82 -6.62 27.60
CA PRO A 384 -11.55 -7.99 28.10
C PRO A 384 -12.78 -8.89 28.12
N GLY A 385 -12.66 -10.08 27.54
CA GLY A 385 -13.73 -11.06 27.56
C GLY A 385 -14.62 -11.04 26.32
N GLU A 386 -14.35 -10.13 25.40
CA GLU A 386 -15.17 -10.02 24.19
C GLU A 386 -14.70 -10.98 23.11
N ASP A 387 -15.55 -11.23 22.13
CA ASP A 387 -15.29 -12.24 21.11
C ASP A 387 -14.45 -11.73 19.93
N LEU A 388 -14.47 -10.42 19.72
CA LEU A 388 -13.76 -9.85 18.56
C LEU A 388 -12.77 -8.78 18.95
N ASP A 389 -11.73 -8.60 18.12
CA ASP A 389 -10.71 -7.58 18.35
C ASP A 389 -11.28 -6.18 18.22
N TYR A 390 -12.26 -6.03 17.33
CA TYR A 390 -12.87 -4.73 17.08
C TYR A 390 -14.38 -4.81 17.09
N CYS A 391 -15.01 -3.71 17.50
CA CYS A 391 -16.46 -3.62 17.56
C CYS A 391 -16.87 -2.20 17.18
N ILE A 392 -18.03 -2.06 16.55
CA ILE A 392 -18.51 -0.76 16.14
C ILE A 392 -18.63 0.14 17.38
N TYR A 393 -18.19 1.40 17.24
CA TYR A 393 -18.07 2.29 18.39
C TYR A 393 -19.43 2.72 18.90
N LYS A 394 -20.41 2.78 18.01
CA LYS A 394 -21.74 3.24 18.37
C LYS A 394 -22.42 2.25 19.30
N ASN A 395 -22.93 2.75 20.42
CA ASN A 395 -23.69 1.91 21.33
C ASN A 395 -25.11 1.71 20.83
N ILE A 396 -25.45 0.46 20.53
CA ILE A 396 -26.80 0.12 20.09
C ILE A 396 -27.43 -0.84 21.08
N PRO A 397 -28.18 -0.30 22.05
CA PRO A 397 -28.85 -1.07 23.11
C PRO A 397 -29.74 -2.19 22.57
N VAL A 398 -29.64 -3.36 23.19
CA VAL A 398 -30.33 -4.56 22.72
C VAL A 398 -31.84 -4.40 22.58
N ASP A 399 -32.48 -3.92 23.64
CA ASP A 399 -33.95 -3.86 23.67
C ASP A 399 -34.49 -2.48 23.30
N GLU A 400 -33.72 -1.73 22.52
CA GLU A 400 -34.15 -0.42 22.05
C GLU A 400 -35.07 -0.55 20.83
N ASP A 401 -35.96 0.41 20.65
CA ASP A 401 -36.85 0.43 19.49
C ASP A 401 -36.04 0.46 18.18
N PRO A 402 -36.31 -0.49 17.28
CA PRO A 402 -35.67 -0.63 15.97
C PRO A 402 -35.57 0.69 15.19
N GLU A 403 -36.59 1.53 15.25
CA GLU A 403 -36.55 2.82 14.58
C GLU A 403 -35.39 3.67 15.08
N LYS A 404 -35.23 3.71 16.41
CA LYS A 404 -34.14 4.46 17.04
C LYS A 404 -32.79 3.79 16.83
N GLN A 405 -32.80 2.48 16.60
CA GLN A 405 -31.59 1.75 16.28
C GLN A 405 -31.08 2.14 14.90
N ILE A 406 -32.01 2.23 13.95
CA ILE A 406 -31.69 2.66 12.59
C ILE A 406 -31.13 4.08 12.59
N ARG A 407 -31.70 4.94 13.44
CA ARG A 407 -31.19 6.29 13.59
C ARG A 407 -29.74 6.31 14.06
N SER A 408 -29.42 5.45 15.03
CA SER A 408 -28.06 5.38 15.57
C SER A 408 -27.06 4.87 14.55
N ILE A 409 -27.48 3.89 13.74
CA ILE A 409 -26.63 3.33 12.69
C ILE A 409 -26.28 4.40 11.64
N LEU A 410 -27.28 5.17 11.25
CA LEU A 410 -27.11 6.17 10.20
C LEU A 410 -26.24 7.34 10.64
N GLN A 411 -26.06 7.49 11.95
CA GLN A 411 -25.18 8.53 12.50
C GLN A 411 -23.71 8.14 12.39
N ILE A 412 -23.46 6.85 12.22
CA ILE A 412 -22.09 6.34 12.19
C ILE A 412 -21.37 6.76 10.91
N ALA A 413 -22.02 6.54 9.78
CA ALA A 413 -21.41 6.80 8.48
C ALA A 413 -22.50 6.92 7.41
N PRO A 414 -22.20 7.64 6.32
CA PRO A 414 -23.13 7.72 5.20
C PRO A 414 -23.38 6.35 4.56
N ILE A 415 -24.64 5.90 4.56
CA ILE A 415 -24.97 4.61 3.97
C ILE A 415 -26.01 4.75 2.87
N LEU A 416 -27.12 5.40 3.19
CA LEU A 416 -28.21 5.57 2.23
C LEU A 416 -27.96 6.79 1.34
N PRO A 417 -28.45 6.74 0.09
CA PRO A 417 -28.29 7.86 -0.85
C PRO A 417 -28.78 9.17 -0.26
N GLY A 418 -27.96 10.20 -0.35
CA GLY A 418 -28.33 11.51 0.18
C GLY A 418 -27.70 11.82 1.53
N GLN A 419 -27.14 10.80 2.17
CA GLN A 419 -26.49 11.01 3.46
C GLN A 419 -25.22 11.83 3.28
N GLN A 420 -24.93 12.67 4.27
CA GLN A 420 -23.83 13.61 4.20
C GLN A 420 -22.78 13.33 5.27
N PHE A 421 -21.51 13.45 4.89
CA PHE A 421 -20.41 13.33 5.85
C PHE A 421 -20.45 14.47 6.86
N THR A 422 -19.90 14.22 8.05
CA THR A 422 -19.76 15.25 9.06
C THR A 422 -18.34 15.25 9.61
N ASP A 423 -18.01 16.25 10.40
CA ASP A 423 -16.68 16.33 10.99
C ASP A 423 -16.46 15.22 12.00
N LYS A 424 -17.55 14.76 12.62
CA LYS A 424 -17.48 13.71 13.63
C LYS A 424 -16.99 12.39 13.03
N PHE A 425 -17.25 12.19 11.75
CA PHE A 425 -16.90 10.95 11.07
C PHE A 425 -15.39 10.68 11.10
N PHE A 426 -14.59 11.72 10.90
CA PHE A 426 -13.15 11.55 10.78
C PHE A 426 -12.45 11.55 12.14
N ILE A 427 -13.20 11.88 13.19
CA ILE A 427 -12.67 11.78 14.54
C ILE A 427 -12.49 10.31 14.89
N PRO A 428 -11.32 9.97 15.47
CA PRO A 428 -11.05 8.59 15.91
C PRO A 428 -12.17 8.04 16.80
N ALA A 429 -12.41 6.74 16.70
CA ALA A 429 -13.47 6.09 17.47
C ALA A 429 -13.29 6.28 18.97
N PHE A 430 -12.04 6.20 19.44
CA PHE A 430 -11.78 6.26 20.88
C PHE A 430 -12.06 7.64 21.46
N GLU A 431 -11.91 8.68 20.64
CA GLU A 431 -12.28 10.03 21.06
C GLU A 431 -13.80 10.16 21.14
N LYS A 432 -14.49 9.66 20.12
CA LYS A 432 -15.95 9.69 20.10
C LYS A 432 -16.56 8.92 21.27
N ILE A 433 -15.82 7.93 21.75
CA ILE A 433 -16.24 7.14 22.90
C ILE A 433 -15.86 7.85 24.20
N LYS A 434 -14.77 8.61 24.17
CA LYS A 434 -14.41 9.47 25.31
C LYS A 434 -15.53 10.46 25.57
N SER A 435 -16.06 11.02 24.49
CA SER A 435 -17.29 11.80 24.54
C SER A 435 -18.44 10.91 25.00
N GLN A 436 -19.65 11.45 25.01
CA GLN A 436 -20.79 10.76 25.64
C GLN A 436 -20.50 10.56 27.12
N LYS A 437 -20.34 11.67 27.83
CA LYS A 437 -20.02 11.65 29.25
C LYS A 437 -20.24 13.03 29.86
N ILE B 37 12.87 20.66 -14.23
CA ILE B 37 13.64 19.46 -13.91
C ILE B 37 14.46 18.99 -15.11
N ASP B 38 15.72 18.64 -14.86
CA ASP B 38 16.60 18.12 -15.90
C ASP B 38 16.07 16.80 -16.47
N THR B 39 16.19 16.63 -17.78
CA THR B 39 15.69 15.43 -18.45
C THR B 39 16.38 14.15 -17.97
N ASP B 40 17.59 14.28 -17.47
CA ASP B 40 18.33 13.15 -16.94
C ASP B 40 17.65 12.55 -15.72
N ASP B 41 16.85 13.36 -15.03
CA ASP B 41 16.19 12.92 -13.80
C ASP B 41 14.71 12.63 -14.06
N ILE B 42 14.32 12.59 -15.32
CA ILE B 42 12.95 12.29 -15.71
C ILE B 42 12.84 10.92 -16.36
N ASP B 43 12.20 9.98 -15.67
CA ASP B 43 11.96 8.67 -16.25
C ASP B 43 11.00 8.79 -17.42
N GLU B 44 11.42 8.27 -18.57
CA GLU B 44 10.62 8.37 -19.79
C GLU B 44 10.22 6.98 -20.29
N ASP B 45 10.24 6.00 -19.40
CA ASP B 45 9.87 4.64 -19.77
C ASP B 45 8.36 4.42 -19.62
N ASP B 46 7.58 5.19 -20.37
CA ASP B 46 6.14 5.02 -20.42
C ASP B 46 5.78 3.72 -21.12
N GLU B 47 4.48 3.46 -21.28
CA GLU B 47 4.04 2.20 -21.87
C GLU B 47 4.50 2.06 -23.32
N SER B 48 4.54 3.16 -24.05
CA SER B 48 4.99 3.13 -25.44
C SER B 48 6.48 2.77 -25.51
N GLY B 49 7.27 3.39 -24.65
CA GLY B 49 8.70 3.11 -24.60
C GLY B 49 9.00 1.73 -24.08
N HIS B 50 8.24 1.29 -23.07
CA HIS B 50 8.42 -0.03 -22.48
C HIS B 50 8.18 -1.13 -23.51
N ASN B 51 7.29 -0.86 -24.46
CA ASN B 51 7.00 -1.82 -25.53
C ASN B 51 8.16 -1.97 -26.50
N ILE B 52 8.83 -0.87 -26.79
CA ILE B 52 9.99 -0.89 -27.67
C ILE B 52 11.10 -1.75 -27.04
N ILE B 53 11.27 -1.62 -25.74
CA ILE B 53 12.26 -2.40 -25.00
C ILE B 53 11.92 -3.90 -25.07
N LEU B 54 10.67 -4.22 -24.79
CA LEU B 54 10.19 -5.60 -24.81
C LEU B 54 10.31 -6.21 -26.20
N ASN B 55 10.15 -5.36 -27.21
CA ASN B 55 10.23 -5.82 -28.60
C ASN B 55 11.69 -5.93 -29.07
N ILE B 56 12.63 -5.68 -28.16
CA ILE B 56 14.04 -5.90 -28.42
C ILE B 56 14.48 -7.19 -27.74
N ILE B 57 13.94 -7.42 -26.56
CA ILE B 57 14.17 -8.63 -25.78
C ILE B 57 13.75 -9.90 -26.54
N SER B 58 12.65 -9.78 -27.28
CA SER B 58 12.11 -10.92 -28.02
C SER B 58 13.09 -11.50 -29.03
N GLN B 59 14.03 -10.67 -29.50
CA GLN B 59 15.07 -11.15 -30.43
C GLN B 59 16.35 -11.47 -29.70
N LEU B 60 16.28 -11.55 -28.37
CA LEU B 60 17.47 -11.81 -27.57
C LEU B 60 17.38 -13.09 -26.76
N ARG B 61 18.38 -13.95 -26.89
CA ARG B 61 18.53 -15.12 -26.05
C ARG B 61 19.28 -14.72 -24.77
N PRO B 62 18.81 -15.22 -23.61
CA PRO B 62 19.41 -14.92 -22.31
C PRO B 62 20.92 -15.14 -22.27
N GLY B 63 21.68 -14.05 -22.20
CA GLY B 63 23.13 -14.12 -22.17
C GLY B 63 23.74 -13.39 -23.35
N CYS B 64 22.90 -12.78 -24.17
CA CYS B 64 23.33 -12.09 -25.37
C CYS B 64 24.16 -10.84 -25.05
N ASP B 65 25.05 -10.47 -25.97
CA ASP B 65 25.89 -9.30 -25.81
C ASP B 65 25.13 -8.03 -26.18
N LEU B 66 24.77 -7.23 -25.17
CA LEU B 66 23.98 -6.02 -25.39
C LEU B 66 24.77 -4.89 -26.04
N THR B 67 26.09 -5.02 -26.09
CA THR B 67 26.95 -3.99 -26.66
CA THR B 67 26.92 -3.97 -26.65
C THR B 67 26.70 -3.81 -28.16
N ARG B 68 26.43 -4.93 -28.84
CA ARG B 68 26.22 -4.91 -30.28
C ARG B 68 24.77 -4.60 -30.65
N ILE B 69 23.98 -4.22 -29.65
CA ILE B 69 22.56 -3.93 -29.86
C ILE B 69 22.29 -2.44 -29.82
N THR B 70 21.52 -1.93 -30.77
CA THR B 70 21.17 -0.52 -30.78
C THR B 70 19.94 -0.27 -29.90
N LEU B 71 20.14 0.51 -28.84
CA LEU B 71 19.11 0.76 -27.84
C LEU B 71 18.43 2.11 -28.08
N PRO B 72 17.17 2.25 -27.64
CA PRO B 72 16.40 3.49 -27.82
C PRO B 72 17.07 4.70 -27.16
N THR B 73 16.63 5.90 -27.54
CA THR B 73 17.24 7.12 -27.05
C THR B 73 16.64 7.62 -25.74
N PHE B 74 15.48 7.08 -25.35
CA PHE B 74 14.82 7.57 -24.14
C PHE B 74 15.44 6.97 -22.87
N ILE B 75 16.50 6.19 -23.04
CA ILE B 75 17.25 5.66 -21.92
C ILE B 75 18.66 6.25 -21.88
N LEU B 76 18.85 7.32 -22.64
CA LEU B 76 20.16 7.97 -22.70
C LEU B 76 20.20 9.22 -21.83
N GLU B 77 21.37 9.51 -21.28
CA GLU B 77 21.59 10.78 -20.61
C GLU B 77 22.41 11.67 -21.55
N LYS B 78 22.48 12.96 -21.23
CA LYS B 78 23.12 13.92 -22.13
C LYS B 78 24.63 13.96 -21.96
N LYS B 79 25.24 12.82 -21.63
CA LYS B 79 26.69 12.70 -21.49
C LYS B 79 27.23 11.51 -22.27
N SER B 80 28.41 11.70 -22.84
CA SER B 80 29.19 10.58 -23.36
C SER B 80 29.85 9.87 -22.18
N MET B 81 30.15 8.58 -22.34
CA MET B 81 30.83 7.83 -21.29
C MET B 81 32.16 8.48 -20.90
N LEU B 82 32.78 9.15 -21.88
CA LEU B 82 34.00 9.91 -21.64
C LEU B 82 33.82 11.00 -20.60
N GLU B 83 32.65 11.64 -20.59
CA GLU B 83 32.37 12.68 -19.61
C GLU B 83 31.82 12.09 -18.31
N ARG B 84 31.04 11.02 -18.44
CA ARG B 84 30.44 10.36 -17.29
C ARG B 84 31.48 9.97 -16.24
N VAL B 85 32.69 9.64 -16.71
CA VAL B 85 33.78 9.32 -15.81
C VAL B 85 34.12 10.50 -14.90
N THR B 86 34.02 11.73 -15.42
CA THR B 86 34.36 12.91 -14.63
C THR B 86 33.38 13.14 -13.47
N ASN B 87 32.23 12.48 -13.51
CA ASN B 87 31.30 12.51 -12.38
C ASN B 87 31.97 11.99 -11.12
N GLN B 88 32.69 10.88 -11.26
CA GLN B 88 33.31 10.21 -10.13
C GLN B 88 34.48 11.01 -9.54
N LEU B 89 34.84 12.11 -10.19
CA LEU B 89 35.97 12.93 -9.77
C LEU B 89 35.54 14.29 -9.22
N GLN B 90 34.29 14.42 -8.80
CA GLN B 90 33.77 15.71 -8.39
C GLN B 90 33.94 16.00 -6.90
N PHE B 91 34.78 15.22 -6.23
CA PHE B 91 35.10 15.49 -4.84
C PHE B 91 36.60 15.51 -4.60
N PRO B 92 37.32 16.45 -5.24
CA PRO B 92 38.77 16.51 -5.09
C PRO B 92 39.19 16.90 -3.67
N GLU B 93 38.26 17.46 -2.91
CA GLU B 93 38.51 17.88 -1.53
C GLU B 93 39.03 16.71 -0.70
N PHE B 94 38.36 15.56 -0.81
CA PHE B 94 38.77 14.37 -0.07
C PHE B 94 40.13 13.88 -0.53
N LEU B 95 40.38 13.98 -1.83
CA LEU B 95 41.63 13.52 -2.41
C LEU B 95 42.79 14.37 -1.92
N LEU B 96 42.56 15.67 -1.81
CA LEU B 96 43.56 16.60 -1.28
C LEU B 96 43.81 16.35 0.21
N GLN B 97 42.75 16.04 0.96
CA GLN B 97 42.89 15.70 2.37
C GLN B 97 43.76 14.47 2.57
N ALA B 98 43.55 13.47 1.71
CA ALA B 98 44.32 12.25 1.75
C ALA B 98 45.80 12.53 1.58
N HIS B 99 46.12 13.29 0.54
CA HIS B 99 47.51 13.58 0.19
C HIS B 99 48.25 14.32 1.31
N SER B 100 47.51 15.11 2.08
CA SER B 100 48.11 15.88 3.16
C SER B 100 48.17 15.12 4.48
N GLU B 101 47.42 14.03 4.56
CA GLU B 101 47.34 13.24 5.78
C GLU B 101 48.58 12.38 6.00
N LYS B 102 49.26 12.59 7.12
CA LYS B 102 50.49 11.87 7.44
C LYS B 102 50.25 10.45 7.94
N ASP B 103 49.13 10.23 8.61
CA ASP B 103 48.78 8.89 9.10
C ASP B 103 48.34 7.98 7.96
N PRO B 104 49.12 6.92 7.68
CA PRO B 104 48.89 6.02 6.55
C PRO B 104 47.49 5.41 6.54
N LEU B 105 46.98 5.05 7.71
CA LEU B 105 45.66 4.45 7.80
C LEU B 105 44.58 5.47 7.47
N LYS B 106 44.69 6.67 8.05
CA LYS B 106 43.71 7.71 7.79
C LYS B 106 43.77 8.18 6.35
N ARG B 107 44.96 8.15 5.76
CA ARG B 107 45.12 8.51 4.36
C ARG B 107 44.37 7.55 3.45
N PHE B 108 44.45 6.27 3.78
CA PHE B 108 43.74 5.23 3.05
C PHE B 108 42.22 5.48 3.12
N LEU B 109 41.75 5.85 4.30
CA LEU B 109 40.33 6.11 4.53
C LEU B 109 39.84 7.29 3.69
N TYR B 110 40.66 8.33 3.60
CA TYR B 110 40.33 9.51 2.80
C TYR B 110 40.26 9.17 1.31
N VAL B 111 41.21 8.38 0.82
CA VAL B 111 41.20 7.90 -0.56
C VAL B 111 39.92 7.10 -0.81
N MET B 112 39.54 6.29 0.18
CA MET B 112 38.32 5.50 0.11
C MET B 112 37.08 6.40 0.11
N LYS B 113 37.14 7.46 0.91
CA LYS B 113 36.08 8.45 0.97
C LYS B 113 35.92 9.13 -0.39
N TRP B 114 37.04 9.49 -1.00
CA TRP B 114 37.06 10.14 -2.30
C TRP B 114 36.46 9.27 -3.41
N TYR B 115 36.80 7.99 -3.41
CA TYR B 115 36.35 7.09 -4.46
C TYR B 115 34.88 6.71 -4.33
N LEU B 116 34.44 6.48 -3.10
CA LEU B 116 33.05 6.11 -2.84
C LEU B 116 32.09 7.27 -3.09
N ALA B 117 32.56 8.49 -2.85
CA ALA B 117 31.72 9.67 -2.90
C ALA B 117 31.15 9.97 -4.30
N GLY B 118 31.80 9.48 -5.33
CA GLY B 118 31.44 9.84 -6.69
C GLY B 118 30.31 9.07 -7.32
N TRP B 119 29.94 7.93 -6.73
CA TRP B 119 29.01 7.01 -7.37
C TRP B 119 27.56 7.50 -7.36
N HIS B 120 27.19 8.29 -6.36
CA HIS B 120 25.83 8.80 -6.30
C HIS B 120 25.62 9.96 -7.26
N ILE B 121 26.72 10.56 -7.73
CA ILE B 121 26.65 11.57 -8.77
C ILE B 121 26.27 10.93 -10.09
N ALA B 122 24.97 10.82 -10.34
CA ALA B 122 24.45 10.07 -11.47
C ALA B 122 23.03 10.54 -11.81
N PRO B 123 22.54 10.19 -13.02
CA PRO B 123 21.14 10.49 -13.36
C PRO B 123 20.16 9.84 -12.38
N LYS B 124 19.11 10.56 -12.01
CA LYS B 124 18.10 10.03 -11.10
C LYS B 124 17.22 8.98 -11.79
N ALA B 125 17.08 9.12 -13.11
CA ALA B 125 16.30 8.17 -13.90
C ALA B 125 17.18 7.04 -14.42
N VAL B 126 16.55 5.94 -14.84
CA VAL B 126 17.29 4.80 -15.38
C VAL B 126 17.82 5.14 -16.78
N LYS B 127 18.96 5.81 -16.82
CA LYS B 127 19.55 6.23 -18.08
C LYS B 127 21.05 6.00 -18.14
N LYS B 128 21.54 5.61 -19.32
CA LYS B 128 22.94 5.32 -19.53
C LYS B 128 23.61 6.39 -20.39
N PRO B 129 24.94 6.52 -20.29
CA PRO B 129 25.66 7.46 -21.16
C PRO B 129 25.66 7.01 -22.63
N LEU B 130 25.96 7.94 -23.53
CA LEU B 130 26.12 7.60 -24.94
C LEU B 130 27.35 6.73 -25.11
N ASN B 131 27.29 5.79 -26.05
CA ASN B 131 28.43 4.95 -26.39
C ASN B 131 29.40 5.73 -27.26
N PRO B 132 30.58 6.08 -26.71
CA PRO B 132 31.55 6.90 -27.46
C PRO B 132 32.01 6.21 -28.74
N VAL B 133 32.24 7.00 -29.79
CA VAL B 133 32.69 6.45 -31.06
C VAL B 133 34.20 6.22 -31.01
N LEU B 134 34.68 5.37 -31.90
CA LEU B 134 36.11 5.06 -31.94
C LEU B 134 36.93 6.32 -32.20
N GLY B 135 37.76 6.68 -31.23
CA GLY B 135 38.62 7.84 -31.38
C GLY B 135 38.05 9.10 -30.77
N GLU B 136 36.83 9.02 -30.24
CA GLU B 136 36.22 10.15 -29.55
C GLU B 136 37.08 10.54 -28.36
N TYR B 137 37.18 11.83 -28.09
CA TYR B 137 37.96 12.32 -26.97
C TYR B 137 37.19 13.37 -26.18
N PHE B 138 37.61 13.60 -24.94
CA PHE B 138 36.97 14.58 -24.06
C PHE B 138 38.00 15.13 -23.09
N THR B 139 38.09 16.46 -23.03
CA THR B 139 38.98 17.10 -22.09
C THR B 139 38.20 18.06 -21.19
N ALA B 140 38.65 18.19 -19.95
CA ALA B 140 38.00 19.08 -18.99
C ALA B 140 39.00 19.52 -17.94
N TYR B 141 38.61 20.46 -17.10
CA TYR B 141 39.48 20.93 -16.03
C TYR B 141 38.67 21.43 -14.84
N TRP B 142 39.32 21.50 -13.69
CA TRP B 142 38.70 22.01 -12.47
C TRP B 142 39.47 23.22 -11.95
N ASP B 143 38.75 24.18 -11.37
CA ASP B 143 39.39 25.24 -10.63
C ASP B 143 39.18 24.97 -9.15
N LEU B 144 40.18 24.36 -8.53
CA LEU B 144 40.08 23.91 -7.15
C LEU B 144 40.12 25.08 -6.17
N PRO B 145 39.41 24.96 -5.04
CA PRO B 145 39.33 26.01 -4.02
C PRO B 145 40.68 26.42 -3.43
N ASN B 146 41.72 25.61 -3.64
CA ASN B 146 43.06 26.00 -3.23
C ASN B 146 43.80 26.68 -4.39
N LYS B 147 43.02 27.15 -5.36
CA LYS B 147 43.53 27.90 -6.51
C LYS B 147 44.52 27.12 -7.37
N GLN B 148 44.47 25.79 -7.25
CA GLN B 148 45.18 24.92 -8.17
C GLN B 148 44.20 24.43 -9.24
N GLN B 149 44.72 23.80 -10.28
CA GLN B 149 43.86 23.23 -11.31
C GLN B 149 44.02 21.72 -11.41
N ALA B 150 42.94 21.05 -11.77
CA ALA B 150 42.97 19.63 -12.12
C ALA B 150 42.72 19.48 -13.61
N TYR B 151 43.42 18.54 -14.24
CA TYR B 151 43.31 18.35 -15.68
C TYR B 151 42.85 16.95 -16.02
N TYR B 152 41.97 16.83 -17.02
CA TYR B 152 41.39 15.57 -17.39
C TYR B 152 41.47 15.34 -18.90
N ILE B 153 42.03 14.20 -19.30
CA ILE B 153 42.10 13.82 -20.71
C ILE B 153 41.61 12.38 -20.88
N SER B 154 40.73 12.18 -21.86
CA SER B 154 40.18 10.85 -22.12
C SER B 154 39.98 10.59 -23.59
N GLU B 155 40.01 9.31 -23.98
CA GLU B 155 39.80 8.90 -25.36
C GLU B 155 39.22 7.50 -25.41
N GLN B 156 38.30 7.26 -26.35
CA GLN B 156 37.74 5.94 -26.58
C GLN B 156 38.73 5.10 -27.41
N THR B 157 39.39 4.14 -26.77
CA THR B 157 40.48 3.40 -27.39
C THR B 157 40.02 2.19 -28.21
N SER B 158 38.77 1.78 -28.02
CA SER B 158 38.23 0.62 -28.73
C SER B 158 36.71 0.66 -28.78
N HIS B 159 36.14 0.18 -29.88
CA HIS B 159 34.68 0.18 -30.05
C HIS B 159 34.09 -1.23 -29.96
N HIS B 160 34.76 -2.20 -30.57
CA HIS B 160 34.36 -3.60 -30.47
C HIS B 160 35.49 -4.44 -29.92
N PRO B 161 35.53 -4.64 -28.60
CA PRO B 161 34.56 -4.18 -27.60
C PRO B 161 34.86 -2.75 -27.15
N PRO B 162 33.89 -2.10 -26.47
CA PRO B 162 34.09 -0.70 -26.07
C PRO B 162 35.07 -0.57 -24.91
N GLU B 163 35.89 0.48 -24.95
CA GLU B 163 36.87 0.74 -23.93
C GLU B 163 37.40 2.16 -24.04
N CYS B 164 37.44 2.87 -22.92
CA CYS B 164 38.05 4.18 -22.91
C CYS B 164 39.11 4.29 -21.83
N ALA B 165 40.04 5.22 -22.02
CA ALA B 165 41.09 5.47 -21.06
C ALA B 165 41.05 6.93 -20.62
N TYR B 166 41.36 7.19 -19.36
CA TYR B 166 41.35 8.54 -18.84
C TYR B 166 42.60 8.90 -18.05
N PHE B 167 42.95 10.17 -18.08
CA PHE B 167 44.11 10.71 -17.39
C PHE B 167 43.70 11.94 -16.60
N TYR B 168 44.05 11.95 -15.31
CA TYR B 168 43.64 13.02 -14.40
C TYR B 168 44.81 13.41 -13.52
N MET B 169 45.08 14.70 -13.42
CA MET B 169 46.25 15.14 -12.66
C MET B 169 46.09 16.50 -11.99
N ILE B 170 46.52 16.56 -10.73
CA ILE B 170 46.69 17.82 -10.01
C ILE B 170 48.17 17.99 -9.68
N PRO B 171 48.96 18.46 -10.66
CA PRO B 171 50.42 18.52 -10.56
C PRO B 171 50.94 19.27 -9.33
N GLU B 172 50.25 20.33 -8.91
CA GLU B 172 50.71 21.12 -7.78
C GLU B 172 50.39 20.47 -6.44
N SER B 173 49.71 19.32 -6.49
CA SER B 173 49.43 18.55 -5.28
C SER B 173 50.04 17.15 -5.38
N SER B 174 50.85 16.94 -6.41
CA SER B 174 51.50 15.65 -6.67
C SER B 174 50.49 14.50 -6.72
N ILE B 175 49.37 14.74 -7.39
CA ILE B 175 48.32 13.74 -7.54
C ILE B 175 48.14 13.35 -8.99
N ARG B 176 48.26 12.06 -9.28
CA ARG B 176 48.05 11.55 -10.63
C ARG B 176 47.08 10.38 -10.63
N VAL B 177 46.15 10.39 -11.58
CA VAL B 177 45.16 9.34 -11.71
C VAL B 177 45.09 8.82 -13.14
N ASP B 178 45.27 7.52 -13.32
CA ASP B 178 45.10 6.88 -14.62
C ASP B 178 44.07 5.77 -14.51
N GLY B 179 43.34 5.50 -15.59
CA GLY B 179 42.35 4.45 -15.55
C GLY B 179 41.72 4.08 -16.87
N VAL B 180 40.94 2.99 -16.85
CA VAL B 180 40.20 2.54 -18.01
C VAL B 180 38.79 2.13 -17.62
N VAL B 181 37.86 2.21 -18.57
CA VAL B 181 36.51 1.74 -18.35
C VAL B 181 36.18 0.68 -19.40
N ILE B 182 35.98 -0.55 -18.93
CA ILE B 182 35.73 -1.67 -19.83
C ILE B 182 34.41 -2.34 -19.46
N PRO B 183 33.31 -1.83 -20.03
CA PRO B 183 31.97 -2.39 -19.77
C PRO B 183 31.64 -3.60 -20.64
N LYS B 184 31.43 -4.74 -20.01
CA LYS B 184 30.98 -5.94 -20.71
C LYS B 184 29.50 -6.14 -20.42
N SER B 185 28.65 -5.64 -21.30
CA SER B 185 27.22 -5.64 -21.05
C SER B 185 26.52 -6.84 -21.68
N ARG B 186 25.66 -7.49 -20.90
CA ARG B 186 24.88 -8.60 -21.43
C ARG B 186 23.49 -8.69 -20.81
N PHE B 187 22.58 -9.31 -21.55
CA PHE B 187 21.19 -9.48 -21.14
C PHE B 187 21.02 -10.79 -20.38
N LEU B 188 20.51 -10.70 -19.16
CA LEU B 188 20.36 -11.89 -18.31
C LEU B 188 18.92 -12.44 -18.35
N GLY B 189 17.96 -11.54 -18.25
CA GLY B 189 16.55 -11.93 -18.24
C GLY B 189 15.69 -10.79 -17.73
N ASN B 190 15.24 -10.90 -16.48
CA ASN B 190 14.57 -9.78 -15.83
C ASN B 190 15.58 -8.67 -15.56
N SER B 191 16.86 -9.05 -15.54
CA SER B 191 17.93 -8.11 -15.30
C SER B 191 18.88 -8.02 -16.49
N SER B 192 19.57 -6.89 -16.59
CA SER B 192 20.68 -6.74 -17.51
C SER B 192 21.85 -6.16 -16.72
N ALA B 193 23.06 -6.47 -17.14
CA ALA B 193 24.22 -6.08 -16.37
C ALA B 193 25.33 -5.49 -17.22
N ALA B 194 26.01 -4.49 -16.67
CA ALA B 194 27.24 -4.00 -17.25
C ALA B 194 28.40 -4.40 -16.35
N MET B 195 29.02 -5.54 -16.66
CA MET B 195 30.17 -6.00 -15.91
C MET B 195 31.35 -5.08 -16.16
N MET B 196 31.88 -4.50 -15.08
CA MET B 196 32.93 -3.48 -15.20
C MET B 196 34.30 -4.06 -14.89
N ASP B 197 35.12 -4.19 -15.93
CA ASP B 197 36.46 -4.78 -15.78
C ASP B 197 37.55 -3.71 -15.78
N GLY B 198 37.14 -2.45 -15.73
CA GLY B 198 38.10 -1.37 -15.66
C GLY B 198 38.64 -1.17 -14.26
N SER B 199 39.65 -0.32 -14.13
CA SER B 199 40.22 0.00 -12.83
C SER B 199 40.90 1.36 -12.84
N THR B 200 41.17 1.89 -11.66
CA THR B 200 41.81 3.19 -11.52
C THR B 200 43.11 3.05 -10.75
N VAL B 201 44.14 3.77 -11.18
CA VAL B 201 45.38 3.84 -10.44
C VAL B 201 45.63 5.26 -9.95
N LEU B 202 45.70 5.42 -8.63
CA LEU B 202 46.01 6.69 -8.00
C LEU B 202 47.44 6.69 -7.48
N GLN B 203 48.17 7.77 -7.74
CA GLN B 203 49.53 7.90 -7.25
C GLN B 203 49.75 9.23 -6.53
N PHE B 204 50.37 9.16 -5.35
CA PHE B 204 50.87 10.35 -4.67
C PHE B 204 52.36 10.45 -4.96
N LEU B 205 52.71 11.31 -5.91
CA LEU B 205 54.04 11.35 -6.49
C LEU B 205 55.15 11.70 -5.49
N ASP B 206 54.81 12.49 -4.48
CA ASP B 206 55.80 12.96 -3.51
C ASP B 206 55.78 12.14 -2.22
N ILE B 207 55.05 11.02 -2.23
CA ILE B 207 55.03 10.12 -1.09
C ILE B 207 55.63 8.77 -1.49
N LYS B 208 56.90 8.56 -1.16
CA LYS B 208 57.64 7.38 -1.62
C LYS B 208 57.37 6.18 -0.74
N ASP B 209 57.24 5.00 -1.36
CA ASP B 209 57.05 3.77 -0.61
C ASP B 209 58.39 3.06 -0.35
N GLY B 210 58.32 1.77 -0.01
CA GLY B 210 59.50 1.00 0.28
C GLY B 210 60.45 0.80 -0.89
N ASN B 211 59.95 1.06 -2.10
CA ASN B 211 60.79 0.97 -3.29
C ASN B 211 61.34 2.32 -3.73
N GLY B 212 60.85 3.39 -3.12
CA GLY B 212 61.22 4.73 -3.54
C GLY B 212 60.35 5.19 -4.69
N LYS B 213 59.27 4.46 -4.93
CA LYS B 213 58.30 4.81 -5.97
C LYS B 213 57.11 5.52 -5.33
N PRO B 214 56.33 6.27 -6.14
CA PRO B 214 55.13 6.91 -5.60
C PRO B 214 54.17 5.92 -4.96
N GLU B 215 53.56 6.33 -3.84
CA GLU B 215 52.56 5.51 -3.18
C GLU B 215 51.37 5.29 -4.11
N LYS B 216 51.06 4.03 -4.39
CA LYS B 216 50.06 3.70 -5.40
C LYS B 216 48.82 3.02 -4.83
N TYR B 217 47.64 3.46 -5.29
CA TYR B 217 46.39 2.82 -4.95
C TYR B 217 45.74 2.24 -6.21
N VAL B 218 45.31 0.99 -6.13
CA VAL B 218 44.58 0.39 -7.24
C VAL B 218 43.13 0.17 -6.81
N LEU B 219 42.20 0.67 -7.62
CA LEU B 219 40.79 0.66 -7.26
C LEU B 219 39.96 0.07 -8.40
N THR B 220 39.30 -1.06 -8.13
CA THR B 220 38.45 -1.68 -9.15
C THR B 220 37.03 -1.12 -9.08
N GLN B 221 36.18 -1.53 -10.01
CA GLN B 221 34.84 -0.99 -10.11
C GLN B 221 33.79 -2.07 -9.88
N PRO B 222 32.68 -1.71 -9.21
CA PRO B 222 31.55 -2.61 -9.02
C PRO B 222 30.76 -2.77 -10.31
N ASN B 223 29.82 -3.71 -10.33
CA ASN B 223 29.01 -3.95 -11.51
C ASN B 223 27.72 -3.14 -11.48
N VAL B 224 27.26 -2.73 -12.65
CA VAL B 224 26.06 -1.92 -12.75
C VAL B 224 24.89 -2.74 -13.32
N TYR B 225 23.86 -2.91 -12.51
CA TYR B 225 22.69 -3.70 -12.90
C TYR B 225 21.47 -2.82 -13.14
N VAL B 226 20.61 -3.26 -14.04
CA VAL B 226 19.28 -2.69 -14.16
C VAL B 226 18.25 -3.79 -13.90
N ARG B 227 17.40 -3.59 -12.91
CA ARG B 227 16.41 -4.59 -12.49
C ARG B 227 15.00 -4.20 -12.94
N GLY B 228 14.15 -5.22 -13.10
CA GLY B 228 12.75 -5.00 -13.41
C GLY B 228 12.48 -4.57 -14.84
N ILE B 229 13.19 -5.18 -15.79
CA ILE B 229 12.98 -4.88 -17.20
C ILE B 229 11.74 -5.60 -17.69
N LEU B 230 11.43 -6.75 -17.07
CA LEU B 230 10.24 -7.51 -17.42
C LEU B 230 9.11 -7.19 -16.44
N PHE B 231 9.37 -7.40 -15.15
CA PHE B 231 8.34 -7.20 -14.13
C PHE B 231 8.67 -6.04 -13.20
N GLY B 232 7.90 -4.97 -13.30
CA GLY B 232 8.01 -3.85 -12.38
C GLY B 232 8.62 -2.60 -12.97
N LYS B 233 8.87 -1.61 -12.11
CA LYS B 233 9.53 -0.39 -12.52
C LYS B 233 11.04 -0.56 -12.49
N MET B 234 11.71 -0.15 -13.55
CA MET B 234 13.16 -0.29 -13.68
C MET B 234 13.92 0.42 -12.56
N ARG B 235 15.00 -0.21 -12.10
CA ARG B 235 15.85 0.38 -11.08
C ARG B 235 17.31 0.02 -11.34
N ILE B 236 18.20 0.98 -11.11
CA ILE B 236 19.63 0.75 -11.26
C ILE B 236 20.24 0.37 -9.92
N GLU B 237 20.99 -0.74 -9.92
CA GLU B 237 21.67 -1.21 -8.73
C GLU B 237 23.17 -1.35 -8.96
N LEU B 238 23.95 -1.14 -7.91
CA LEU B 238 25.37 -1.50 -7.95
C LEU B 238 25.55 -2.84 -7.26
N GLY B 239 26.38 -3.70 -7.83
CA GLY B 239 26.52 -5.04 -7.30
C GLY B 239 27.92 -5.60 -7.27
N ASP B 240 28.07 -6.70 -6.53
CA ASP B 240 29.31 -7.47 -6.44
C ASP B 240 30.43 -6.70 -5.75
N HIS B 241 31.66 -7.16 -5.91
CA HIS B 241 32.75 -6.69 -5.08
C HIS B 241 33.59 -5.59 -5.71
N MET B 242 34.13 -4.73 -4.85
CA MET B 242 35.05 -3.67 -5.25
C MET B 242 36.32 -3.77 -4.41
N ILE B 243 37.48 -3.59 -5.03
CA ILE B 243 38.74 -3.71 -4.30
C ILE B 243 39.52 -2.40 -4.31
N ILE B 244 39.96 -1.96 -3.14
CA ILE B 244 40.89 -0.85 -3.01
C ILE B 244 42.12 -1.32 -2.25
N LYS B 245 43.29 -1.27 -2.90
CA LYS B 245 44.51 -1.71 -2.22
C LYS B 245 45.70 -0.79 -2.41
N SER B 246 46.51 -0.69 -1.36
CA SER B 246 47.67 0.18 -1.30
C SER B 246 48.89 -0.65 -0.88
N PRO B 247 50.07 -0.04 -0.77
CA PRO B 247 51.18 -0.86 -0.28
C PRO B 247 51.01 -1.38 1.16
N ASN B 248 50.14 -0.73 1.94
CA ASN B 248 49.99 -1.10 3.34
C ASN B 248 48.60 -1.65 3.70
N PHE B 249 47.58 -1.20 2.98
CA PHE B 249 46.21 -1.55 3.34
C PHE B 249 45.44 -2.16 2.18
N GLN B 250 44.28 -2.70 2.49
CA GLN B 250 43.50 -3.50 1.56
C GLN B 250 42.04 -3.52 1.98
N ALA B 251 41.14 -3.24 1.04
CA ALA B 251 39.72 -3.16 1.37
C ALA B 251 38.86 -3.84 0.32
N ASP B 252 38.18 -4.91 0.72
CA ASP B 252 37.19 -5.53 -0.14
C ASP B 252 35.82 -5.01 0.27
N ILE B 253 35.16 -4.30 -0.64
CA ILE B 253 33.84 -3.75 -0.38
C ILE B 253 32.79 -4.43 -1.24
N GLU B 254 31.78 -5.01 -0.60
CA GLU B 254 30.71 -5.66 -1.34
C GLU B 254 29.52 -4.71 -1.51
N PHE B 255 29.00 -4.66 -2.72
CA PHE B 255 27.78 -3.91 -2.99
C PHE B 255 26.62 -4.89 -2.98
N LYS B 256 25.88 -4.89 -1.88
CA LYS B 256 24.86 -5.91 -1.61
C LYS B 256 23.64 -5.81 -2.52
N THR B 257 23.10 -6.96 -2.90
CA THR B 257 21.97 -7.04 -3.82
C THR B 257 20.67 -7.40 -3.07
N LYS B 258 19.66 -6.57 -3.23
CA LYS B 258 18.39 -6.72 -2.53
C LYS B 258 17.74 -8.09 -2.76
N THR B 264 17.29 -4.86 1.41
CA THR B 264 17.69 -3.46 1.29
C THR B 264 18.43 -3.11 -0.01
N TYR B 265 18.10 -1.95 -0.58
CA TYR B 265 18.85 -1.47 -1.73
C TYR B 265 20.11 -0.68 -1.35
N ASP B 266 21.10 -0.74 -2.24
CA ASP B 266 22.27 0.13 -2.18
C ASP B 266 23.09 -0.03 -0.90
N ALA B 267 22.99 -1.20 -0.27
CA ALA B 267 23.77 -1.46 0.94
C ALA B 267 25.19 -1.87 0.59
N ILE B 268 26.16 -1.37 1.36
CA ILE B 268 27.54 -1.81 1.23
C ILE B 268 28.09 -2.34 2.54
N GLU B 269 29.06 -3.24 2.44
CA GLU B 269 29.77 -3.75 3.61
C GLU B 269 31.16 -4.20 3.21
N GLY B 270 32.14 -3.92 4.06
CA GLY B 270 33.52 -4.29 3.77
C GLY B 270 34.43 -4.07 4.95
N THR B 271 35.67 -4.53 4.83
CA THR B 271 36.64 -4.43 5.90
C THR B 271 37.98 -3.91 5.41
N VAL B 272 38.57 -2.99 6.17
CA VAL B 272 39.91 -2.51 5.89
C VAL B 272 40.93 -3.35 6.66
N LYS B 273 41.92 -3.89 5.95
CA LYS B 273 42.91 -4.76 6.58
C LYS B 273 44.34 -4.36 6.20
N ASP B 274 45.31 -4.83 6.98
CA ASP B 274 46.70 -4.80 6.53
C ASP B 274 46.99 -6.14 5.86
N TYR B 275 48.25 -6.38 5.50
CA TYR B 275 48.60 -7.62 4.81
C TYR B 275 49.07 -8.70 5.78
N ASP B 276 48.82 -8.49 7.07
CA ASP B 276 49.03 -9.54 8.06
C ASP B 276 47.68 -10.09 8.52
N GLY B 277 46.62 -9.66 7.83
CA GLY B 277 45.28 -10.14 8.10
C GLY B 277 44.54 -9.41 9.22
N ASN B 278 45.13 -8.34 9.74
CA ASN B 278 44.50 -7.60 10.82
C ASN B 278 43.43 -6.64 10.31
N ALA B 279 42.23 -6.76 10.85
CA ALA B 279 41.11 -5.90 10.47
C ALA B 279 41.10 -4.63 11.31
N TYR B 280 40.92 -3.49 10.65
CA TYR B 280 40.94 -2.20 11.35
C TYR B 280 39.57 -1.55 11.40
N TYR B 281 38.87 -1.55 10.26
CA TYR B 281 37.54 -0.95 10.18
C TYR B 281 36.55 -1.81 9.41
N GLU B 282 35.29 -1.72 9.81
CA GLU B 282 34.19 -2.33 9.08
C GLU B 282 33.34 -1.19 8.53
N ILE B 283 33.05 -1.23 7.24
CA ILE B 283 32.28 -0.16 6.62
C ILE B 283 30.84 -0.62 6.35
N SER B 284 29.89 0.28 6.54
CA SER B 284 28.48 -0.03 6.37
C SER B 284 27.69 1.18 5.90
N GLY B 285 26.40 0.98 5.64
CA GLY B 285 25.55 2.05 5.18
C GLY B 285 25.19 1.94 3.71
N LYS B 286 24.80 3.06 3.12
CA LYS B 286 24.39 3.09 1.72
C LYS B 286 25.21 4.11 0.93
N TRP B 287 25.55 3.75 -0.31
CA TRP B 287 26.45 4.59 -1.10
C TRP B 287 25.75 5.80 -1.69
N ASN B 288 24.41 5.77 -1.72
CA ASN B 288 23.65 6.93 -2.16
C ASN B 288 22.97 7.61 -0.98
N ASP B 289 23.51 7.38 0.21
CA ASP B 289 22.97 7.99 1.43
C ASP B 289 24.08 8.24 2.44
N VAL B 290 24.07 7.50 3.54
CA VAL B 290 25.08 7.68 4.58
C VAL B 290 25.89 6.41 4.81
N MET B 291 27.21 6.56 4.85
CA MET B 291 28.10 5.43 5.09
C MET B 291 28.84 5.58 6.41
N TYR B 292 29.06 4.47 7.10
CA TYR B 292 29.63 4.49 8.44
C TYR B 292 30.90 3.64 8.56
N LEU B 293 31.73 3.97 9.56
CA LEU B 293 32.91 3.18 9.90
C LEU B 293 32.86 2.72 11.35
N LYS B 294 33.06 1.42 11.58
CA LYS B 294 33.11 0.89 12.93
C LYS B 294 34.54 0.51 13.30
N ASP B 295 35.03 1.06 14.40
CA ASP B 295 36.37 0.72 14.89
C ASP B 295 36.38 -0.70 15.45
N LEU B 296 37.02 -1.61 14.73
CA LEU B 296 37.04 -3.02 15.13
C LEU B 296 37.96 -3.28 16.31
N LYS B 297 38.76 -2.27 16.70
CA LYS B 297 39.57 -2.37 17.90
C LYS B 297 38.69 -2.25 19.15
N GLN B 298 37.50 -1.72 18.97
CA GLN B 298 36.53 -1.59 20.05
C GLN B 298 35.24 -2.32 19.70
N PRO B 299 35.18 -3.63 20.00
CA PRO B 299 34.03 -4.49 19.69
C PRO B 299 32.71 -3.97 20.28
N ARG B 300 32.80 -3.18 21.34
CA ARG B 300 31.61 -2.64 21.99
C ARG B 300 31.10 -1.37 21.32
N SER B 301 31.97 -0.76 20.50
CA SER B 301 31.63 0.52 19.88
C SER B 301 30.63 0.36 18.73
N SER B 302 30.04 1.49 18.32
CA SER B 302 29.05 1.50 17.25
C SER B 302 29.61 2.24 16.03
N PRO B 303 29.05 1.98 14.84
CA PRO B 303 29.47 2.68 13.62
C PRO B 303 29.34 4.19 13.74
N LYS B 304 30.38 4.92 13.32
CA LYS B 304 30.34 6.38 13.30
C LYS B 304 30.22 6.88 11.86
N VAL B 305 29.64 8.05 11.68
CA VAL B 305 29.44 8.61 10.35
C VAL B 305 30.77 8.80 9.62
N PHE B 306 30.87 8.22 8.43
CA PHE B 306 32.08 8.26 7.63
C PHE B 306 31.90 9.18 6.42
N LEU B 307 30.79 9.01 5.72
CA LEU B 307 30.51 9.81 4.54
C LEU B 307 29.02 10.08 4.37
N ASP B 308 28.64 11.35 4.53
CA ASP B 308 27.28 11.79 4.28
C ASP B 308 27.20 12.39 2.88
N THR B 309 26.53 11.70 1.97
CA THR B 309 26.43 12.15 0.58
C THR B 309 25.51 13.36 0.42
N HIS B 310 24.82 13.73 1.49
CA HIS B 310 23.93 14.88 1.45
C HIS B 310 24.60 16.10 2.06
N LYS B 311 25.76 15.90 2.68
CA LYS B 311 26.48 16.98 3.34
C LYS B 311 27.41 17.71 2.38
N GLU B 312 28.34 16.97 1.78
CA GLU B 312 29.37 17.55 0.92
C GLU B 312 28.80 18.01 -0.42
N SER B 313 29.43 19.02 -1.01
CA SER B 313 29.00 19.55 -2.31
C SER B 313 29.99 19.19 -3.42
N PRO B 314 29.49 18.58 -4.50
CA PRO B 314 30.34 18.21 -5.64
C PRO B 314 30.78 19.43 -6.46
N LEU B 315 31.96 19.36 -7.05
CA LEU B 315 32.49 20.43 -7.88
C LEU B 315 32.57 20.00 -9.33
N ARG B 316 31.68 20.56 -10.16
CA ARG B 316 31.60 20.19 -11.56
C ARG B 316 32.84 20.64 -12.36
N PRO B 317 33.21 19.86 -13.38
CA PRO B 317 34.33 20.20 -14.25
C PRO B 317 34.00 21.33 -15.23
N LYS B 318 35.03 21.99 -15.75
CA LYS B 318 34.87 23.01 -16.76
C LYS B 318 35.33 22.50 -18.12
N VAL B 319 34.72 23.00 -19.18
CA VAL B 319 35.10 22.63 -20.54
C VAL B 319 35.25 23.88 -21.41
N ARG B 320 36.18 23.82 -22.36
CA ARG B 320 36.29 24.83 -23.42
C ARG B 320 34.95 25.09 -24.10
N PRO B 321 34.77 26.31 -24.65
CA PRO B 321 33.55 26.64 -25.41
C PRO B 321 33.35 25.69 -26.59
N LEU B 322 32.09 25.46 -26.97
CA LEU B 322 31.77 24.56 -28.07
C LEU B 322 32.44 24.95 -29.38
N SER B 323 32.62 26.25 -29.58
CA SER B 323 33.19 26.77 -30.81
C SER B 323 34.65 26.35 -30.97
N GLU B 324 35.29 25.98 -29.86
CA GLU B 324 36.71 25.63 -29.87
C GLU B 324 36.94 24.12 -29.89
N GLN B 325 35.87 23.34 -29.83
CA GLN B 325 36.00 21.89 -29.74
C GLN B 325 36.04 21.22 -31.12
N GLY B 326 36.80 20.13 -31.21
CA GLY B 326 36.96 19.39 -32.45
C GLY B 326 35.70 18.65 -32.86
N GLU B 327 35.69 18.15 -34.10
CA GLU B 327 34.53 17.47 -34.64
C GLU B 327 34.13 16.25 -33.81
N TYR B 328 35.12 15.49 -33.38
CA TYR B 328 34.86 14.26 -32.63
C TYR B 328 35.15 14.42 -31.14
N GLU B 329 35.10 15.67 -30.68
CA GLU B 329 35.09 15.96 -29.26
C GLU B 329 33.67 15.71 -28.76
N SER B 330 33.54 15.13 -27.57
CA SER B 330 32.27 14.56 -27.09
C SER B 330 31.06 15.50 -27.18
N ARG B 331 31.10 16.62 -26.47
CA ARG B 331 29.96 17.52 -26.42
C ARG B 331 29.61 18.08 -27.80
N LYS B 332 30.63 18.31 -28.60
CA LYS B 332 30.45 18.83 -29.95
C LYS B 332 29.83 17.78 -30.86
N LEU B 333 30.36 16.57 -30.79
CA LEU B 333 29.93 15.47 -31.65
C LEU B 333 28.47 15.11 -31.45
N TRP B 334 28.06 15.01 -30.18
CA TRP B 334 26.72 14.55 -29.84
C TRP B 334 25.74 15.70 -29.61
N LYS B 335 26.16 16.91 -29.98
CA LYS B 335 25.36 18.11 -29.72
C LYS B 335 23.95 18.03 -30.29
N LYS B 336 23.82 17.57 -31.53
CA LYS B 336 22.51 17.45 -32.17
C LYS B 336 21.64 16.43 -31.45
N VAL B 337 22.28 15.39 -30.91
CA VAL B 337 21.58 14.35 -30.16
C VAL B 337 21.11 14.87 -28.81
N THR B 338 22.00 15.54 -28.10
CA THR B 338 21.70 16.01 -26.75
C THR B 338 20.65 17.11 -26.72
N ASP B 339 20.66 17.97 -27.75
CA ASP B 339 19.64 19.00 -27.88
C ASP B 339 18.26 18.37 -27.99
N ALA B 340 18.16 17.29 -28.76
CA ALA B 340 16.90 16.58 -28.95
C ALA B 340 16.44 15.92 -27.64
N LEU B 341 17.39 15.35 -26.91
CA LEU B 341 17.09 14.71 -25.63
C LEU B 341 16.58 15.72 -24.61
N ALA B 342 17.08 16.95 -24.70
CA ALA B 342 16.71 18.00 -23.75
C ALA B 342 15.27 18.50 -23.95
N VAL B 343 14.70 18.20 -25.11
CA VAL B 343 13.31 18.56 -25.39
C VAL B 343 12.47 17.31 -25.60
N ARG B 344 13.07 16.16 -25.31
CA ARG B 344 12.44 14.84 -25.46
C ARG B 344 11.92 14.60 -26.87
N ASN B 345 12.64 15.11 -27.87
CA ASN B 345 12.34 14.81 -29.25
C ASN B 345 13.15 13.60 -29.72
N HIS B 346 12.61 12.42 -29.51
CA HIS B 346 13.35 11.17 -29.77
C HIS B 346 13.41 10.73 -31.25
N PRO B 347 12.36 11.03 -32.06
CA PRO B 347 12.56 10.77 -33.49
C PRO B 347 13.77 11.52 -34.06
N VAL B 348 14.03 12.71 -33.56
CA VAL B 348 15.18 13.49 -34.00
C VAL B 348 16.46 12.94 -33.38
N ALA B 349 16.39 12.62 -32.09
CA ALA B 349 17.54 12.06 -31.38
C ALA B 349 17.99 10.76 -32.03
N THR B 350 17.03 9.89 -32.34
CA THR B 350 17.33 8.61 -32.97
C THR B 350 17.98 8.82 -34.34
N GLU B 351 17.52 9.84 -35.05
CA GLU B 351 18.03 10.11 -36.39
C GLU B 351 19.44 10.69 -36.34
N GLU B 352 19.67 11.62 -35.42
CA GLU B 352 21.00 12.20 -35.25
C GLU B 352 21.99 11.16 -34.77
N LYS B 353 21.54 10.32 -33.84
CA LYS B 353 22.35 9.24 -33.32
C LYS B 353 22.72 8.26 -34.44
N PHE B 354 21.75 7.96 -35.29
CA PHE B 354 21.97 7.04 -36.39
C PHE B 354 22.97 7.58 -37.40
N GLN B 355 22.89 8.88 -37.69
CA GLN B 355 23.80 9.51 -38.63
C GLN B 355 25.24 9.38 -38.15
N ILE B 356 25.44 9.55 -36.85
CA ILE B 356 26.76 9.37 -36.24
C ILE B 356 27.18 7.90 -36.29
N GLU B 357 26.27 7.03 -35.88
CA GLU B 357 26.56 5.60 -35.83
C GLU B 357 26.86 5.01 -37.20
N ASP B 358 26.11 5.45 -38.21
CA ASP B 358 26.25 4.90 -39.54
C ASP B 358 27.58 5.30 -40.17
N HIS B 359 27.97 6.55 -39.96
CA HIS B 359 29.22 7.06 -40.51
C HIS B 359 30.43 6.33 -39.93
N GLN B 360 30.32 5.90 -38.68
CA GLN B 360 31.39 5.15 -38.04
C GLN B 360 31.51 3.74 -38.62
N ARG B 361 30.38 3.22 -39.12
CA ARG B 361 30.39 1.92 -39.77
C ARG B 361 31.04 2.04 -41.14
N GLN B 362 30.94 3.22 -41.74
CA GLN B 362 31.60 3.50 -43.01
C GLN B 362 33.12 3.52 -42.81
N LEU B 363 33.56 4.34 -41.86
CA LEU B 363 34.98 4.48 -41.54
C LEU B 363 35.61 3.13 -41.20
N ALA B 364 34.86 2.29 -40.49
CA ALA B 364 35.34 0.97 -40.11
C ALA B 364 35.55 0.09 -41.35
N LYS B 365 34.62 0.18 -42.30
CA LYS B 365 34.70 -0.60 -43.52
C LYS B 365 35.89 -0.17 -44.37
N LYS B 366 36.09 1.14 -44.48
CA LYS B 366 37.20 1.70 -45.25
C LYS B 366 38.54 1.29 -44.65
N ARG B 367 38.58 1.09 -43.34
CA ARG B 367 39.80 0.64 -42.68
C ARG B 367 40.15 -0.78 -43.12
N ILE B 368 39.13 -1.61 -43.29
CA ILE B 368 39.32 -2.99 -43.71
C ILE B 368 39.85 -3.05 -45.14
N GLU B 369 39.23 -2.26 -46.02
CA GLU B 369 39.59 -2.25 -47.44
C GLU B 369 40.99 -1.71 -47.70
N ASP B 370 41.45 -0.83 -46.81
CA ASP B 370 42.78 -0.23 -46.96
C ASP B 370 43.82 -0.98 -46.14
N GLY B 371 43.38 -2.02 -45.43
CA GLY B 371 44.27 -2.83 -44.63
C GLY B 371 44.93 -2.07 -43.50
N VAL B 372 44.23 -1.06 -42.98
CA VAL B 372 44.74 -0.25 -41.88
C VAL B 372 43.93 -0.53 -40.61
N GLU B 373 44.58 -0.38 -39.47
CA GLU B 373 43.91 -0.56 -38.19
C GLU B 373 43.91 0.75 -37.40
N PHE B 374 42.88 0.97 -36.60
CA PHE B 374 42.78 2.19 -35.80
C PHE B 374 43.84 2.20 -34.71
N HIS B 375 44.39 3.38 -34.44
CA HIS B 375 45.30 3.58 -33.33
C HIS B 375 44.94 4.86 -32.59
N PRO B 376 44.92 4.79 -31.24
CA PRO B 376 44.55 5.93 -30.40
C PRO B 376 45.46 7.14 -30.60
N LYS B 377 44.90 8.33 -30.49
CA LYS B 377 45.67 9.56 -30.65
C LYS B 377 46.46 9.91 -29.40
N LEU B 378 45.92 9.56 -28.23
CA LEU B 378 46.44 10.10 -26.97
C LEU B 378 46.95 9.04 -25.99
N PHE B 379 46.58 7.78 -26.20
CA PHE B 379 46.96 6.72 -25.26
C PHE B 379 47.73 5.59 -25.94
N ARG B 380 48.87 5.24 -25.36
CA ARG B 380 49.66 4.12 -25.86
C ARG B 380 49.20 2.80 -25.25
N ARG B 381 49.43 1.71 -25.97
CA ARG B 381 49.17 0.38 -25.45
C ARG B 381 50.22 0.05 -24.40
N SER B 382 49.78 -0.55 -23.29
CA SER B 382 50.71 -0.85 -22.20
C SER B 382 51.50 -2.12 -22.44
N LYS B 383 52.62 -2.24 -21.74
CA LYS B 383 53.40 -3.47 -21.74
C LYS B 383 52.76 -4.46 -20.77
N PRO B 384 52.87 -5.77 -21.06
CA PRO B 384 52.33 -6.79 -20.16
C PRO B 384 52.90 -6.69 -18.75
N GLY B 385 52.07 -6.99 -17.75
CA GLY B 385 52.48 -6.86 -16.37
C GLY B 385 52.26 -5.47 -15.80
N GLU B 386 51.57 -4.63 -16.57
CA GLU B 386 51.22 -3.29 -16.08
C GLU B 386 49.77 -3.27 -15.61
N ASP B 387 49.40 -2.20 -14.93
CA ASP B 387 48.09 -2.12 -14.27
C ASP B 387 46.92 -1.88 -15.23
N LEU B 388 47.16 -1.12 -16.29
CA LEU B 388 46.07 -0.73 -17.18
C LEU B 388 46.39 -1.07 -18.64
N ASP B 389 45.34 -1.35 -19.42
CA ASP B 389 45.48 -1.61 -20.86
C ASP B 389 46.11 -0.45 -21.59
N TYR B 390 45.71 0.76 -21.20
CA TYR B 390 46.19 1.97 -21.88
C TYR B 390 46.67 3.01 -20.89
N CYS B 391 47.57 3.87 -21.35
CA CYS B 391 48.16 4.91 -20.54
C CYS B 391 48.48 6.11 -21.43
N ILE B 392 48.37 7.32 -20.87
CA ILE B 392 48.63 8.54 -21.63
C ILE B 392 50.04 8.48 -22.23
N TYR B 393 50.18 8.91 -23.48
CA TYR B 393 51.42 8.70 -24.23
C TYR B 393 52.54 9.60 -23.72
N LYS B 394 52.17 10.69 -23.05
CA LYS B 394 53.14 11.70 -22.65
C LYS B 394 53.97 11.25 -21.45
N ASN B 395 55.29 11.40 -21.57
CA ASN B 395 56.18 11.16 -20.45
C ASN B 395 56.11 12.32 -19.45
N ILE B 396 55.69 12.02 -18.23
CA ILE B 396 55.63 13.02 -17.19
C ILE B 396 56.43 12.54 -15.98
N PRO B 397 57.70 12.94 -15.90
CA PRO B 397 58.60 12.52 -14.81
C PRO B 397 58.01 12.82 -13.44
N VAL B 398 58.20 11.89 -12.51
CA VAL B 398 57.62 11.97 -11.18
C VAL B 398 58.09 13.22 -10.44
N ASP B 399 59.40 13.39 -10.35
CA ASP B 399 59.98 14.46 -9.53
C ASP B 399 60.20 15.75 -10.33
N GLU B 400 59.59 15.83 -11.49
CA GLU B 400 59.65 17.04 -12.30
C GLU B 400 58.83 18.15 -11.63
N ASP B 401 59.27 19.40 -11.79
CA ASP B 401 58.56 20.53 -11.21
C ASP B 401 57.15 20.65 -11.78
N PRO B 402 56.15 20.86 -10.90
CA PRO B 402 54.73 20.96 -11.27
C PRO B 402 54.45 21.84 -12.49
N GLU B 403 55.08 23.02 -12.54
CA GLU B 403 54.89 23.94 -13.65
C GLU B 403 55.28 23.28 -14.97
N LYS B 404 56.39 22.56 -14.94
CA LYS B 404 56.89 21.86 -16.11
C LYS B 404 56.01 20.67 -16.47
N GLN B 405 55.36 20.11 -15.46
CA GLN B 405 54.42 19.01 -15.67
C GLN B 405 53.13 19.51 -16.32
N ILE B 406 52.64 20.65 -15.87
CA ILE B 406 51.46 21.27 -16.45
C ILE B 406 51.70 21.66 -17.90
N ARG B 407 52.87 22.26 -18.15
CA ARG B 407 53.30 22.62 -19.50
C ARG B 407 53.27 21.40 -20.41
N SER B 408 53.72 20.27 -19.87
CA SER B 408 53.78 19.02 -20.62
C SER B 408 52.37 18.48 -20.89
N ILE B 409 51.50 18.55 -19.88
CA ILE B 409 50.13 18.08 -20.00
C ILE B 409 49.36 18.82 -21.09
N LEU B 410 49.54 20.14 -21.14
CA LEU B 410 48.81 20.97 -22.09
C LEU B 410 49.26 20.76 -23.53
N GLN B 411 50.40 20.10 -23.70
CA GLN B 411 50.90 19.76 -25.03
C GLN B 411 50.17 18.55 -25.61
N ILE B 412 49.55 17.75 -24.73
CA ILE B 412 48.85 16.54 -25.14
C ILE B 412 47.59 16.86 -25.96
N ALA B 413 46.80 17.81 -25.45
CA ALA B 413 45.51 18.12 -26.05
C ALA B 413 45.01 19.49 -25.57
N PRO B 414 44.10 20.11 -26.35
CA PRO B 414 43.48 21.36 -25.89
C PRO B 414 42.58 21.15 -24.68
N ILE B 415 42.87 21.83 -23.58
CA ILE B 415 42.08 21.71 -22.37
C ILE B 415 41.56 23.06 -21.91
N LEU B 416 42.47 24.03 -21.82
CA LEU B 416 42.12 25.36 -21.33
C LEU B 416 41.61 26.23 -22.47
N PRO B 417 40.68 27.15 -22.17
CA PRO B 417 40.12 28.10 -23.15
C PRO B 417 41.21 28.88 -23.88
N GLY B 418 41.15 28.89 -25.21
CA GLY B 418 42.14 29.58 -26.01
C GLY B 418 43.14 28.65 -26.68
N GLN B 419 43.33 27.46 -26.12
CA GLN B 419 44.27 26.49 -26.68
C GLN B 419 43.90 26.08 -28.11
N GLN B 420 44.92 25.70 -28.87
CA GLN B 420 44.74 25.39 -30.29
C GLN B 420 45.07 23.94 -30.63
N PHE B 421 44.29 23.37 -31.53
CA PHE B 421 44.63 22.07 -32.11
C PHE B 421 45.89 22.22 -32.97
N THR B 422 46.64 21.14 -33.11
CA THR B 422 47.77 21.11 -34.03
C THR B 422 47.67 19.83 -34.86
N ASP B 423 48.60 19.64 -35.79
CA ASP B 423 48.60 18.43 -36.59
C ASP B 423 49.09 17.25 -35.77
N LYS B 424 49.90 17.53 -34.76
CA LYS B 424 50.48 16.49 -33.91
C LYS B 424 49.41 15.75 -33.12
N PHE B 425 48.33 16.46 -32.77
CA PHE B 425 47.24 15.89 -32.01
C PHE B 425 46.66 14.65 -32.70
N PHE B 426 46.41 14.77 -33.99
CA PHE B 426 45.75 13.71 -34.75
C PHE B 426 46.70 12.58 -35.12
N ILE B 427 47.99 12.80 -34.95
CA ILE B 427 48.99 11.75 -35.11
C ILE B 427 48.79 10.69 -34.04
N PRO B 428 48.80 9.41 -34.43
CA PRO B 428 48.68 8.29 -33.48
C PRO B 428 49.69 8.35 -32.35
N ALA B 429 49.29 7.88 -31.18
CA ALA B 429 50.14 7.94 -29.99
C ALA B 429 51.41 7.12 -30.16
N PHE B 430 51.30 5.95 -30.78
CA PHE B 430 52.45 5.07 -30.96
C PHE B 430 53.50 5.72 -31.84
N GLU B 431 53.04 6.62 -32.71
CA GLU B 431 53.91 7.34 -33.62
C GLU B 431 54.66 8.46 -32.90
N LYS B 432 53.96 9.14 -32.01
CA LYS B 432 54.55 10.27 -31.28
C LYS B 432 55.57 9.79 -30.25
N ILE B 433 55.46 8.53 -29.86
CA ILE B 433 56.38 7.95 -28.89
C ILE B 433 57.74 7.68 -29.52
N LYS B 434 57.73 7.16 -30.74
CA LYS B 434 58.97 6.92 -31.49
C LYS B 434 59.81 8.19 -31.57
N SER B 435 59.14 9.31 -31.81
CA SER B 435 59.79 10.61 -31.86
C SER B 435 60.18 11.11 -30.47
N GLN B 436 61.06 10.37 -29.81
CA GLN B 436 61.54 10.73 -28.49
C GLN B 436 62.83 9.99 -28.17
N ASP C 38 -11.77 6.66 -18.84
CA ASP C 38 -12.80 7.66 -18.58
C ASP C 38 -13.95 7.55 -19.57
N THR C 39 -15.18 7.67 -19.08
CA THR C 39 -16.38 7.53 -19.91
C THR C 39 -16.47 8.61 -20.98
N ASP C 40 -16.05 9.82 -20.63
CA ASP C 40 -16.09 10.94 -21.57
C ASP C 40 -15.10 10.74 -22.71
N ASP C 41 -14.20 9.78 -22.57
CA ASP C 41 -13.24 9.45 -23.61
C ASP C 41 -13.60 8.14 -24.30
N ILE C 42 -14.74 7.57 -23.91
CA ILE C 42 -15.21 6.33 -24.49
C ILE C 42 -16.30 6.56 -25.53
N ASP C 43 -15.97 6.29 -26.79
CA ASP C 43 -16.93 6.43 -27.89
C ASP C 43 -17.97 5.32 -27.84
N GLU C 44 -19.23 5.73 -27.63
CA GLU C 44 -20.34 4.78 -27.54
C GLU C 44 -21.52 5.23 -28.39
N SER C 48 -26.26 0.45 -31.66
CA SER C 48 -27.44 1.31 -31.68
C SER C 48 -27.03 2.78 -31.73
N GLY C 49 -25.74 3.02 -31.96
CA GLY C 49 -25.22 4.37 -32.03
C GLY C 49 -25.75 5.14 -33.22
N HIS C 50 -25.36 4.71 -34.42
CA HIS C 50 -25.81 5.35 -35.65
C HIS C 50 -27.32 5.18 -35.86
N ASN C 51 -27.86 4.09 -35.31
CA ASN C 51 -29.29 3.81 -35.42
C ASN C 51 -30.14 4.91 -34.79
N ILE C 52 -29.71 5.40 -33.64
CA ILE C 52 -30.41 6.48 -32.96
C ILE C 52 -30.20 7.81 -33.69
N ILE C 53 -28.99 8.01 -34.18
CA ILE C 53 -28.61 9.27 -34.83
C ILE C 53 -29.27 9.41 -36.20
N LEU C 54 -29.30 8.32 -36.96
CA LEU C 54 -29.89 8.35 -38.30
C LEU C 54 -31.40 8.54 -38.26
N ASN C 55 -32.02 8.11 -37.16
CA ASN C 55 -33.46 8.26 -37.00
C ASN C 55 -33.86 9.70 -36.67
N ILE C 56 -32.99 10.41 -35.96
CA ILE C 56 -33.21 11.81 -35.67
C ILE C 56 -33.04 12.64 -36.93
N ILE C 57 -32.00 12.30 -37.69
CA ILE C 57 -31.67 12.99 -38.93
C ILE C 57 -32.76 12.86 -40.00
N SER C 58 -33.44 11.71 -40.00
CA SER C 58 -34.52 11.44 -40.94
C SER C 58 -35.56 12.54 -40.95
N GLN C 59 -35.88 13.06 -39.78
CA GLN C 59 -36.87 14.13 -39.66
C GLN C 59 -36.22 15.52 -39.72
N LEU C 60 -35.07 15.63 -40.39
CA LEU C 60 -34.34 16.88 -40.43
C LEU C 60 -33.98 17.33 -41.85
N ARG C 61 -34.30 18.57 -42.18
CA ARG C 61 -33.85 19.19 -43.42
C ARG C 61 -32.48 19.80 -43.20
N PRO C 62 -31.58 19.66 -44.17
CA PRO C 62 -30.24 20.25 -44.08
C PRO C 62 -30.32 21.75 -43.82
N GLY C 63 -29.53 22.24 -42.86
CA GLY C 63 -29.52 23.66 -42.53
C GLY C 63 -30.37 24.02 -41.33
N CYS C 64 -31.14 23.06 -40.84
CA CYS C 64 -32.06 23.32 -39.74
C CYS C 64 -31.34 23.53 -38.41
N ASP C 65 -32.04 24.14 -37.46
CA ASP C 65 -31.47 24.49 -36.17
C ASP C 65 -31.51 23.32 -35.19
N LEU C 66 -30.32 22.87 -34.77
CA LEU C 66 -30.21 21.76 -33.83
C LEU C 66 -30.46 22.20 -32.38
N THR C 67 -30.49 23.51 -32.15
CA THR C 67 -30.66 24.08 -30.83
C THR C 67 -31.91 23.57 -30.12
N ARG C 68 -33.02 23.53 -30.85
CA ARG C 68 -34.30 23.12 -30.27
C ARG C 68 -34.61 21.65 -30.53
N ILE C 69 -33.58 20.85 -30.75
CA ILE C 69 -33.75 19.41 -30.97
C ILE C 69 -33.12 18.59 -29.84
N THR C 70 -33.91 17.72 -29.23
CA THR C 70 -33.44 16.92 -28.12
C THR C 70 -32.55 15.76 -28.59
N LEU C 71 -31.33 15.74 -28.10
CA LEU C 71 -30.34 14.74 -28.51
C LEU C 71 -30.17 13.67 -27.43
N PRO C 72 -29.81 12.44 -27.83
CA PRO C 72 -29.68 11.31 -26.90
C PRO C 72 -28.58 11.52 -25.87
N THR C 73 -28.65 10.78 -24.75
CA THR C 73 -27.73 11.00 -23.65
C THR C 73 -26.32 10.44 -23.89
N PHE C 74 -26.17 9.55 -24.87
CA PHE C 74 -24.87 8.89 -25.04
C PHE C 74 -23.87 9.76 -25.80
N ILE C 75 -24.28 10.95 -26.21
CA ILE C 75 -23.36 11.91 -26.82
C ILE C 75 -23.06 13.06 -25.84
N LEU C 76 -23.44 12.87 -24.58
CA LEU C 76 -23.21 13.88 -23.55
C LEU C 76 -22.01 13.56 -22.68
N GLU C 77 -21.27 14.59 -22.30
CA GLU C 77 -20.28 14.45 -21.24
C GLU C 77 -20.93 14.86 -19.92
N LYS C 78 -20.18 14.76 -18.82
CA LYS C 78 -20.77 14.98 -17.51
C LYS C 78 -20.62 16.43 -17.02
N LYS C 79 -20.37 17.35 -17.95
CA LYS C 79 -20.31 18.77 -17.61
C LYS C 79 -21.46 19.54 -18.27
N SER C 80 -21.87 20.64 -17.67
CA SER C 80 -22.72 21.60 -18.37
C SER C 80 -21.79 22.55 -19.11
N MET C 81 -22.35 23.35 -20.01
CA MET C 81 -21.56 24.32 -20.75
C MET C 81 -20.86 25.29 -19.80
N LEU C 82 -21.52 25.58 -18.68
CA LEU C 82 -20.99 26.52 -17.69
C LEU C 82 -19.65 26.07 -17.13
N GLU C 83 -19.48 24.76 -16.92
CA GLU C 83 -18.24 24.22 -16.39
C GLU C 83 -17.25 23.94 -17.52
N ARG C 84 -17.77 23.57 -18.68
CA ARG C 84 -16.93 23.32 -19.86
C ARG C 84 -16.06 24.53 -20.20
N VAL C 85 -16.58 25.73 -19.96
CA VAL C 85 -15.81 26.95 -20.21
C VAL C 85 -14.54 26.99 -19.36
N THR C 86 -14.60 26.45 -18.15
CA THR C 86 -13.45 26.46 -17.23
C THR C 86 -12.30 25.60 -17.74
N ASN C 87 -12.57 24.71 -18.69
CA ASN C 87 -11.50 23.93 -19.33
C ASN C 87 -10.48 24.85 -19.98
N GLN C 88 -10.97 25.93 -20.56
CA GLN C 88 -10.12 26.86 -21.31
C GLN C 88 -9.33 27.79 -20.38
N LEU C 89 -9.48 27.60 -19.08
CA LEU C 89 -8.80 28.44 -18.10
C LEU C 89 -7.82 27.64 -17.25
N GLN C 90 -7.53 26.42 -17.68
CA GLN C 90 -6.72 25.50 -16.88
C GLN C 90 -5.21 25.71 -17.05
N PHE C 91 -4.82 26.79 -17.72
CA PHE C 91 -3.40 27.12 -17.83
C PHE C 91 -3.11 28.56 -17.40
N PRO C 92 -3.40 28.90 -16.14
CA PRO C 92 -3.22 30.29 -15.70
C PRO C 92 -1.73 30.68 -15.63
N GLU C 93 -0.85 29.69 -15.61
CA GLU C 93 0.59 29.94 -15.58
C GLU C 93 1.03 30.82 -16.75
N PHE C 94 0.53 30.54 -17.94
CA PHE C 94 0.84 31.32 -19.13
C PHE C 94 0.29 32.74 -18.99
N LEU C 95 -0.84 32.87 -18.32
CA LEU C 95 -1.51 34.15 -18.16
C LEU C 95 -0.77 35.03 -17.16
N LEU C 96 -0.33 34.43 -16.05
CA LEU C 96 0.50 35.13 -15.08
C LEU C 96 1.84 35.53 -15.71
N GLN C 97 2.35 34.64 -16.54
CA GLN C 97 3.58 34.87 -17.29
C GLN C 97 3.42 36.03 -18.26
N ALA C 98 2.24 36.10 -18.88
CA ALA C 98 1.89 37.21 -19.76
C ALA C 98 1.94 38.54 -19.01
N HIS C 99 1.31 38.56 -17.84
CA HIS C 99 1.20 39.78 -17.04
C HIS C 99 2.56 40.31 -16.60
N SER C 100 3.52 39.41 -16.36
CA SER C 100 4.83 39.79 -15.85
C SER C 100 5.81 40.14 -16.95
N GLU C 101 5.41 39.93 -18.21
CA GLU C 101 6.28 40.22 -19.34
C GLU C 101 6.25 41.72 -19.70
N LYS C 102 7.43 42.34 -19.75
CA LYS C 102 7.54 43.77 -19.95
C LYS C 102 7.39 44.19 -21.41
N ASP C 103 7.90 43.36 -22.32
CA ASP C 103 7.77 43.65 -23.74
C ASP C 103 6.35 43.41 -24.23
N PRO C 104 5.76 44.41 -24.90
CA PRO C 104 4.40 44.32 -25.44
C PRO C 104 4.20 43.14 -26.39
N LEU C 105 5.11 42.95 -27.33
CA LEU C 105 4.98 41.87 -28.31
C LEU C 105 5.07 40.50 -27.63
N LYS C 106 6.04 40.34 -26.74
CA LYS C 106 6.18 39.08 -26.01
C LYS C 106 4.96 38.83 -25.12
N ARG C 107 4.45 39.90 -24.52
CA ARG C 107 3.25 39.81 -23.69
C ARG C 107 2.09 39.31 -24.52
N PHE C 108 1.98 39.80 -25.74
CA PHE C 108 0.93 39.37 -26.66
C PHE C 108 1.05 37.88 -26.96
N LEU C 109 2.27 37.42 -27.23
CA LEU C 109 2.49 36.02 -27.55
C LEU C 109 2.04 35.11 -26.41
N TYR C 110 2.32 35.53 -25.17
CA TYR C 110 1.92 34.76 -24.00
C TYR C 110 0.41 34.70 -23.83
N VAL C 111 -0.27 35.82 -24.10
CA VAL C 111 -1.73 35.84 -24.07
C VAL C 111 -2.27 34.84 -25.10
N MET C 112 -1.65 34.83 -26.28
CA MET C 112 -2.02 33.89 -27.33
C MET C 112 -1.76 32.46 -26.88
N LYS C 113 -0.58 32.26 -26.28
CA LYS C 113 -0.20 30.96 -25.73
C LYS C 113 -1.24 30.47 -24.72
N TRP C 114 -1.64 31.35 -23.81
CA TRP C 114 -2.61 31.01 -22.78
C TRP C 114 -3.97 30.61 -23.37
N TYR C 115 -4.43 31.39 -24.35
CA TYR C 115 -5.75 31.18 -24.94
C TYR C 115 -5.82 29.91 -25.80
N LEU C 116 -4.71 29.59 -26.48
CA LEU C 116 -4.68 28.42 -27.35
C LEU C 116 -4.52 27.12 -26.57
N ALA C 117 -3.93 27.23 -25.38
CA ALA C 117 -3.60 26.06 -24.56
C ALA C 117 -4.84 25.28 -24.11
N GLY C 118 -5.93 25.98 -23.87
CA GLY C 118 -7.10 25.36 -23.25
C GLY C 118 -7.96 24.50 -24.15
N TRP C 119 -7.76 24.60 -25.46
CA TRP C 119 -8.68 23.97 -26.40
C TRP C 119 -8.49 22.45 -26.52
N HIS C 120 -7.30 21.95 -26.20
CA HIS C 120 -7.09 20.51 -26.25
C HIS C 120 -7.62 19.85 -24.97
N ILE C 121 -8.01 20.66 -23.99
CA ILE C 121 -8.66 20.14 -22.79
C ILE C 121 -10.12 19.84 -23.11
N ALA C 122 -10.36 18.66 -23.66
CA ALA C 122 -11.68 18.29 -24.13
C ALA C 122 -11.79 16.77 -24.19
N PRO C 123 -13.01 16.23 -24.04
CA PRO C 123 -13.20 14.78 -24.10
C PRO C 123 -12.64 14.16 -25.38
N LYS C 124 -12.06 12.98 -25.27
CA LYS C 124 -11.49 12.29 -26.42
C LYS C 124 -12.58 11.74 -27.33
N ALA C 125 -13.71 11.38 -26.73
CA ALA C 125 -14.86 10.89 -27.48
C ALA C 125 -15.63 12.05 -28.10
N VAL C 126 -16.54 11.73 -29.02
CA VAL C 126 -17.39 12.75 -29.63
C VAL C 126 -18.56 13.05 -28.68
N LYS C 127 -18.31 13.93 -27.72
CA LYS C 127 -19.31 14.25 -26.71
C LYS C 127 -19.47 15.76 -26.55
N LYS C 128 -20.65 16.18 -26.11
CA LYS C 128 -20.94 17.59 -25.91
C LYS C 128 -21.39 17.86 -24.48
N PRO C 129 -21.18 19.10 -24.00
CA PRO C 129 -21.66 19.45 -22.66
C PRO C 129 -23.18 19.53 -22.61
N LEU C 130 -23.74 19.42 -21.41
CA LEU C 130 -25.17 19.62 -21.22
C LEU C 130 -25.55 21.07 -21.54
N ASN C 131 -26.75 21.23 -22.11
CA ASN C 131 -27.30 22.55 -22.36
C ASN C 131 -27.91 23.12 -21.08
N PRO C 132 -27.26 24.15 -20.49
CA PRO C 132 -27.68 24.69 -19.20
C PRO C 132 -29.09 25.25 -19.22
N VAL C 133 -29.87 24.97 -18.18
CA VAL C 133 -31.21 25.53 -18.07
C VAL C 133 -31.13 27.03 -17.85
N LEU C 134 -32.25 27.72 -18.06
CA LEU C 134 -32.29 29.17 -17.89
C LEU C 134 -32.03 29.57 -16.44
N GLY C 135 -30.97 30.34 -16.23
CA GLY C 135 -30.66 30.83 -14.90
C GLY C 135 -29.72 29.94 -14.12
N GLU C 136 -29.31 28.82 -14.73
CA GLU C 136 -28.33 27.93 -14.13
C GLU C 136 -27.04 28.70 -13.88
N TYR C 137 -26.35 28.37 -12.80
CA TYR C 137 -25.11 29.05 -12.45
C TYR C 137 -24.04 28.05 -12.02
N PHE C 138 -22.80 28.49 -12.06
CA PHE C 138 -21.66 27.64 -11.70
C PHE C 138 -20.49 28.49 -11.24
N THR C 139 -19.97 28.18 -10.07
CA THR C 139 -18.81 28.89 -9.53
C THR C 139 -17.68 27.93 -9.21
N ALA C 140 -16.45 28.40 -9.40
CA ALA C 140 -15.27 27.59 -9.13
C ALA C 140 -14.09 28.50 -8.79
N TYR C 141 -13.03 27.89 -8.27
CA TYR C 141 -11.82 28.64 -7.95
C TYR C 141 -10.58 27.80 -8.15
N TRP C 142 -9.46 28.48 -8.38
CA TRP C 142 -8.16 27.82 -8.49
C TRP C 142 -7.26 28.22 -7.34
N ASP C 143 -6.49 27.25 -6.84
CA ASP C 143 -5.40 27.54 -5.92
C ASP C 143 -4.10 27.61 -6.70
N LEU C 144 -3.68 28.81 -7.04
CA LEU C 144 -2.51 29.01 -7.88
C LEU C 144 -1.21 28.69 -7.14
N PRO C 145 -0.18 28.23 -7.87
CA PRO C 145 1.12 27.87 -7.28
C PRO C 145 1.84 29.06 -6.62
N ASN C 146 1.36 30.28 -6.85
CA ASN C 146 1.94 31.45 -6.22
C ASN C 146 1.18 31.87 -4.97
N LYS C 147 0.44 30.92 -4.39
CA LYS C 147 -0.36 31.13 -3.19
C LYS C 147 -1.44 32.22 -3.37
N GLN C 148 -1.83 32.45 -4.62
CA GLN C 148 -2.97 33.31 -4.91
C GLN C 148 -4.15 32.46 -5.38
N GLN C 149 -5.30 33.09 -5.56
CA GLN C 149 -6.47 32.37 -6.04
C GLN C 149 -7.10 33.02 -7.27
N ALA C 150 -7.70 32.20 -8.12
CA ALA C 150 -8.49 32.70 -9.25
C ALA C 150 -9.96 32.36 -9.01
N TYR C 151 -10.84 33.32 -9.29
CA TYR C 151 -12.25 33.14 -9.03
C TYR C 151 -13.06 33.12 -10.33
N TYR C 152 -14.10 32.29 -10.37
CA TYR C 152 -14.91 32.12 -11.56
C TYR C 152 -16.39 32.10 -11.23
N ILE C 153 -17.16 32.92 -11.93
CA ILE C 153 -18.61 32.97 -11.78
C ILE C 153 -19.28 32.96 -13.14
N SER C 154 -20.30 32.12 -13.31
CA SER C 154 -21.01 32.03 -14.59
C SER C 154 -22.51 31.80 -14.43
N GLU C 155 -23.27 32.17 -15.46
CA GLU C 155 -24.72 32.00 -15.44
C GLU C 155 -25.26 31.86 -16.87
N GLN C 156 -26.24 30.98 -17.04
CA GLN C 156 -26.93 30.82 -18.32
C GLN C 156 -27.97 31.93 -18.45
N THR C 157 -27.65 32.96 -19.22
CA THR C 157 -28.48 34.15 -19.31
C THR C 157 -29.64 34.01 -20.28
N SER C 158 -29.57 33.01 -21.16
CA SER C 158 -30.60 32.80 -22.15
C SER C 158 -30.69 31.34 -22.59
N HIS C 159 -31.89 30.89 -22.92
CA HIS C 159 -32.13 29.51 -23.31
C HIS C 159 -32.55 29.44 -24.78
N HIS C 160 -33.46 30.33 -25.18
CA HIS C 160 -33.87 30.47 -26.58
C HIS C 160 -33.57 31.87 -27.08
N PRO C 161 -32.42 32.07 -27.73
CA PRO C 161 -31.36 31.10 -28.02
C PRO C 161 -30.42 30.92 -26.82
N PRO C 162 -29.63 29.83 -26.80
CA PRO C 162 -28.76 29.60 -25.64
C PRO C 162 -27.60 30.56 -25.56
N GLU C 163 -27.35 31.07 -24.36
CA GLU C 163 -26.23 31.98 -24.12
C GLU C 163 -25.84 31.97 -22.65
N CYS C 164 -24.54 31.95 -22.38
CA CYS C 164 -24.06 32.06 -21.02
C CYS C 164 -22.97 33.11 -20.90
N ALA C 165 -22.83 33.66 -19.70
CA ALA C 165 -21.82 34.68 -19.43
C ALA C 165 -20.92 34.21 -18.30
N TYR C 166 -19.65 34.59 -18.35
CA TYR C 166 -18.71 34.16 -17.31
C TYR C 166 -17.78 35.28 -16.89
N PHE C 167 -17.35 35.20 -15.64
CA PHE C 167 -16.48 36.18 -15.01
C PHE C 167 -15.32 35.48 -14.33
N TYR C 168 -14.10 35.91 -14.62
CA TYR C 168 -12.90 35.24 -14.13
C TYR C 168 -11.87 36.27 -13.72
N MET C 169 -11.36 36.17 -12.50
CA MET C 169 -10.46 37.19 -11.98
C MET C 169 -9.37 36.63 -11.06
N ILE C 170 -8.16 37.15 -11.24
CA ILE C 170 -7.08 36.93 -10.29
C ILE C 170 -6.66 38.30 -9.75
N PRO C 171 -7.41 38.82 -8.76
CA PRO C 171 -7.26 40.19 -8.26
C PRO C 171 -5.84 40.55 -7.84
N GLU C 172 -5.13 39.61 -7.23
CA GLU C 172 -3.80 39.89 -6.70
C GLU C 172 -2.75 40.02 -7.80
N SER C 173 -3.07 39.51 -8.99
CA SER C 173 -2.17 39.64 -10.13
C SER C 173 -2.76 40.60 -11.15
N SER C 174 -3.80 41.32 -10.72
CA SER C 174 -4.42 42.38 -11.51
C SER C 174 -4.96 41.88 -12.84
N ILE C 175 -5.49 40.66 -12.85
CA ILE C 175 -6.02 40.05 -14.07
C ILE C 175 -7.53 39.90 -14.01
N ARG C 176 -8.21 40.34 -15.07
CA ARG C 176 -9.66 40.19 -15.15
C ARG C 176 -10.12 39.71 -16.53
N VAL C 177 -11.00 38.72 -16.52
CA VAL C 177 -11.54 38.15 -17.75
C VAL C 177 -13.06 38.19 -17.75
N ASP C 178 -13.65 38.69 -18.84
CA ASP C 178 -15.09 38.65 -19.03
C ASP C 178 -15.39 38.04 -20.40
N GLY C 179 -16.43 37.23 -20.48
CA GLY C 179 -16.79 36.64 -21.75
C GLY C 179 -18.21 36.12 -21.86
N VAL C 180 -18.61 35.78 -23.07
CA VAL C 180 -19.90 35.14 -23.31
C VAL C 180 -19.72 33.98 -24.29
N VAL C 181 -20.62 33.00 -24.19
CA VAL C 181 -20.60 31.88 -25.13
C VAL C 181 -21.96 31.81 -25.82
N ILE C 182 -21.95 32.06 -27.13
CA ILE C 182 -23.17 32.06 -27.93
C ILE C 182 -23.09 31.04 -29.06
N PRO C 183 -23.61 29.83 -28.83
CA PRO C 183 -23.54 28.77 -29.84
C PRO C 183 -24.77 28.67 -30.74
N LYS C 184 -24.55 28.80 -32.05
CA LYS C 184 -25.61 28.63 -33.03
C LYS C 184 -25.42 27.32 -33.77
N SER C 185 -26.18 26.29 -33.39
CA SER C 185 -25.98 24.95 -33.94
C SER C 185 -26.84 24.67 -35.17
N ARG C 186 -26.21 24.18 -36.23
CA ARG C 186 -26.95 23.80 -37.44
C ARG C 186 -26.62 22.39 -37.90
N PHE C 187 -27.60 21.74 -38.52
CA PHE C 187 -27.39 20.44 -39.16
C PHE C 187 -26.94 20.63 -40.60
N LEU C 188 -25.85 19.99 -40.98
CA LEU C 188 -25.25 20.21 -42.29
C LEU C 188 -25.17 18.95 -43.15
N GLY C 189 -25.85 17.89 -42.72
CA GLY C 189 -25.82 16.64 -43.45
C GLY C 189 -24.91 15.62 -42.79
N ASN C 190 -23.80 15.31 -43.44
CA ASN C 190 -22.81 14.41 -42.85
C ASN C 190 -22.03 15.14 -41.76
N SER C 191 -22.19 16.45 -41.73
CA SER C 191 -21.56 17.28 -40.71
C SER C 191 -22.61 18.01 -39.88
N SER C 192 -22.18 18.55 -38.75
CA SER C 192 -22.98 19.50 -37.99
C SER C 192 -22.03 20.49 -37.35
N ALA C 193 -22.51 21.70 -37.08
CA ALA C 193 -21.63 22.74 -36.60
C ALA C 193 -22.28 23.62 -35.55
N ALA C 194 -21.53 23.87 -34.48
CA ALA C 194 -21.88 24.92 -33.53
C ALA C 194 -21.11 26.18 -33.89
N MET C 195 -21.79 27.13 -34.53
CA MET C 195 -21.17 28.41 -34.84
C MET C 195 -21.04 29.23 -33.57
N MET C 196 -19.84 29.72 -33.30
CA MET C 196 -19.56 30.39 -32.03
C MET C 196 -19.38 31.90 -32.21
N ASP C 197 -20.38 32.67 -31.79
CA ASP C 197 -20.34 34.12 -31.91
C ASP C 197 -19.91 34.80 -30.61
N GLY C 198 -19.59 33.99 -29.60
CA GLY C 198 -19.14 34.53 -28.33
C GLY C 198 -17.75 35.09 -28.41
N SER C 199 -17.30 35.75 -27.33
CA SER C 199 -15.94 36.25 -27.27
C SER C 199 -15.50 36.51 -25.83
N THR C 200 -14.23 36.86 -25.67
CA THR C 200 -13.64 37.10 -24.36
C THR C 200 -12.86 38.41 -24.33
N VAL C 201 -13.03 39.18 -23.26
CA VAL C 201 -12.23 40.37 -23.04
C VAL C 201 -11.25 40.17 -21.89
N LEU C 202 -9.97 40.26 -22.20
CA LEU C 202 -8.92 40.13 -21.18
C LEU C 202 -8.34 41.49 -20.82
N GLN C 203 -8.27 41.78 -19.53
CA GLN C 203 -7.72 43.06 -19.08
C GLN C 203 -6.60 42.89 -18.05
N PHE C 204 -5.53 43.65 -18.25
CA PHE C 204 -4.48 43.78 -17.25
C PHE C 204 -4.66 45.14 -16.57
N LEU C 205 -5.32 45.13 -15.42
CA LEU C 205 -5.75 46.35 -14.75
C LEU C 205 -4.62 47.32 -14.43
N ASP C 206 -3.44 46.79 -14.11
CA ASP C 206 -2.31 47.61 -13.73
C ASP C 206 -1.38 47.95 -14.89
N ILE C 207 -1.90 47.85 -16.11
CA ILE C 207 -1.13 48.21 -17.30
C ILE C 207 -1.95 49.15 -18.18
N LYS C 208 -1.62 50.44 -18.12
CA LYS C 208 -2.44 51.47 -18.76
C LYS C 208 -1.98 51.78 -20.18
N ASP C 209 -2.94 51.93 -21.10
CA ASP C 209 -2.64 52.26 -22.48
C ASP C 209 -2.54 53.77 -22.68
N GLY C 210 -2.92 54.22 -23.88
CA GLY C 210 -2.86 55.64 -24.22
C GLY C 210 -4.08 56.43 -23.77
N ASN C 211 -4.98 55.77 -23.05
CA ASN C 211 -6.15 56.44 -22.48
C ASN C 211 -6.18 56.32 -20.96
N GLY C 212 -5.12 55.76 -20.40
CA GLY C 212 -5.08 55.49 -18.97
C GLY C 212 -5.90 54.27 -18.61
N LYS C 213 -6.53 53.67 -19.62
CA LYS C 213 -7.36 52.48 -19.44
C LYS C 213 -6.50 51.23 -19.40
N PRO C 214 -6.93 50.20 -18.66
CA PRO C 214 -6.20 48.93 -18.60
C PRO C 214 -6.06 48.28 -19.98
N GLU C 215 -4.91 47.65 -20.21
CA GLU C 215 -4.62 47.00 -21.48
C GLU C 215 -5.64 45.90 -21.78
N LYS C 216 -6.31 46.01 -22.93
CA LYS C 216 -7.44 45.14 -23.24
C LYS C 216 -7.18 44.21 -24.42
N TYR C 217 -7.39 42.92 -24.20
CA TYR C 217 -7.31 41.93 -25.27
C TYR C 217 -8.71 41.40 -25.60
N VAL C 218 -9.06 41.41 -26.87
CA VAL C 218 -10.33 40.85 -27.31
C VAL C 218 -10.09 39.55 -28.09
N LEU C 219 -10.74 38.47 -27.66
CA LEU C 219 -10.49 37.16 -28.26
C LEU C 219 -11.78 36.48 -28.70
N THR C 220 -11.83 36.09 -29.98
CA THR C 220 -13.00 35.40 -30.52
C THR C 220 -12.82 33.89 -30.49
N GLN C 221 -13.87 33.16 -30.83
CA GLN C 221 -13.87 31.71 -30.73
C GLN C 221 -14.08 31.05 -32.09
N PRO C 222 -13.34 29.97 -32.36
CA PRO C 222 -13.53 29.24 -33.61
C PRO C 222 -14.80 28.39 -33.57
N ASN C 223 -15.33 28.05 -34.73
CA ASN C 223 -16.53 27.21 -34.81
C ASN C 223 -16.20 25.76 -34.43
N VAL C 224 -17.18 25.07 -33.85
CA VAL C 224 -16.99 23.69 -33.47
C VAL C 224 -17.76 22.76 -34.40
N TYR C 225 -17.03 21.95 -35.16
CA TYR C 225 -17.63 21.04 -36.12
C TYR C 225 -17.65 19.61 -35.63
N VAL C 226 -18.61 18.83 -36.14
CA VAL C 226 -18.55 17.38 -36.01
C VAL C 226 -18.69 16.77 -37.41
N ARG C 227 -17.68 16.01 -37.82
CA ARG C 227 -17.66 15.43 -39.16
C ARG C 227 -18.05 13.96 -39.10
N GLY C 228 -18.64 13.47 -40.19
CA GLY C 228 -19.02 12.07 -40.29
C GLY C 228 -20.07 11.64 -39.27
N ILE C 229 -21.18 12.37 -39.21
CA ILE C 229 -22.26 12.06 -38.28
C ILE C 229 -23.06 10.86 -38.75
N LEU C 230 -22.78 10.41 -39.98
CA LEU C 230 -23.45 9.26 -40.55
C LEU C 230 -22.49 8.33 -41.27
N PHE C 231 -21.52 8.93 -41.99
CA PHE C 231 -20.66 8.15 -42.86
C PHE C 231 -19.18 8.50 -42.67
N GLY C 232 -18.43 7.55 -42.11
CA GLY C 232 -16.99 7.71 -41.98
C GLY C 232 -16.51 7.83 -40.55
N LYS C 233 -15.31 8.41 -40.40
CA LYS C 233 -14.72 8.62 -39.09
C LYS C 233 -15.33 9.83 -38.39
N MET C 234 -16.17 9.57 -37.40
CA MET C 234 -16.80 10.66 -36.66
C MET C 234 -15.82 11.32 -35.71
N ARG C 235 -15.77 12.64 -35.76
CA ARG C 235 -14.76 13.39 -35.02
C ARG C 235 -15.21 14.83 -34.79
N ILE C 236 -14.59 15.47 -33.80
CA ILE C 236 -14.84 16.88 -33.54
C ILE C 236 -13.68 17.71 -34.07
N GLU C 237 -14.00 18.76 -34.81
CA GLU C 237 -12.97 19.64 -35.36
C GLU C 237 -13.24 21.10 -35.02
N LEU C 238 -12.17 21.85 -34.83
CA LEU C 238 -12.27 23.30 -34.70
C LEU C 238 -12.02 23.92 -36.07
N GLY C 239 -12.84 24.91 -36.43
CA GLY C 239 -12.73 25.48 -37.76
C GLY C 239 -12.87 26.99 -37.86
N ASP C 240 -12.42 27.51 -39.00
CA ASP C 240 -12.58 28.91 -39.39
C ASP C 240 -11.69 29.86 -38.59
N HIS C 241 -12.00 31.15 -38.65
CA HIS C 241 -11.07 32.18 -38.18
C HIS C 241 -11.27 32.63 -36.74
N MET C 242 -10.16 32.74 -36.01
CA MET C 242 -10.15 33.25 -34.65
C MET C 242 -9.38 34.57 -34.60
N ILE C 243 -9.92 35.56 -33.90
CA ILE C 243 -9.28 36.87 -33.81
C ILE C 243 -8.78 37.15 -32.40
N ILE C 244 -7.58 37.72 -32.30
CA ILE C 244 -7.07 38.23 -31.02
C ILE C 244 -6.54 39.64 -31.20
N LYS C 245 -7.20 40.62 -30.56
CA LYS C 245 -6.84 42.03 -30.75
C LYS C 245 -6.36 42.71 -29.48
N SER C 246 -5.21 43.37 -29.56
CA SER C 246 -4.69 44.18 -28.47
C SER C 246 -4.48 45.60 -28.99
N PRO C 247 -4.22 46.56 -28.09
CA PRO C 247 -3.99 47.95 -28.55
C PRO C 247 -2.90 48.09 -29.61
N ASN C 248 -1.89 47.22 -29.59
CA ASN C 248 -0.76 47.38 -30.48
C ASN C 248 -0.54 46.21 -31.43
N PHE C 249 -1.16 45.08 -31.13
CA PHE C 249 -0.98 43.90 -31.98
C PHE C 249 -2.28 43.14 -32.20
N GLN C 250 -2.31 42.36 -33.28
CA GLN C 250 -3.46 41.54 -33.62
C GLN C 250 -3.01 40.24 -34.24
N ALA C 251 -3.85 39.22 -34.13
CA ALA C 251 -3.56 37.92 -34.72
C ALA C 251 -4.80 37.32 -35.37
N ASP C 252 -4.69 36.97 -36.64
CA ASP C 252 -5.77 36.24 -37.30
C ASP C 252 -5.35 34.79 -37.46
N ILE C 253 -6.02 33.90 -36.74
CA ILE C 253 -5.68 32.48 -36.78
C ILE C 253 -6.78 31.68 -37.46
N GLU C 254 -6.40 30.90 -38.46
CA GLU C 254 -7.36 30.02 -39.12
C GLU C 254 -7.21 28.59 -38.64
N PHE C 255 -8.33 27.97 -38.28
CA PHE C 255 -8.35 26.56 -37.88
C PHE C 255 -8.79 25.72 -39.07
N LYS C 256 -7.87 24.93 -39.61
CA LYS C 256 -8.15 24.09 -40.76
C LYS C 256 -9.15 23.00 -40.41
N THR C 257 -10.18 22.88 -41.24
CA THR C 257 -11.18 21.83 -41.08
C THR C 257 -11.71 21.44 -42.45
N LYS C 258 -12.06 20.17 -42.62
CA LYS C 258 -12.61 19.71 -43.89
C LYS C 258 -13.54 18.52 -43.71
N GLY C 259 -14.47 18.37 -44.64
CA GLY C 259 -15.44 17.29 -44.59
C GLY C 259 -14.92 16.01 -45.23
N TYR C 260 -13.60 15.92 -45.39
CA TYR C 260 -12.97 14.69 -45.86
C TYR C 260 -13.34 13.54 -44.94
N VAL C 261 -13.99 12.52 -45.51
CA VAL C 261 -14.56 11.43 -44.72
C VAL C 261 -13.51 10.69 -43.87
N PHE C 262 -12.25 10.68 -44.30
CA PHE C 262 -11.19 10.01 -43.55
C PHE C 262 -10.09 10.96 -43.09
N GLY C 263 -9.43 10.61 -42.00
CA GLY C 263 -8.33 11.39 -41.46
C GLY C 263 -8.76 12.43 -40.44
N THR C 264 -7.78 13.10 -39.85
CA THR C 264 -8.05 14.18 -38.90
C THR C 264 -7.37 15.46 -39.37
N TYR C 265 -8.04 16.59 -39.20
CA TYR C 265 -7.53 17.88 -39.64
C TYR C 265 -7.55 18.91 -38.52
N ASP C 266 -6.43 19.05 -37.82
CA ASP C 266 -6.36 19.92 -36.65
C ASP C 266 -5.26 20.99 -36.76
N ALA C 267 -4.93 21.38 -37.98
CA ALA C 267 -3.87 22.37 -38.18
C ALA C 267 -4.37 23.80 -37.97
N ILE C 268 -3.49 24.67 -37.53
CA ILE C 268 -3.77 26.10 -37.44
C ILE C 268 -2.76 26.86 -38.27
N GLU C 269 -3.15 28.05 -38.74
CA GLU C 269 -2.26 28.88 -39.54
C GLU C 269 -2.63 30.35 -39.40
N GLY C 270 -1.78 31.11 -38.73
CA GLY C 270 -2.07 32.51 -38.49
C GLY C 270 -0.85 33.41 -38.47
N THR C 271 -1.11 34.72 -38.38
CA THR C 271 -0.05 35.72 -38.40
C THR C 271 -0.23 36.75 -37.29
N VAL C 272 0.85 37.05 -36.59
CA VAL C 272 0.83 38.14 -35.61
C VAL C 272 1.29 39.43 -36.29
N LYS C 273 0.44 40.44 -36.27
CA LYS C 273 0.75 41.69 -36.95
C LYS C 273 0.49 42.89 -36.07
N ASP C 274 0.90 44.07 -36.54
CA ASP C 274 0.45 45.32 -35.96
C ASP C 274 -0.66 45.87 -36.84
N TYR C 275 -1.05 47.13 -36.62
CA TYR C 275 -2.14 47.70 -37.39
C TYR C 275 -1.61 48.59 -38.51
N ASP C 276 -0.36 48.37 -38.90
CA ASP C 276 0.25 49.16 -39.97
C ASP C 276 0.86 48.27 -41.06
N GLY C 277 0.50 46.99 -41.05
CA GLY C 277 0.91 46.08 -42.10
C GLY C 277 2.26 45.40 -41.88
N ASN C 278 2.68 45.32 -40.63
CA ASN C 278 3.94 44.64 -40.32
C ASN C 278 3.71 43.28 -39.67
N ALA C 279 4.18 42.24 -40.35
CA ALA C 279 4.05 40.87 -39.84
C ALA C 279 5.27 40.48 -39.01
N TYR C 280 5.04 40.15 -37.74
CA TYR C 280 6.13 39.79 -36.86
C TYR C 280 6.31 38.27 -36.76
N TYR C 281 5.20 37.55 -36.63
CA TYR C 281 5.28 36.10 -36.47
C TYR C 281 4.24 35.34 -37.29
N GLU C 282 4.59 34.11 -37.62
CA GLU C 282 3.67 33.19 -38.28
C GLU C 282 3.50 31.96 -37.41
N ILE C 283 2.26 31.61 -37.09
CA ILE C 283 2.01 30.46 -36.22
C ILE C 283 1.51 29.27 -37.05
N SER C 284 1.89 28.07 -36.61
CA SER C 284 1.54 26.85 -37.33
C SER C 284 1.53 25.65 -36.40
N GLY C 285 1.20 24.48 -36.96
CA GLY C 285 1.14 23.26 -36.17
C GLY C 285 -0.28 22.83 -35.84
N LYS C 286 -0.43 22.01 -34.82
CA LYS C 286 -1.74 21.51 -34.41
C LYS C 286 -2.12 21.97 -33.01
N TRP C 287 -3.40 22.34 -32.84
CA TRP C 287 -3.87 22.84 -31.55
C TRP C 287 -4.02 21.72 -30.52
N ASN C 288 -4.00 20.47 -30.98
CA ASN C 288 -4.04 19.34 -30.06
C ASN C 288 -2.74 18.55 -30.07
N ASP C 289 -1.65 19.21 -30.44
CA ASP C 289 -0.33 18.59 -30.43
C ASP C 289 0.75 19.63 -30.17
N VAL C 290 1.50 19.99 -31.20
CA VAL C 290 2.55 20.99 -31.07
C VAL C 290 2.32 22.19 -32.00
N MET C 291 2.51 23.39 -31.46
CA MET C 291 2.35 24.61 -32.24
C MET C 291 3.65 25.39 -32.30
N TYR C 292 3.93 26.01 -33.44
CA TYR C 292 5.21 26.66 -33.67
C TYR C 292 5.07 28.13 -34.06
N LEU C 293 6.10 28.91 -33.76
CA LEU C 293 6.19 30.29 -34.23
C LEU C 293 7.39 30.47 -35.14
N LYS C 294 7.17 31.05 -36.31
CA LYS C 294 8.28 31.39 -37.21
C LYS C 294 8.51 32.90 -37.22
N ASP C 295 9.69 33.32 -36.78
CA ASP C 295 10.04 34.74 -36.77
C ASP C 295 10.12 35.26 -38.20
N LEU C 296 9.27 36.22 -38.54
CA LEU C 296 9.20 36.73 -39.89
C LEU C 296 10.18 37.88 -40.13
N LYS C 297 10.82 38.34 -39.05
CA LYS C 297 11.83 39.38 -39.18
C LYS C 297 13.12 38.76 -39.70
N GLN C 298 13.62 37.77 -38.99
CA GLN C 298 14.76 36.98 -39.45
C GLN C 298 14.29 35.94 -40.46
N PRO C 299 14.58 36.17 -41.75
CA PRO C 299 14.05 35.31 -42.81
C PRO C 299 14.79 33.97 -42.92
N ARG C 300 14.14 33.02 -43.59
CA ARG C 300 14.67 31.66 -43.77
C ARG C 300 14.94 30.95 -42.44
N SER C 301 14.32 31.44 -41.38
CA SER C 301 14.43 30.81 -40.08
C SER C 301 13.41 29.69 -39.93
N SER C 302 13.75 28.66 -39.18
CA SER C 302 12.85 27.54 -38.97
C SER C 302 11.84 27.85 -37.87
N PRO C 303 10.62 27.31 -37.99
CA PRO C 303 9.61 27.44 -36.93
C PRO C 303 10.08 26.81 -35.62
N LYS C 304 10.03 27.57 -34.54
CA LYS C 304 10.45 27.06 -33.23
C LYS C 304 9.24 26.66 -32.39
N VAL C 305 9.45 25.72 -31.46
CA VAL C 305 8.38 25.23 -30.60
C VAL C 305 7.77 26.35 -29.76
N PHE C 306 6.48 26.59 -29.94
CA PHE C 306 5.77 27.65 -29.23
C PHE C 306 4.94 27.07 -28.10
N LEU C 307 4.13 26.06 -28.41
CA LEU C 307 3.28 25.43 -27.41
C LEU C 307 3.15 23.93 -27.66
N ASP C 308 3.79 23.14 -26.81
CA ASP C 308 3.65 21.70 -26.83
C ASP C 308 2.58 21.30 -25.82
N THR C 309 1.48 20.74 -26.30
CA THR C 309 0.37 20.40 -25.42
C THR C 309 0.62 19.13 -24.63
N HIS C 310 1.80 18.53 -24.80
CA HIS C 310 2.17 17.34 -24.03
C HIS C 310 3.11 17.69 -22.88
N LYS C 311 3.56 18.94 -22.83
CA LYS C 311 4.56 19.35 -21.86
C LYS C 311 3.94 19.86 -20.56
N GLU C 312 3.23 20.98 -20.65
CA GLU C 312 2.65 21.61 -19.45
C GLU C 312 1.43 20.85 -18.93
N SER C 313 1.30 20.82 -17.61
CA SER C 313 0.17 20.16 -16.95
C SER C 313 -0.94 21.16 -16.63
N PRO C 314 -2.18 20.83 -17.03
CA PRO C 314 -3.32 21.70 -16.74
C PRO C 314 -3.60 21.80 -15.25
N LEU C 315 -4.26 22.88 -14.83
CA LEU C 315 -4.66 23.06 -13.44
C LEU C 315 -6.18 23.05 -13.32
N ARG C 316 -6.71 21.96 -12.78
CA ARG C 316 -8.15 21.79 -12.66
C ARG C 316 -8.76 22.73 -11.62
N PRO C 317 -9.98 23.21 -11.87
CA PRO C 317 -10.69 24.07 -10.92
C PRO C 317 -11.17 23.29 -9.69
N LYS C 318 -11.32 23.99 -8.56
CA LYS C 318 -11.91 23.39 -7.37
C LYS C 318 -13.33 23.92 -7.19
N VAL C 319 -14.19 23.10 -6.62
CA VAL C 319 -15.60 23.46 -6.46
C VAL C 319 -16.12 23.05 -5.08
N ARG C 320 -16.90 23.94 -4.46
CA ARG C 320 -17.60 23.67 -3.21
C ARG C 320 -18.27 22.31 -3.16
N PRO C 321 -18.39 21.74 -1.93
CA PRO C 321 -19.10 20.47 -1.73
C PRO C 321 -20.55 20.57 -2.19
N LEU C 322 -21.16 19.44 -2.56
CA LEU C 322 -22.54 19.43 -3.03
C LEU C 322 -23.51 19.97 -1.99
N SER C 323 -23.22 19.72 -0.72
CA SER C 323 -24.10 20.14 0.36
C SER C 323 -24.25 21.66 0.47
N GLU C 324 -23.29 22.40 -0.10
CA GLU C 324 -23.30 23.85 -0.03
C GLU C 324 -23.77 24.49 -1.33
N GLN C 325 -24.17 23.66 -2.29
CA GLN C 325 -24.57 24.14 -3.60
C GLN C 325 -26.08 24.32 -3.74
N GLY C 326 -26.47 25.36 -4.46
CA GLY C 326 -27.88 25.66 -4.67
C GLY C 326 -28.56 24.68 -5.60
N GLU C 327 -29.89 24.68 -5.56
CA GLU C 327 -30.70 23.73 -6.32
C GLU C 327 -30.47 23.82 -7.83
N TYR C 328 -30.12 25.01 -8.31
CA TYR C 328 -29.89 25.22 -9.74
C TYR C 328 -28.42 25.47 -10.06
N GLU C 329 -27.55 25.11 -9.12
CA GLU C 329 -26.12 25.06 -9.37
C GLU C 329 -25.83 23.83 -10.22
N SER C 330 -24.97 23.98 -11.22
CA SER C 330 -24.79 23.01 -12.30
C SER C 330 -24.63 21.56 -11.85
N ARG C 331 -23.63 21.29 -11.03
CA ARG C 331 -23.34 19.91 -10.62
C ARG C 331 -24.47 19.31 -9.80
N LYS C 332 -25.06 20.12 -8.91
CA LYS C 332 -26.16 19.62 -8.09
C LYS C 332 -27.40 19.38 -8.95
N LEU C 333 -27.73 20.33 -9.82
CA LEU C 333 -28.88 20.22 -10.70
C LEU C 333 -28.82 18.97 -11.58
N TRP C 334 -27.65 18.72 -12.16
CA TRP C 334 -27.47 17.62 -13.11
C TRP C 334 -26.96 16.34 -12.46
N LYS C 335 -27.00 16.28 -11.13
CA LYS C 335 -26.42 15.17 -10.39
C LYS C 335 -26.99 13.81 -10.81
N LYS C 336 -28.32 13.72 -10.84
CA LYS C 336 -28.98 12.46 -11.18
C LYS C 336 -28.73 12.06 -12.62
N VAL C 337 -28.50 13.04 -13.48
CA VAL C 337 -28.20 12.77 -14.88
C VAL C 337 -26.75 12.31 -15.03
N THR C 338 -25.82 13.03 -14.39
CA THR C 338 -24.40 12.68 -14.49
C THR C 338 -24.07 11.42 -13.70
N ASP C 339 -24.86 11.10 -12.68
CA ASP C 339 -24.69 9.85 -11.95
C ASP C 339 -24.96 8.67 -12.88
N ALA C 340 -26.05 8.79 -13.64
CA ALA C 340 -26.45 7.73 -14.57
C ALA C 340 -25.45 7.59 -15.70
N LEU C 341 -24.94 8.72 -16.20
CA LEU C 341 -23.94 8.70 -17.26
C LEU C 341 -22.64 8.04 -16.80
N ALA C 342 -22.36 8.15 -15.50
CA ALA C 342 -21.16 7.56 -14.92
C ALA C 342 -21.23 6.03 -14.89
N VAL C 343 -22.42 5.51 -14.67
CA VAL C 343 -22.63 4.07 -14.69
C VAL C 343 -23.20 3.62 -16.03
N ARG C 344 -23.25 4.54 -16.98
CA ARG C 344 -23.74 4.27 -18.34
C ARG C 344 -25.17 3.73 -18.37
N ASN C 345 -26.00 4.22 -17.44
CA ASN C 345 -27.41 3.86 -17.44
C ASN C 345 -28.23 4.91 -18.19
N HIS C 346 -28.17 4.84 -19.51
CA HIS C 346 -28.82 5.84 -20.36
C HIS C 346 -30.36 5.91 -20.25
N PRO C 347 -31.04 4.76 -20.04
CA PRO C 347 -32.48 4.90 -19.78
C PRO C 347 -32.80 5.78 -18.57
N VAL C 348 -32.01 5.65 -17.50
CA VAL C 348 -32.19 6.50 -16.33
C VAL C 348 -31.74 7.93 -16.64
N ALA C 349 -30.60 8.06 -17.32
CA ALA C 349 -30.08 9.35 -17.72
C ALA C 349 -31.09 10.16 -18.52
N THR C 350 -31.70 9.51 -19.51
CA THR C 350 -32.69 10.15 -20.38
C THR C 350 -33.90 10.64 -19.59
N GLU C 351 -34.38 9.80 -18.67
CA GLU C 351 -35.55 10.14 -17.87
C GLU C 351 -35.25 11.28 -16.91
N GLU C 352 -34.09 11.22 -16.25
CA GLU C 352 -33.70 12.27 -15.32
C GLU C 352 -33.45 13.59 -16.06
N LYS C 353 -32.92 13.49 -17.28
CA LYS C 353 -32.70 14.65 -18.13
C LYS C 353 -34.04 15.24 -18.57
N PHE C 354 -35.00 14.36 -18.87
CA PHE C 354 -36.32 14.80 -19.29
C PHE C 354 -37.04 15.53 -18.16
N GLN C 355 -36.83 15.07 -16.93
CA GLN C 355 -37.50 15.66 -15.78
C GLN C 355 -37.10 17.13 -15.61
N ILE C 356 -35.81 17.39 -15.77
CA ILE C 356 -35.28 18.75 -15.68
C ILE C 356 -35.80 19.61 -16.82
N GLU C 357 -35.73 19.08 -18.05
CA GLU C 357 -36.13 19.81 -19.25
C GLU C 357 -37.60 20.18 -19.23
N ASP C 358 -38.44 19.25 -18.77
CA ASP C 358 -39.89 19.47 -18.78
C ASP C 358 -40.32 20.51 -17.75
N HIS C 359 -39.66 20.52 -16.60
CA HIS C 359 -39.96 21.50 -15.56
C HIS C 359 -39.62 22.91 -16.03
N GLN C 360 -38.56 23.04 -16.83
CA GLN C 360 -38.17 24.32 -17.39
C GLN C 360 -39.21 24.83 -18.38
N ARG C 361 -39.88 23.90 -19.06
CA ARG C 361 -40.96 24.26 -19.95
C ARG C 361 -42.16 24.75 -19.15
N GLN C 362 -42.46 24.05 -18.06
CA GLN C 362 -43.55 24.43 -17.17
C GLN C 362 -43.30 25.80 -16.59
N LEU C 363 -42.04 26.08 -16.26
CA LEU C 363 -41.65 27.38 -15.74
C LEU C 363 -41.84 28.47 -16.79
N ALA C 364 -41.50 28.16 -18.03
CA ALA C 364 -41.60 29.11 -19.12
C ALA C 364 -43.05 29.45 -19.43
N LYS C 365 -43.91 28.43 -19.37
CA LYS C 365 -45.34 28.62 -19.56
C LYS C 365 -45.91 29.54 -18.50
N LYS C 366 -45.49 29.35 -17.26
CA LYS C 366 -45.95 30.14 -16.13
C LYS C 366 -45.56 31.60 -16.27
N ARG C 367 -44.39 31.85 -16.86
CA ARG C 367 -43.92 33.22 -17.08
C ARG C 367 -44.84 33.97 -18.05
N ILE C 368 -45.29 33.27 -19.09
CA ILE C 368 -46.20 33.84 -20.07
C ILE C 368 -47.55 34.15 -19.46
N GLU C 369 -48.05 33.21 -18.64
CA GLU C 369 -49.33 33.37 -17.98
C GLU C 369 -49.32 34.53 -16.98
N ASP C 370 -48.15 34.80 -16.42
CA ASP C 370 -48.01 35.89 -15.46
C ASP C 370 -47.53 37.17 -16.14
N GLY C 371 -47.28 37.09 -17.44
CA GLY C 371 -46.84 38.23 -18.21
C GLY C 371 -45.51 38.80 -17.75
N VAL C 372 -44.65 37.93 -17.22
CA VAL C 372 -43.34 38.35 -16.74
C VAL C 372 -42.22 37.79 -17.61
N GLU C 373 -40.99 38.18 -17.30
CA GLU C 373 -39.83 37.70 -18.04
C GLU C 373 -38.69 37.32 -17.10
N PHE C 374 -37.87 36.36 -17.53
CA PHE C 374 -36.70 35.97 -16.75
C PHE C 374 -35.64 37.06 -16.76
N HIS C 375 -35.02 37.29 -15.60
CA HIS C 375 -33.91 38.23 -15.50
C HIS C 375 -32.72 37.55 -14.81
N PRO C 376 -31.53 37.68 -15.39
CA PRO C 376 -30.31 37.09 -14.82
C PRO C 376 -30.07 37.57 -13.39
N LYS C 377 -29.45 36.72 -12.57
CA LYS C 377 -29.19 37.07 -11.18
C LYS C 377 -27.84 37.74 -10.98
N LEU C 378 -26.89 37.44 -11.86
CA LEU C 378 -25.51 37.85 -11.63
C LEU C 378 -24.96 38.75 -12.74
N PHE C 379 -25.62 38.77 -13.89
CA PHE C 379 -25.12 39.53 -15.02
C PHE C 379 -26.13 40.55 -15.53
N ARG C 380 -25.66 41.80 -15.69
CA ARG C 380 -26.49 42.86 -16.27
C ARG C 380 -26.36 42.89 -17.78
N ARG C 381 -27.41 43.35 -18.46
CA ARG C 381 -27.34 43.63 -19.87
C ARG C 381 -26.34 44.76 -20.10
N SER C 382 -25.64 44.73 -21.23
CA SER C 382 -24.65 45.76 -21.51
C SER C 382 -25.25 46.99 -22.18
N LYS C 383 -24.58 48.13 -21.98
CA LYS C 383 -24.93 49.34 -22.69
C LYS C 383 -24.58 49.18 -24.17
N PRO C 384 -25.30 49.87 -25.06
CA PRO C 384 -25.06 49.69 -26.49
C PRO C 384 -23.66 50.12 -26.91
N GLY C 385 -22.99 49.28 -27.70
CA GLY C 385 -21.66 49.59 -28.19
C GLY C 385 -20.54 49.02 -27.35
N GLU C 386 -20.88 48.13 -26.41
CA GLU C 386 -19.88 47.49 -25.57
C GLU C 386 -19.49 46.13 -26.14
N ASP C 387 -18.43 45.54 -25.58
CA ASP C 387 -17.84 44.32 -26.13
C ASP C 387 -18.71 43.07 -25.98
N LEU C 388 -19.38 42.94 -24.84
CA LEU C 388 -20.14 41.72 -24.57
C LEU C 388 -21.61 42.02 -24.30
N ASP C 389 -22.48 41.10 -24.71
CA ASP C 389 -23.91 41.23 -24.45
C ASP C 389 -24.20 41.32 -22.96
N TYR C 390 -23.35 40.68 -22.16
CA TYR C 390 -23.54 40.65 -20.72
C TYR C 390 -22.25 40.91 -19.96
N CYS C 391 -22.42 41.28 -18.70
CA CYS C 391 -21.29 41.61 -17.82
CA CYS C 391 -21.28 41.55 -17.82
C CYS C 391 -21.72 41.47 -16.36
N ILE C 392 -20.81 41.01 -15.51
CA ILE C 392 -21.10 40.81 -14.08
C ILE C 392 -21.63 42.12 -13.46
N TYR C 393 -22.67 41.99 -12.63
CA TYR C 393 -23.37 43.17 -12.13
C TYR C 393 -22.50 43.97 -11.16
N LYS C 394 -21.72 43.26 -10.35
CA LYS C 394 -20.94 43.88 -9.30
C LYS C 394 -19.91 44.84 -9.85
N ASN C 395 -19.79 46.00 -9.23
CA ASN C 395 -18.82 47.00 -9.62
C ASN C 395 -17.47 46.77 -8.94
N ILE C 396 -16.47 46.36 -9.72
CA ILE C 396 -15.13 46.18 -9.20
C ILE C 396 -14.18 47.18 -9.84
N PRO C 397 -13.86 48.26 -9.11
CA PRO C 397 -13.00 49.35 -9.59
C PRO C 397 -11.60 48.87 -9.98
N VAL C 398 -11.09 49.43 -11.07
CA VAL C 398 -9.79 49.05 -11.62
C VAL C 398 -8.66 49.24 -10.60
N ASP C 399 -8.63 50.41 -9.97
CA ASP C 399 -7.53 50.76 -9.06
C ASP C 399 -7.85 50.44 -7.60
N GLU C 400 -8.83 49.57 -7.38
CA GLU C 400 -9.21 49.19 -6.02
C GLU C 400 -8.21 48.19 -5.44
N ASP C 401 -8.02 48.24 -4.13
CA ASP C 401 -7.14 47.31 -3.42
C ASP C 401 -7.58 45.87 -3.69
N PRO C 402 -6.64 45.03 -4.15
CA PRO C 402 -6.87 43.61 -4.46
C PRO C 402 -7.62 42.88 -3.34
N GLU C 403 -7.24 43.14 -2.09
CA GLU C 403 -7.89 42.53 -0.95
C GLU C 403 -9.36 42.94 -0.87
N LYS C 404 -9.65 44.18 -1.26
CA LYS C 404 -11.03 44.69 -1.26
C LYS C 404 -11.78 44.19 -2.50
N GLN C 405 -11.04 43.92 -3.57
CA GLN C 405 -11.63 43.35 -4.79
C GLN C 405 -12.13 41.93 -4.53
N ILE C 406 -11.32 41.15 -3.83
CA ILE C 406 -11.67 39.78 -3.52
C ILE C 406 -12.95 39.73 -2.68
N ARG C 407 -13.08 40.66 -1.74
CA ARG C 407 -14.27 40.73 -0.90
C ARG C 407 -15.52 40.95 -1.74
N SER C 408 -15.44 41.87 -2.70
CA SER C 408 -16.57 42.19 -3.56
C SER C 408 -16.99 40.98 -4.38
N ILE C 409 -16.00 40.25 -4.91
CA ILE C 409 -16.27 39.05 -5.70
C ILE C 409 -17.02 38.01 -4.88
N LEU C 410 -16.58 37.81 -3.65
CA LEU C 410 -17.15 36.78 -2.80
C LEU C 410 -18.54 37.14 -2.27
N GLN C 411 -18.95 38.39 -2.49
CA GLN C 411 -20.30 38.82 -2.12
C GLN C 411 -21.30 38.53 -3.23
N ILE C 412 -20.79 38.31 -4.44
CA ILE C 412 -21.62 38.06 -5.60
C ILE C 412 -22.32 36.71 -5.53
N ALA C 413 -21.58 35.68 -5.12
CA ALA C 413 -22.10 34.33 -5.05
C ALA C 413 -21.19 33.48 -4.16
N PRO C 414 -21.73 32.39 -3.59
CA PRO C 414 -20.87 31.46 -2.85
C PRO C 414 -19.85 30.79 -3.76
N ILE C 415 -18.57 30.94 -3.47
CA ILE C 415 -17.52 30.36 -4.29
C ILE C 415 -16.62 29.43 -3.49
N LEU C 416 -16.18 29.90 -2.33
CA LEU C 416 -15.27 29.13 -1.47
C LEU C 416 -16.04 28.26 -0.50
N PRO C 417 -15.43 27.14 -0.05
CA PRO C 417 -16.05 26.26 0.94
C PRO C 417 -16.41 27.01 2.22
N GLY C 418 -17.65 26.89 2.67
CA GLY C 418 -18.09 27.54 3.89
C GLY C 418 -18.99 28.74 3.66
N GLN C 419 -18.99 29.27 2.44
CA GLN C 419 -19.84 30.41 2.11
C GLN C 419 -21.31 29.99 2.06
N GLN C 420 -22.19 30.94 2.36
CA GLN C 420 -23.63 30.70 2.37
C GLN C 420 -24.35 31.59 1.36
N PHE C 421 -25.55 31.17 0.97
CA PHE C 421 -26.41 32.00 0.15
C PHE C 421 -27.14 33.03 1.01
N THR C 422 -27.50 34.14 0.40
CA THR C 422 -28.42 35.10 1.02
C THR C 422 -29.51 35.42 0.01
N ASP C 423 -30.51 36.17 0.43
CA ASP C 423 -31.61 36.53 -0.46
C ASP C 423 -31.10 37.39 -1.62
N LYS C 424 -30.05 38.16 -1.36
CA LYS C 424 -29.50 39.09 -2.34
C LYS C 424 -29.02 38.38 -3.62
N PHE C 425 -28.59 37.14 -3.47
CA PHE C 425 -28.16 36.34 -4.61
C PHE C 425 -29.29 36.14 -5.61
N PHE C 426 -30.48 35.87 -5.09
CA PHE C 426 -31.63 35.51 -5.94
C PHE C 426 -32.37 36.74 -6.46
N ILE C 427 -31.98 37.90 -5.97
CA ILE C 427 -32.50 39.15 -6.50
C ILE C 427 -31.89 39.39 -7.88
N PRO C 428 -32.74 39.66 -8.89
CA PRO C 428 -32.28 39.93 -10.26
C PRO C 428 -31.20 41.01 -10.33
N ALA C 429 -30.31 40.88 -11.31
CA ALA C 429 -29.15 41.76 -11.43
C ALA C 429 -29.53 43.22 -11.67
N PHE C 430 -30.60 43.45 -12.43
CA PHE C 430 -31.01 44.82 -12.73
C PHE C 430 -31.57 45.50 -11.49
N GLU C 431 -32.12 44.70 -10.58
CA GLU C 431 -32.61 45.23 -9.31
C GLU C 431 -31.45 45.63 -8.40
N LYS C 432 -30.37 44.85 -8.45
CA LYS C 432 -29.22 45.09 -7.60
C LYS C 432 -28.39 46.29 -8.03
N ILE C 433 -28.23 46.47 -9.35
CA ILE C 433 -27.36 47.51 -9.86
C ILE C 433 -27.90 48.91 -9.54
N LYS C 434 -29.22 49.04 -9.43
CA LYS C 434 -29.81 50.31 -9.02
C LYS C 434 -29.92 50.38 -7.49
N SER C 435 -28.77 50.31 -6.83
CA SER C 435 -28.69 50.41 -5.38
C SER C 435 -27.30 50.87 -4.95
N ASP D 38 -3.98 -37.85 49.97
CA ASP D 38 -4.16 -36.51 49.39
C ASP D 38 -5.62 -36.23 49.08
N THR D 39 -6.15 -35.14 49.66
CA THR D 39 -7.55 -34.80 49.51
C THR D 39 -7.92 -34.44 48.08
N ASP D 40 -6.91 -34.14 47.26
CA ASP D 40 -7.13 -33.89 45.85
C ASP D 40 -7.72 -35.10 45.13
N ASP D 41 -7.42 -36.28 45.66
CA ASP D 41 -7.84 -37.52 45.01
C ASP D 41 -9.00 -38.22 45.72
N ILE D 42 -9.44 -37.63 46.83
CA ILE D 42 -10.58 -38.17 47.57
C ILE D 42 -11.88 -37.51 47.13
N ASP D 43 -12.79 -38.30 46.56
CA ASP D 43 -14.05 -37.75 46.09
C ASP D 43 -15.01 -37.58 47.24
N GLU D 44 -15.44 -36.35 47.48
CA GLU D 44 -16.27 -36.03 48.63
C GLU D 44 -17.71 -35.76 48.20
N ASP D 45 -18.15 -36.45 47.15
CA ASP D 45 -19.51 -36.30 46.65
C ASP D 45 -20.46 -37.30 47.30
N ASP D 46 -20.70 -37.14 48.59
CA ASP D 46 -21.70 -37.93 49.29
C ASP D 46 -23.09 -37.35 49.01
N GLU D 47 -24.10 -37.89 49.67
CA GLU D 47 -25.46 -37.41 49.43
C GLU D 47 -25.67 -36.03 50.07
N SER D 48 -24.87 -35.73 51.09
CA SER D 48 -24.96 -34.43 51.76
C SER D 48 -24.55 -33.30 50.82
N GLY D 49 -23.43 -33.50 50.12
CA GLY D 49 -22.96 -32.52 49.15
C GLY D 49 -23.83 -32.51 47.91
N HIS D 50 -24.38 -33.67 47.58
CA HIS D 50 -25.26 -33.80 46.42
C HIS D 50 -26.51 -32.93 46.58
N ASN D 51 -26.96 -32.77 47.82
CA ASN D 51 -28.10 -31.91 48.12
C ASN D 51 -27.74 -30.44 47.93
N ILE D 52 -26.50 -30.10 48.23
CA ILE D 52 -26.01 -28.74 48.08
C ILE D 52 -26.01 -28.32 46.60
N ILE D 53 -25.52 -29.22 45.75
CA ILE D 53 -25.46 -28.94 44.32
C ILE D 53 -26.84 -28.85 43.70
N LEU D 54 -27.70 -29.80 44.05
CA LEU D 54 -29.09 -29.82 43.57
C LEU D 54 -29.82 -28.53 43.96
N ASN D 55 -29.55 -28.06 45.17
CA ASN D 55 -30.13 -26.82 45.67
C ASN D 55 -29.71 -25.62 44.82
N ILE D 56 -28.46 -25.63 44.36
CA ILE D 56 -27.93 -24.55 43.53
C ILE D 56 -28.54 -24.58 42.14
N ILE D 57 -28.66 -25.79 41.58
CA ILE D 57 -29.24 -26.00 40.26
C ILE D 57 -30.70 -25.54 40.16
N SER D 58 -31.46 -25.77 41.23
CA SER D 58 -32.87 -25.42 41.26
C SER D 58 -33.12 -23.90 41.11
N GLN D 59 -32.10 -23.10 41.40
CA GLN D 59 -32.21 -21.66 41.26
C GLN D 59 -31.52 -21.16 40.00
N LEU D 60 -31.22 -22.09 39.09
CA LEU D 60 -30.49 -21.76 37.86
C LEU D 60 -31.24 -22.20 36.60
N ARG D 61 -31.16 -21.38 35.56
CA ARG D 61 -31.70 -21.74 34.26
C ARG D 61 -30.61 -22.38 33.42
N PRO D 62 -30.96 -23.39 32.62
CA PRO D 62 -29.96 -24.05 31.76
C PRO D 62 -29.31 -23.07 30.79
N GLY D 63 -27.98 -23.12 30.71
CA GLY D 63 -27.24 -22.26 29.80
C GLY D 63 -26.68 -21.02 30.47
N CYS D 64 -26.89 -20.92 31.79
CA CYS D 64 -26.49 -19.71 32.51
C CYS D 64 -25.00 -19.71 32.87
N ASP D 65 -24.48 -18.50 33.10
CA ASP D 65 -23.06 -18.28 33.38
C ASP D 65 -22.66 -18.76 34.76
N LEU D 66 -21.93 -19.87 34.82
CA LEU D 66 -21.48 -20.42 36.10
C LEU D 66 -20.29 -19.65 36.69
N THR D 67 -19.71 -18.77 35.88
CA THR D 67 -18.59 -17.94 36.30
C THR D 67 -18.98 -17.01 37.45
N ARG D 68 -20.26 -16.67 37.52
CA ARG D 68 -20.77 -15.76 38.55
C ARG D 68 -21.53 -16.50 39.66
N ILE D 69 -21.34 -17.81 39.75
CA ILE D 69 -22.02 -18.63 40.76
C ILE D 69 -21.03 -19.24 41.74
N THR D 70 -21.18 -18.93 43.02
CA THR D 70 -20.28 -19.49 44.04
C THR D 70 -20.53 -20.99 44.21
N LEU D 71 -19.48 -21.79 44.08
CA LEU D 71 -19.58 -23.24 44.18
C LEU D 71 -18.99 -23.74 45.51
N PRO D 72 -19.48 -24.88 46.01
CA PRO D 72 -19.05 -25.46 47.28
C PRO D 72 -17.55 -25.74 47.37
N THR D 73 -17.04 -25.86 48.59
CA THR D 73 -15.62 -26.06 48.79
C THR D 73 -15.18 -27.51 48.58
N PHE D 74 -16.11 -28.45 48.59
CA PHE D 74 -15.75 -29.85 48.49
C PHE D 74 -15.42 -30.26 47.05
N ILE D 75 -15.55 -29.33 46.12
CA ILE D 75 -15.15 -29.55 44.74
C ILE D 75 -13.89 -28.75 44.41
N LEU D 76 -13.23 -28.27 45.46
CA LEU D 76 -12.00 -27.48 45.29
C LEU D 76 -10.76 -28.30 45.52
N GLU D 77 -9.77 -28.15 44.64
CA GLU D 77 -8.44 -28.69 44.88
C GLU D 77 -7.60 -27.61 45.54
N LYS D 78 -6.45 -27.99 46.08
CA LYS D 78 -5.61 -27.06 46.84
C LYS D 78 -4.72 -26.20 45.95
N LYS D 79 -5.23 -25.83 44.79
CA LYS D 79 -4.52 -24.94 43.87
C LYS D 79 -5.45 -23.87 43.32
N SER D 80 -4.88 -22.74 42.91
CA SER D 80 -5.64 -21.78 42.12
C SER D 80 -5.28 -22.02 40.67
N MET D 81 -6.07 -21.46 39.75
CA MET D 81 -5.86 -21.67 38.32
C MET D 81 -4.44 -21.33 37.89
N LEU D 82 -3.85 -20.31 38.52
CA LEU D 82 -2.51 -19.86 38.17
C LEU D 82 -1.45 -20.95 38.35
N GLU D 83 -1.57 -21.72 39.42
CA GLU D 83 -0.63 -22.81 39.68
C GLU D 83 -1.00 -24.07 38.89
N ARG D 84 -2.30 -24.25 38.65
CA ARG D 84 -2.78 -25.42 37.91
C ARG D 84 -2.20 -25.48 36.50
N VAL D 85 -1.96 -24.31 35.91
CA VAL D 85 -1.33 -24.22 34.58
C VAL D 85 0.05 -24.88 34.59
N THR D 86 0.79 -24.75 35.69
CA THR D 86 2.11 -25.34 35.79
C THR D 86 2.09 -26.88 35.74
N ASN D 87 0.93 -27.48 36.00
CA ASN D 87 0.77 -28.93 35.85
C ASN D 87 1.08 -29.38 34.43
N GLN D 88 0.71 -28.53 33.47
CA GLN D 88 0.87 -28.83 32.06
C GLN D 88 2.32 -28.69 31.59
N LEU D 89 3.20 -28.26 32.49
CA LEU D 89 4.59 -27.99 32.15
C LEU D 89 5.55 -28.91 32.90
N GLN D 90 5.02 -30.01 33.44
CA GLN D 90 5.82 -30.90 34.27
C GLN D 90 6.58 -31.96 33.46
N PHE D 91 6.64 -31.77 32.15
CA PHE D 91 7.44 -32.66 31.31
C PHE D 91 8.34 -31.87 30.36
N PRO D 92 9.29 -31.09 30.92
CA PRO D 92 10.18 -30.29 30.07
C PRO D 92 11.11 -31.15 29.23
N GLU D 93 11.34 -32.39 29.66
CA GLU D 93 12.21 -33.33 28.95
C GLU D 93 11.76 -33.49 27.50
N PHE D 94 10.46 -33.60 27.27
CA PHE D 94 9.93 -33.71 25.91
C PHE D 94 10.15 -32.43 25.13
N LEU D 95 10.08 -31.30 25.83
CA LEU D 95 10.26 -29.99 25.21
C LEU D 95 11.74 -29.78 24.88
N LEU D 96 12.61 -30.33 25.72
CA LEU D 96 14.05 -30.25 25.46
C LEU D 96 14.44 -31.12 24.27
N GLN D 97 13.91 -32.34 24.22
CA GLN D 97 14.13 -33.24 23.09
C GLN D 97 13.69 -32.59 21.78
N ALA D 98 12.55 -31.93 21.81
CA ALA D 98 12.01 -31.24 20.64
C ALA D 98 13.01 -30.22 20.11
N HIS D 99 13.53 -29.39 21.01
CA HIS D 99 14.47 -28.34 20.63
C HIS D 99 15.79 -28.91 20.07
N SER D 100 16.15 -30.11 20.51
CA SER D 100 17.39 -30.73 20.07
C SER D 100 17.21 -31.53 18.79
N GLU D 101 15.96 -31.80 18.43
CA GLU D 101 15.66 -32.60 17.25
C GLU D 101 15.86 -31.81 15.97
N LYS D 102 16.63 -32.36 15.05
CA LYS D 102 16.96 -31.68 13.80
C LYS D 102 15.89 -31.88 12.72
N ASP D 103 15.18 -33.01 12.80
CA ASP D 103 14.12 -33.31 11.83
C ASP D 103 12.82 -32.57 12.19
N PRO D 104 12.35 -31.70 11.28
CA PRO D 104 11.14 -30.89 11.47
C PRO D 104 9.92 -31.69 11.91
N LEU D 105 9.58 -32.75 11.17
CA LEU D 105 8.41 -33.55 11.51
C LEU D 105 8.56 -34.20 12.88
N LYS D 106 9.78 -34.64 13.19
CA LYS D 106 10.04 -35.29 14.46
C LYS D 106 10.01 -34.26 15.60
N ARG D 107 10.43 -33.03 15.30
CA ARG D 107 10.39 -31.95 16.27
C ARG D 107 8.94 -31.64 16.63
N PHE D 108 8.09 -31.59 15.62
CA PHE D 108 6.67 -31.34 15.79
C PHE D 108 6.04 -32.40 16.70
N LEU D 109 6.41 -33.66 16.47
CA LEU D 109 5.86 -34.76 17.26
C LEU D 109 6.26 -34.66 18.74
N TYR D 110 7.49 -34.22 18.99
CA TYR D 110 7.94 -34.07 20.37
C TYR D 110 7.21 -32.92 21.06
N VAL D 111 6.83 -31.91 20.28
CA VAL D 111 6.01 -30.82 20.80
C VAL D 111 4.62 -31.35 21.19
N MET D 112 4.02 -32.15 20.31
CA MET D 112 2.77 -32.86 20.61
C MET D 112 2.89 -33.65 21.89
N LYS D 113 4.00 -34.39 21.99
CA LYS D 113 4.28 -35.22 23.16
C LYS D 113 4.25 -34.37 24.43
N TRP D 114 5.01 -33.29 24.41
CA TRP D 114 5.12 -32.38 25.55
C TRP D 114 3.77 -31.80 25.98
N TYR D 115 2.98 -31.38 24.99
CA TYR D 115 1.71 -30.73 25.27
C TYR D 115 0.66 -31.72 25.77
N LEU D 116 0.58 -32.88 25.14
CA LEU D 116 -0.39 -33.90 25.52
C LEU D 116 -0.07 -34.56 26.86
N ALA D 117 1.19 -34.51 27.25
CA ALA D 117 1.64 -35.21 28.46
C ALA D 117 1.10 -34.58 29.73
N GLY D 118 0.86 -33.27 29.70
CA GLY D 118 0.50 -32.55 30.91
C GLY D 118 -0.94 -32.66 31.37
N TRP D 119 -1.81 -33.21 30.54
CA TRP D 119 -3.25 -33.19 30.83
C TRP D 119 -3.69 -34.24 31.82
N HIS D 120 -2.93 -35.34 31.95
CA HIS D 120 -3.29 -36.37 32.92
C HIS D 120 -2.78 -35.99 34.31
N ILE D 121 -1.99 -34.93 34.39
CA ILE D 121 -1.58 -34.40 35.69
C ILE D 121 -2.73 -33.56 36.24
N ALA D 122 -3.61 -34.21 36.98
CA ALA D 122 -4.84 -33.59 37.47
C ALA D 122 -5.37 -34.34 38.69
N PRO D 123 -6.23 -33.69 39.49
CA PRO D 123 -6.85 -34.40 40.61
C PRO D 123 -7.61 -35.63 40.14
N LYS D 124 -7.55 -36.71 40.93
CA LYS D 124 -8.26 -37.94 40.58
C LYS D 124 -9.76 -37.79 40.82
N ALA D 125 -10.11 -36.92 41.75
CA ALA D 125 -11.50 -36.65 42.06
C ALA D 125 -12.04 -35.51 41.20
N VAL D 126 -13.36 -35.36 41.16
CA VAL D 126 -13.99 -34.26 40.43
C VAL D 126 -13.79 -32.96 41.19
N LYS D 127 -12.65 -32.30 40.95
CA LYS D 127 -12.34 -31.06 41.64
C LYS D 127 -11.72 -30.03 40.72
N LYS D 128 -12.02 -28.76 40.98
CA LYS D 128 -11.52 -27.67 40.16
C LYS D 128 -10.57 -26.78 40.96
N PRO D 129 -9.72 -26.01 40.26
CA PRO D 129 -8.86 -25.04 40.93
C PRO D 129 -9.64 -23.88 41.54
N LEU D 130 -8.99 -23.16 42.46
CA LEU D 130 -9.57 -21.93 43.00
C LEU D 130 -9.63 -20.86 41.92
N ASN D 131 -10.71 -20.09 41.91
CA ASN D 131 -10.82 -18.95 41.01
C ASN D 131 -9.95 -17.80 41.53
N PRO D 132 -8.85 -17.49 40.84
CA PRO D 132 -7.93 -16.46 41.30
C PRO D 132 -8.60 -15.09 41.43
N VAL D 133 -8.20 -14.32 42.43
CA VAL D 133 -8.73 -12.97 42.57
C VAL D 133 -8.08 -12.06 41.55
N LEU D 134 -8.71 -10.92 41.30
CA LEU D 134 -8.19 -9.95 40.36
C LEU D 134 -6.83 -9.44 40.81
N GLY D 135 -5.80 -9.73 40.02
CA GLY D 135 -4.46 -9.25 40.33
C GLY D 135 -3.64 -10.27 41.09
N GLU D 136 -4.20 -11.45 41.30
CA GLU D 136 -3.47 -12.53 41.94
C GLU D 136 -2.32 -12.95 41.03
N TYR D 137 -1.18 -13.28 41.61
CA TYR D 137 -0.03 -13.68 40.82
C TYR D 137 0.65 -14.91 41.41
N PHE D 138 1.35 -15.66 40.57
CA PHE D 138 2.05 -16.87 40.98
C PHE D 138 3.31 -17.07 40.16
N THR D 139 4.44 -17.23 40.84
CA THR D 139 5.70 -17.50 40.17
C THR D 139 6.28 -18.83 40.65
N ALA D 140 7.09 -19.45 39.81
CA ALA D 140 7.69 -20.73 40.14
C ALA D 140 8.88 -21.00 39.22
N TYR D 141 9.67 -22.00 39.57
CA TYR D 141 10.82 -22.36 38.76
C TYR D 141 11.12 -23.86 38.83
N TRP D 142 11.81 -24.35 37.81
CA TRP D 142 12.23 -25.74 37.76
C TRP D 142 13.76 -25.84 37.78
N ASP D 143 14.26 -26.85 38.48
CA ASP D 143 15.66 -27.22 38.38
C ASP D 143 15.79 -28.40 37.43
N LEU D 144 16.10 -28.09 36.17
CA LEU D 144 16.11 -29.08 35.10
C LEU D 144 17.28 -30.07 35.21
N PRO D 145 17.10 -31.27 34.64
CA PRO D 145 18.14 -32.31 34.61
C PRO D 145 19.44 -31.88 33.93
N ASN D 146 19.36 -30.91 33.02
CA ASN D 146 20.55 -30.41 32.33
C ASN D 146 21.19 -29.25 33.07
N LYS D 147 20.90 -29.15 34.36
CA LYS D 147 21.45 -28.12 35.25
C LYS D 147 21.00 -26.70 34.89
N GLN D 148 20.02 -26.58 34.00
CA GLN D 148 19.46 -25.28 33.66
C GLN D 148 18.19 -25.04 34.47
N GLN D 149 17.62 -23.84 34.34
CA GLN D 149 16.39 -23.50 35.06
C GLN D 149 15.29 -23.04 34.12
N ALA D 150 14.05 -23.36 34.49
CA ALA D 150 12.88 -22.81 33.82
C ALA D 150 12.22 -21.80 34.74
N TYR D 151 11.61 -20.77 34.17
CA TYR D 151 10.99 -19.72 34.98
C TYR D 151 9.54 -19.49 34.57
N TYR D 152 8.67 -19.29 35.55
CA TYR D 152 7.24 -19.15 35.32
C TYR D 152 6.68 -17.90 36.01
N ILE D 153 5.88 -17.13 35.27
CA ILE D 153 5.23 -15.94 35.80
C ILE D 153 3.79 -15.86 35.31
N SER D 154 2.83 -15.74 36.22
CA SER D 154 1.44 -15.67 35.81
C SER D 154 0.64 -14.67 36.65
N GLU D 155 -0.46 -14.18 36.07
CA GLU D 155 -1.29 -13.19 36.73
C GLU D 155 -2.74 -13.28 36.25
N GLN D 156 -3.67 -13.13 37.18
CA GLN D 156 -5.08 -13.09 36.85
C GLN D 156 -5.44 -11.71 36.31
N THR D 157 -5.57 -11.59 35.00
CA THR D 157 -5.77 -10.30 34.35
C THR D 157 -7.21 -9.79 34.44
N SER D 158 -8.18 -10.69 34.58
CA SER D 158 -9.58 -10.30 34.69
C SER D 158 -10.38 -11.26 35.55
N HIS D 159 -11.42 -10.74 36.20
CA HIS D 159 -12.26 -11.55 37.09
C HIS D 159 -13.67 -11.72 36.53
N HIS D 160 -14.21 -10.65 35.94
CA HIS D 160 -15.50 -10.70 35.26
C HIS D 160 -15.33 -10.26 33.81
N PRO D 161 -15.09 -11.21 32.89
CA PRO D 161 -14.99 -12.67 33.09
C PRO D 161 -13.59 -13.10 33.53
N PRO D 162 -13.46 -14.30 34.10
CA PRO D 162 -12.16 -14.76 34.58
C PRO D 162 -11.17 -15.03 33.45
N GLU D 163 -9.96 -14.52 33.61
CA GLU D 163 -8.91 -14.72 32.62
C GLU D 163 -7.54 -14.57 33.27
N CYS D 164 -6.57 -15.36 32.80
CA CYS D 164 -5.21 -15.22 33.30
C CYS D 164 -4.19 -15.39 32.18
N ALA D 165 -3.00 -14.89 32.42
CA ALA D 165 -1.92 -15.00 31.45
C ALA D 165 -0.71 -15.61 32.13
N TYR D 166 0.12 -16.30 31.36
CA TYR D 166 1.33 -16.90 31.92
C TYR D 166 2.50 -16.77 30.96
N PHE D 167 3.70 -16.81 31.53
CA PHE D 167 4.94 -16.69 30.79
C PHE D 167 5.90 -17.77 31.32
N TYR D 168 6.52 -18.50 30.40
CA TYR D 168 7.39 -19.61 30.76
C TYR D 168 8.57 -19.62 29.81
N MET D 169 9.78 -19.69 30.37
CA MET D 169 10.96 -19.58 29.54
C MET D 169 12.14 -20.40 30.07
N ILE D 170 12.85 -21.04 29.15
CA ILE D 170 14.13 -21.67 29.46
C ILE D 170 15.21 -21.01 28.60
N PRO D 171 15.75 -19.87 29.07
CA PRO D 171 16.67 -19.03 28.30
C PRO D 171 17.89 -19.75 27.77
N GLU D 172 18.42 -20.69 28.54
CA GLU D 172 19.64 -21.41 28.15
C GLU D 172 19.37 -22.46 27.09
N SER D 173 18.10 -22.71 26.79
CA SER D 173 17.73 -23.64 25.73
C SER D 173 16.90 -22.94 24.65
N SER D 174 16.87 -21.61 24.70
CA SER D 174 16.16 -20.79 23.71
C SER D 174 14.69 -21.19 23.57
N ILE D 175 14.07 -21.52 24.69
CA ILE D 175 12.67 -21.93 24.71
C ILE D 175 11.80 -20.89 25.41
N ARG D 176 10.79 -20.39 24.71
CA ARG D 176 9.86 -19.44 25.31
C ARG D 176 8.41 -19.85 25.11
N VAL D 177 7.63 -19.81 26.19
CA VAL D 177 6.21 -20.11 26.13
C VAL D 177 5.37 -18.97 26.69
N ASP D 178 4.38 -18.52 25.90
CA ASP D 178 3.40 -17.56 26.36
C ASP D 178 2.00 -18.12 26.17
N GLY D 179 1.06 -17.71 27.00
CA GLY D 179 -0.30 -18.19 26.86
C GLY D 179 -1.34 -17.53 27.74
N VAL D 180 -2.60 -17.84 27.47
CA VAL D 180 -3.71 -17.37 28.29
C VAL D 180 -4.68 -18.51 28.58
N VAL D 181 -5.40 -18.38 29.68
CA VAL D 181 -6.49 -19.30 29.99
C VAL D 181 -7.78 -18.49 30.06
N ILE D 182 -8.74 -18.84 29.21
CA ILE D 182 -10.01 -18.14 29.15
C ILE D 182 -11.17 -19.11 29.29
N PRO D 183 -11.56 -19.42 30.53
CA PRO D 183 -12.64 -20.37 30.78
C PRO D 183 -14.02 -19.70 30.77
N LYS D 184 -14.89 -20.16 29.87
CA LYS D 184 -16.25 -19.67 29.81
C LYS D 184 -17.20 -20.77 30.27
N SER D 185 -17.62 -20.68 31.53
CA SER D 185 -18.35 -21.78 32.17
C SER D 185 -19.87 -21.64 32.02
N ARG D 186 -20.52 -22.73 31.64
CA ARG D 186 -21.97 -22.74 31.49
C ARG D 186 -22.61 -24.00 32.08
N PHE D 187 -23.76 -23.80 32.73
CA PHE D 187 -24.55 -24.92 33.23
C PHE D 187 -25.41 -25.48 32.11
N LEU D 188 -25.40 -26.81 31.96
CA LEU D 188 -26.05 -27.44 30.81
C LEU D 188 -26.98 -28.59 31.19
N GLY D 189 -27.48 -28.57 32.42
CA GLY D 189 -28.34 -29.65 32.88
C GLY D 189 -27.57 -30.67 33.70
N ASN D 190 -27.47 -31.90 33.20
CA ASN D 190 -26.69 -32.92 33.88
C ASN D 190 -25.21 -32.76 33.55
N SER D 191 -24.92 -31.87 32.60
CA SER D 191 -23.55 -31.54 32.26
C SER D 191 -23.26 -30.08 32.58
N SER D 192 -21.98 -29.76 32.73
CA SER D 192 -21.53 -28.38 32.73
C SER D 192 -20.20 -28.33 32.00
N ALA D 193 -19.93 -27.21 31.34
CA ALA D 193 -18.74 -27.11 30.52
C ALA D 193 -17.95 -25.84 30.78
N ALA D 194 -16.64 -26.00 30.93
CA ALA D 194 -15.73 -24.87 30.89
C ALA D 194 -15.19 -24.78 29.46
N MET D 195 -15.74 -23.84 28.68
CA MET D 195 -15.27 -23.62 27.32
C MET D 195 -13.93 -22.90 27.37
N MET D 196 -12.90 -23.52 26.79
CA MET D 196 -11.56 -22.97 26.85
C MET D 196 -11.17 -22.26 25.55
N ASP D 197 -11.18 -20.93 25.58
CA ASP D 197 -10.82 -20.16 24.39
C ASP D 197 -9.36 -19.70 24.43
N GLY D 198 -8.63 -20.11 25.47
CA GLY D 198 -7.24 -19.75 25.59
C GLY D 198 -6.35 -20.50 24.62
N SER D 199 -5.07 -20.17 24.61
CA SER D 199 -4.10 -20.87 23.77
C SER D 199 -2.68 -20.61 24.24
N THR D 200 -1.73 -21.32 23.64
CA THR D 200 -0.33 -21.24 24.01
C THR D 200 0.53 -20.98 22.78
N VAL D 201 1.50 -20.09 22.91
CA VAL D 201 2.48 -19.90 21.84
C VAL D 201 3.86 -20.38 22.30
N LEU D 202 4.37 -21.40 21.61
CA LEU D 202 5.71 -21.91 21.87
C LEU D 202 6.69 -21.41 20.80
N GLN D 203 7.85 -20.94 21.24
CA GLN D 203 8.87 -20.42 20.33
C GLN D 203 10.24 -21.01 20.59
N PHE D 204 10.90 -21.43 19.51
CA PHE D 204 12.31 -21.82 19.57
C PHE D 204 13.14 -20.68 18.99
N LEU D 205 13.69 -19.86 19.89
CA LEU D 205 14.30 -18.58 19.51
C LEU D 205 15.53 -18.73 18.59
N ASP D 206 16.21 -19.87 18.69
CA ASP D 206 17.41 -20.10 17.89
C ASP D 206 17.13 -21.00 16.68
N ILE D 207 15.86 -21.11 16.30
CA ILE D 207 15.49 -21.86 15.11
C ILE D 207 14.66 -20.96 14.19
N LYS D 208 15.36 -20.23 13.32
CA LYS D 208 14.71 -19.26 12.44
C LYS D 208 13.91 -19.95 11.34
N ASP D 209 12.93 -19.25 10.79
CA ASP D 209 12.09 -19.81 9.74
C ASP D 209 12.33 -19.09 8.41
N GLY D 210 11.31 -19.06 7.57
CA GLY D 210 11.40 -18.43 6.27
C GLY D 210 11.36 -16.91 6.33
N ASN D 211 11.08 -16.37 7.51
CA ASN D 211 11.01 -14.93 7.68
C ASN D 211 12.09 -14.42 8.63
N GLY D 212 13.02 -15.30 9.02
CA GLY D 212 14.05 -14.94 9.97
C GLY D 212 13.49 -14.83 11.38
N LYS D 213 12.25 -15.29 11.56
CA LYS D 213 11.59 -15.25 12.85
C LYS D 213 11.73 -16.60 13.57
N PRO D 214 11.63 -16.60 14.91
CA PRO D 214 11.67 -17.85 15.67
C PRO D 214 10.55 -18.80 15.26
N GLU D 215 10.88 -20.10 15.17
CA GLU D 215 9.90 -21.12 14.85
C GLU D 215 8.77 -21.10 15.90
N LYS D 216 7.54 -20.95 15.42
CA LYS D 216 6.40 -20.74 16.31
C LYS D 216 5.37 -21.87 16.23
N TYR D 217 4.99 -22.38 17.40
CA TYR D 217 3.91 -23.35 17.51
C TYR D 217 2.73 -22.73 18.23
N VAL D 218 1.55 -22.85 17.64
CA VAL D 218 0.33 -22.35 18.28
C VAL D 218 -0.54 -23.54 18.72
N LEU D 219 -0.82 -23.60 20.02
CA LEU D 219 -1.57 -24.73 20.58
C LEU D 219 -2.82 -24.26 21.30
N THR D 220 -3.97 -24.79 20.88
CA THR D 220 -5.23 -24.45 21.53
C THR D 220 -5.57 -25.48 22.61
N GLN D 221 -6.67 -25.24 23.30
CA GLN D 221 -7.05 -26.05 24.45
C GLN D 221 -8.40 -26.72 24.25
N PRO D 222 -8.53 -27.98 24.70
CA PRO D 222 -9.80 -28.67 24.62
C PRO D 222 -10.76 -28.15 25.69
N ASN D 223 -12.06 -28.36 25.50
CA ASN D 223 -13.03 -27.97 26.50
C ASN D 223 -13.04 -28.94 27.67
N VAL D 224 -13.45 -28.48 28.83
CA VAL D 224 -13.48 -29.32 30.02
C VAL D 224 -14.92 -29.51 30.49
N TYR D 225 -15.45 -30.72 30.29
CA TYR D 225 -16.81 -31.04 30.68
C TYR D 225 -16.87 -31.77 32.01
N VAL D 226 -17.97 -31.60 32.72
CA VAL D 226 -18.27 -32.45 33.87
C VAL D 226 -19.61 -33.15 33.62
N ARG D 227 -19.60 -34.47 33.68
CA ARG D 227 -20.78 -35.28 33.39
C ARG D 227 -21.38 -35.83 34.67
N GLY D 228 -22.64 -36.25 34.59
CA GLY D 228 -23.35 -36.82 35.74
C GLY D 228 -23.37 -35.89 36.92
N ILE D 229 -23.67 -34.62 36.63
CA ILE D 229 -23.58 -33.56 37.63
C ILE D 229 -24.64 -33.70 38.71
N LEU D 230 -25.75 -34.34 38.38
CA LEU D 230 -26.86 -34.45 39.30
C LEU D 230 -27.38 -35.88 39.38
N PHE D 231 -27.14 -36.63 38.33
CA PHE D 231 -27.60 -38.01 38.26
C PHE D 231 -26.54 -38.91 37.63
N GLY D 232 -26.25 -40.03 38.29
CA GLY D 232 -25.15 -40.88 37.90
C GLY D 232 -23.89 -40.45 38.64
N LYS D 233 -22.76 -41.10 38.35
CA LYS D 233 -21.50 -40.75 38.99
C LYS D 233 -20.81 -39.60 38.26
N MET D 234 -20.41 -38.59 39.01
CA MET D 234 -19.71 -37.44 38.48
C MET D 234 -18.36 -37.80 37.88
N ARG D 235 -17.99 -37.12 36.81
CA ARG D 235 -16.68 -37.30 36.20
C ARG D 235 -16.30 -36.09 35.36
N ILE D 236 -14.99 -35.91 35.15
CA ILE D 236 -14.49 -34.84 34.29
C ILE D 236 -14.06 -35.41 32.95
N GLU D 237 -14.48 -34.76 31.87
CA GLU D 237 -14.11 -35.19 30.53
C GLU D 237 -13.52 -34.04 29.71
N LEU D 238 -12.45 -34.31 28.99
CA LEU D 238 -11.92 -33.37 28.03
C LEU D 238 -12.66 -33.61 26.72
N GLY D 239 -12.97 -32.54 25.99
CA GLY D 239 -13.78 -32.68 24.80
C GLY D 239 -13.51 -31.73 23.66
N ASP D 240 -13.94 -32.16 22.47
CA ASP D 240 -13.91 -31.36 21.24
C ASP D 240 -12.48 -31.16 20.70
N HIS D 241 -12.33 -30.20 19.79
CA HIS D 241 -11.12 -30.12 18.98
C HIS D 241 -9.99 -29.29 19.57
N MET D 242 -8.78 -29.81 19.42
CA MET D 242 -7.55 -29.11 19.77
C MET D 242 -6.71 -28.93 18.52
N ILE D 243 -6.06 -27.78 18.39
CA ILE D 243 -5.21 -27.51 17.23
C ILE D 243 -3.77 -27.28 17.65
N ILE D 244 -2.84 -27.87 16.91
CA ILE D 244 -1.42 -27.57 17.06
C ILE D 244 -0.83 -27.26 15.71
N LYS D 245 -0.47 -26.01 15.48
CA LYS D 245 0.05 -25.61 14.17
C LYS D 245 1.43 -24.97 14.24
N SER D 246 2.28 -25.38 13.30
CA SER D 246 3.65 -24.91 13.18
C SER D 246 3.84 -24.35 11.76
N PRO D 247 5.05 -23.86 11.42
CA PRO D 247 5.21 -23.37 10.04
C PRO D 247 5.07 -24.45 8.97
N ASN D 248 5.36 -25.70 9.31
CA ASN D 248 5.37 -26.76 8.30
C ASN D 248 4.33 -27.85 8.52
N PHE D 249 3.96 -28.06 9.78
CA PHE D 249 3.01 -29.12 10.08
C PHE D 249 1.85 -28.66 10.94
N GLN D 250 0.84 -29.51 11.05
CA GLN D 250 -0.43 -29.14 11.62
C GLN D 250 -1.11 -30.38 12.19
N ALA D 251 -1.80 -30.22 13.31
CA ALA D 251 -2.47 -31.34 13.94
C ALA D 251 -3.87 -30.97 14.40
N ASP D 252 -4.86 -31.74 13.99
CA ASP D 252 -6.22 -31.59 14.49
C ASP D 252 -6.54 -32.81 15.35
N ILE D 253 -6.66 -32.59 16.65
CA ILE D 253 -6.94 -33.67 17.57
C ILE D 253 -8.31 -33.53 18.19
N GLU D 254 -9.15 -34.55 18.03
CA GLU D 254 -10.47 -34.55 18.66
C GLU D 254 -10.43 -35.29 19.98
N PHE D 255 -10.93 -34.64 21.02
CA PHE D 255 -11.10 -35.30 22.31
C PHE D 255 -12.52 -35.85 22.40
N LYS D 256 -12.65 -37.17 22.29
CA LYS D 256 -13.94 -37.83 22.35
C LYS D 256 -14.61 -37.58 23.69
N THR D 257 -15.87 -37.14 23.65
CA THR D 257 -16.63 -36.90 24.86
C THR D 257 -18.12 -37.06 24.57
N LYS D 258 -18.84 -37.63 25.53
CA LYS D 258 -20.28 -37.83 25.39
C LYS D 258 -20.91 -38.06 26.77
N GLY D 259 -22.15 -37.61 26.92
CA GLY D 259 -22.81 -37.64 28.21
C GLY D 259 -23.43 -38.99 28.60
N TYR D 260 -22.76 -40.09 28.25
CA TYR D 260 -23.13 -41.40 28.75
C TYR D 260 -23.32 -41.34 30.27
N VAL D 261 -24.36 -41.98 30.77
CA VAL D 261 -24.62 -41.99 32.21
C VAL D 261 -23.52 -42.77 32.94
N PHE D 262 -23.06 -43.85 32.33
CA PHE D 262 -22.07 -44.74 32.95
C PHE D 262 -20.81 -44.89 32.11
N GLY D 263 -19.70 -45.21 32.78
CA GLY D 263 -18.44 -45.45 32.10
C GLY D 263 -17.65 -44.20 31.74
N THR D 264 -16.39 -44.41 31.35
CA THR D 264 -15.54 -43.34 30.88
C THR D 264 -14.99 -43.67 29.50
N TYR D 265 -14.76 -42.65 28.69
CA TYR D 265 -14.10 -42.84 27.41
C TYR D 265 -13.28 -41.59 27.09
N ASP D 266 -12.05 -41.58 27.61
CA ASP D 266 -11.15 -40.43 27.45
C ASP D 266 -10.25 -40.62 26.25
N ALA D 267 -10.83 -41.00 25.12
CA ALA D 267 -10.05 -41.29 23.93
C ALA D 267 -9.78 -40.03 23.09
N ILE D 268 -8.66 -40.05 22.36
CA ILE D 268 -8.36 -39.00 21.41
C ILE D 268 -8.19 -39.59 20.02
N GLU D 269 -8.32 -38.75 19.02
CA GLU D 269 -8.24 -39.18 17.63
C GLU D 269 -7.91 -38.00 16.73
N GLY D 270 -6.77 -38.07 16.05
CA GLY D 270 -6.34 -36.96 15.23
C GLY D 270 -5.37 -37.31 14.11
N THR D 271 -4.96 -36.28 13.38
CA THR D 271 -4.08 -36.45 12.23
C THR D 271 -2.99 -35.39 12.21
N VAL D 272 -1.76 -35.81 11.92
CA VAL D 272 -0.67 -34.89 11.68
C VAL D 272 -0.50 -34.69 10.17
N LYS D 273 -0.59 -33.44 9.73
CA LYS D 273 -0.53 -33.15 8.29
C LYS D 273 0.40 -31.99 7.96
N ASP D 274 0.68 -31.82 6.67
CA ASP D 274 1.34 -30.62 6.19
C ASP D 274 0.26 -29.70 5.62
N TYR D 275 0.67 -28.56 5.06
CA TYR D 275 -0.33 -27.61 4.57
C TYR D 275 -0.64 -27.86 3.09
N ASP D 276 -0.31 -29.05 2.62
CA ASP D 276 -0.66 -29.48 1.28
C ASP D 276 -1.79 -30.50 1.32
N GLY D 277 -2.02 -31.07 2.51
CA GLY D 277 -3.07 -32.05 2.68
C GLY D 277 -2.54 -33.45 2.95
N ASN D 278 -1.22 -33.59 2.95
CA ASN D 278 -0.59 -34.89 3.18
C ASN D 278 -0.62 -35.32 4.65
N ALA D 279 -1.29 -36.43 4.91
CA ALA D 279 -1.35 -36.99 6.26
C ALA D 279 -0.14 -37.89 6.51
N TYR D 280 0.54 -37.66 7.63
CA TYR D 280 1.74 -38.41 7.96
C TYR D 280 1.48 -39.41 9.09
N TYR D 281 0.60 -39.03 10.01
CA TYR D 281 0.34 -39.85 11.18
C TYR D 281 -1.11 -39.75 11.67
N GLU D 282 -1.60 -40.86 12.22
CA GLU D 282 -2.84 -40.83 12.99
C GLU D 282 -2.50 -41.03 14.45
N ILE D 283 -3.20 -40.32 15.33
CA ILE D 283 -2.98 -40.50 16.75
C ILE D 283 -4.27 -41.01 17.41
N SER D 284 -4.12 -42.05 18.22
CA SER D 284 -5.25 -42.62 18.93
C SER D 284 -4.85 -42.96 20.36
N GLY D 285 -5.74 -43.61 21.09
CA GLY D 285 -5.48 -43.97 22.47
C GLY D 285 -6.24 -43.07 23.43
N LYS D 286 -5.76 -43.02 24.67
CA LYS D 286 -6.39 -42.19 25.69
C LYS D 286 -5.38 -41.24 26.31
N TRP D 287 -5.80 -39.99 26.51
CA TRP D 287 -4.90 -38.96 27.01
C TRP D 287 -4.53 -39.18 28.48
N ASN D 288 -5.27 -40.07 29.16
CA ASN D 288 -4.96 -40.37 30.56
C ASN D 288 -4.49 -41.81 30.74
N ASP D 289 -3.88 -42.38 29.70
CA ASP D 289 -3.37 -43.74 29.76
C ASP D 289 -2.23 -43.91 28.76
N VAL D 290 -2.52 -44.54 27.63
CA VAL D 290 -1.52 -44.73 26.58
C VAL D 290 -2.02 -44.16 25.26
N MET D 291 -1.15 -43.43 24.57
CA MET D 291 -1.48 -42.86 23.26
C MET D 291 -0.60 -43.45 22.17
N TYR D 292 -1.16 -43.62 20.97
CA TYR D 292 -0.47 -44.31 19.89
C TYR D 292 -0.36 -43.48 18.60
N LEU D 293 0.69 -43.70 17.84
CA LEU D 293 0.83 -43.12 16.51
C LEU D 293 0.87 -44.20 15.44
N LYS D 294 0.26 -43.92 14.29
CA LYS D 294 0.30 -44.84 13.16
C LYS D 294 0.92 -44.15 11.95
N ASP D 295 2.03 -44.69 11.47
CA ASP D 295 2.70 -44.16 10.29
C ASP D 295 1.85 -44.40 9.05
N LEU D 296 1.31 -43.32 8.49
CA LEU D 296 0.42 -43.43 7.34
C LEU D 296 1.20 -43.56 6.03
N LYS D 297 2.50 -43.32 6.10
CA LYS D 297 3.38 -43.51 4.94
C LYS D 297 3.64 -45.00 4.73
N GLN D 298 3.25 -45.81 5.70
CA GLN D 298 3.26 -47.26 5.58
C GLN D 298 1.90 -47.81 5.98
N PRO D 299 0.97 -47.93 5.01
CA PRO D 299 -0.41 -48.34 5.27
C PRO D 299 -0.54 -49.68 6.00
N ARG D 300 0.50 -50.50 5.91
CA ARG D 300 0.50 -51.82 6.56
C ARG D 300 0.82 -51.73 8.05
N SER D 301 1.10 -50.52 8.53
CA SER D 301 1.54 -50.33 9.91
C SER D 301 0.41 -50.45 10.92
N SER D 302 0.80 -50.74 12.16
CA SER D 302 -0.11 -50.77 13.30
C SER D 302 0.24 -49.59 14.21
N PRO D 303 -0.71 -49.16 15.05
CA PRO D 303 -0.42 -48.05 15.96
C PRO D 303 0.72 -48.39 16.91
N LYS D 304 1.79 -47.59 16.89
CA LYS D 304 2.91 -47.79 17.80
C LYS D 304 2.79 -46.86 18.99
N VAL D 305 3.34 -47.26 20.13
CA VAL D 305 3.26 -46.47 21.35
C VAL D 305 3.92 -45.12 21.17
N PHE D 306 3.18 -44.06 21.50
CA PHE D 306 3.66 -42.69 21.36
C PHE D 306 3.93 -42.06 22.71
N LEU D 307 3.00 -42.24 23.63
CA LEU D 307 3.14 -41.67 24.96
C LEU D 307 2.42 -42.50 26.02
N ASP D 308 3.20 -43.06 26.94
CA ASP D 308 2.65 -43.79 28.07
C ASP D 308 2.72 -42.91 29.31
N THR D 309 1.56 -42.48 29.81
CA THR D 309 1.51 -41.54 30.92
C THR D 309 1.90 -42.21 32.24
N HIS D 310 2.05 -43.53 32.20
CA HIS D 310 2.50 -44.29 33.37
C HIS D 310 4.02 -44.43 33.37
N LYS D 311 4.64 -44.17 32.22
CA LYS D 311 6.07 -44.39 32.06
C LYS D 311 6.90 -43.27 32.69
N GLU D 312 7.06 -42.17 31.97
CA GLU D 312 7.91 -41.06 32.41
C GLU D 312 7.39 -40.39 33.69
N SER D 313 8.30 -39.80 34.44
CA SER D 313 7.96 -39.11 35.67
C SER D 313 7.84 -37.61 35.45
N PRO D 314 6.82 -37.00 36.05
CA PRO D 314 6.65 -35.54 35.96
C PRO D 314 7.65 -34.81 36.84
N LEU D 315 7.99 -33.58 36.49
CA LEU D 315 8.87 -32.77 37.31
C LEU D 315 8.12 -31.56 37.85
N ARG D 316 7.83 -31.59 39.15
CA ARG D 316 7.06 -30.53 39.79
C ARG D 316 7.87 -29.25 39.89
N PRO D 317 7.18 -28.10 39.91
CA PRO D 317 7.86 -26.81 40.09
C PRO D 317 8.25 -26.55 41.54
N LYS D 318 9.23 -25.68 41.73
CA LYS D 318 9.60 -25.20 43.06
C LYS D 318 9.14 -23.75 43.23
N VAL D 319 8.80 -23.39 44.46
CA VAL D 319 8.35 -22.03 44.76
C VAL D 319 9.15 -21.47 45.93
N ARG D 320 9.34 -20.14 45.94
CA ARG D 320 9.85 -19.42 47.10
C ARG D 320 9.12 -19.84 48.38
N PRO D 321 9.81 -19.74 49.53
CA PRO D 321 9.14 -20.05 50.80
C PRO D 321 8.01 -19.07 51.12
N LEU D 322 6.98 -19.55 51.81
CA LEU D 322 5.80 -18.75 52.17
C LEU D 322 6.13 -17.43 52.85
N SER D 323 7.21 -17.42 53.62
CA SER D 323 7.61 -16.22 54.36
C SER D 323 8.05 -15.08 53.44
N GLU D 324 8.32 -15.40 52.18
CA GLU D 324 8.81 -14.40 51.23
C GLU D 324 7.76 -14.03 50.17
N GLN D 325 6.59 -14.67 50.24
CA GLN D 325 5.55 -14.44 49.25
C GLN D 325 4.64 -13.26 49.62
N GLY D 326 4.19 -12.54 48.60
CA GLY D 326 3.35 -11.38 48.78
C GLY D 326 1.92 -11.69 49.19
N GLU D 327 1.18 -10.65 49.56
CA GLU D 327 -0.17 -10.80 50.09
C GLU D 327 -1.14 -11.44 49.11
N TYR D 328 -0.99 -11.12 47.83
CA TYR D 328 -1.87 -11.70 46.82
C TYR D 328 -1.12 -12.66 45.91
N GLU D 329 -0.07 -13.27 46.46
CA GLU D 329 0.56 -14.41 45.82
C GLU D 329 -0.26 -15.65 46.15
N SER D 330 -0.51 -16.48 45.15
CA SER D 330 -1.51 -17.55 45.23
C SER D 330 -1.49 -18.40 46.50
N ARG D 331 -0.38 -19.08 46.78
CA ARG D 331 -0.28 -19.96 47.94
C ARG D 331 -0.48 -19.19 49.25
N LYS D 332 0.18 -18.04 49.36
CA LYS D 332 0.05 -17.19 50.53
C LYS D 332 -1.39 -16.73 50.73
N LEU D 333 -2.00 -16.24 49.66
CA LEU D 333 -3.36 -15.71 49.71
C LEU D 333 -4.40 -16.75 50.15
N TRP D 334 -4.30 -17.96 49.61
CA TRP D 334 -5.29 -18.99 49.85
C TRP D 334 -4.88 -19.98 50.94
N LYS D 335 -3.84 -19.63 51.69
CA LYS D 335 -3.26 -20.53 52.69
C LYS D 335 -4.28 -21.07 53.70
N LYS D 336 -5.10 -20.19 54.23
CA LYS D 336 -6.04 -20.58 55.28
C LYS D 336 -7.20 -21.40 54.73
N VAL D 337 -7.38 -21.36 53.41
CA VAL D 337 -8.40 -22.17 52.74
C VAL D 337 -7.83 -23.54 52.38
N THR D 338 -6.63 -23.54 51.81
CA THR D 338 -5.99 -24.79 51.39
C THR D 338 -5.67 -25.70 52.58
N ASP D 339 -5.30 -25.10 53.71
CA ASP D 339 -5.08 -25.88 54.93
C ASP D 339 -6.38 -26.57 55.34
N ALA D 340 -7.46 -25.81 55.33
CA ALA D 340 -8.77 -26.34 55.67
C ALA D 340 -9.17 -27.46 54.72
N LEU D 341 -8.94 -27.25 53.43
CA LEU D 341 -9.23 -28.26 52.41
C LEU D 341 -8.37 -29.50 52.64
N ALA D 342 -7.16 -29.30 53.14
CA ALA D 342 -6.21 -30.39 53.33
C ALA D 342 -6.67 -31.38 54.39
N VAL D 343 -7.43 -30.88 55.38
CA VAL D 343 -7.93 -31.73 56.45
C VAL D 343 -9.44 -31.90 56.36
N ARG D 344 -10.00 -31.44 55.24
CA ARG D 344 -11.44 -31.56 54.96
C ARG D 344 -12.29 -30.85 56.00
N ASN D 345 -11.79 -29.71 56.50
CA ASN D 345 -12.54 -28.86 57.40
C ASN D 345 -13.30 -27.81 56.60
N HIS D 346 -14.44 -28.20 56.05
CA HIS D 346 -15.21 -27.33 55.15
C HIS D 346 -15.96 -26.17 55.78
N PRO D 347 -16.37 -26.28 57.07
CA PRO D 347 -16.92 -25.06 57.67
C PRO D 347 -15.91 -23.91 57.69
N VAL D 348 -14.65 -24.24 57.91
CA VAL D 348 -13.59 -23.23 57.95
C VAL D 348 -13.20 -22.80 56.53
N ALA D 349 -13.13 -23.77 55.62
CA ALA D 349 -12.78 -23.48 54.24
C ALA D 349 -13.81 -22.56 53.59
N THR D 350 -15.09 -22.84 53.86
CA THR D 350 -16.17 -22.02 53.32
C THR D 350 -16.10 -20.60 53.88
N GLU D 351 -15.76 -20.48 55.14
CA GLU D 351 -15.72 -19.19 55.81
C GLU D 351 -14.51 -18.36 55.35
N GLU D 352 -13.35 -18.99 55.29
CA GLU D 352 -12.13 -18.30 54.87
C GLU D 352 -12.19 -17.90 53.41
N LYS D 353 -12.82 -18.74 52.59
CA LYS D 353 -13.04 -18.44 51.17
C LYS D 353 -13.95 -17.23 51.01
N PHE D 354 -14.99 -17.16 51.85
CA PHE D 354 -15.89 -16.02 51.83
C PHE D 354 -15.17 -14.72 52.20
N GLN D 355 -14.22 -14.81 53.13
CA GLN D 355 -13.44 -13.65 53.54
C GLN D 355 -12.74 -13.00 52.36
N ILE D 356 -12.00 -13.82 51.61
CA ILE D 356 -11.26 -13.36 50.44
C ILE D 356 -12.19 -12.82 49.35
N GLU D 357 -13.29 -13.52 49.12
CA GLU D 357 -14.26 -13.14 48.10
C GLU D 357 -14.98 -11.84 48.44
N ASP D 358 -15.37 -11.70 49.70
CA ASP D 358 -16.08 -10.51 50.17
C ASP D 358 -15.19 -9.27 50.08
N HIS D 359 -13.92 -9.43 50.44
CA HIS D 359 -12.97 -8.34 50.39
C HIS D 359 -12.75 -7.84 48.96
N GLN D 360 -12.80 -8.76 48.00
CA GLN D 360 -12.61 -8.40 46.60
C GLN D 360 -13.81 -7.60 46.07
N ARG D 361 -15.01 -7.94 46.54
CA ARG D 361 -16.21 -7.21 46.15
C ARG D 361 -16.15 -5.78 46.66
N GLN D 362 -15.61 -5.61 47.86
CA GLN D 362 -15.44 -4.30 48.46
C GLN D 362 -14.49 -3.45 47.61
N LEU D 363 -13.35 -4.03 47.25
CA LEU D 363 -12.38 -3.35 46.41
C LEU D 363 -12.98 -2.97 45.07
N ALA D 364 -13.84 -3.83 44.54
CA ALA D 364 -14.48 -3.59 43.25
C ALA D 364 -15.43 -2.40 43.33
N LYS D 365 -16.22 -2.35 44.40
CA LYS D 365 -17.11 -1.21 44.63
C LYS D 365 -16.32 0.08 44.79
N LYS D 366 -15.17 -0.03 45.46
CA LYS D 366 -14.31 1.12 45.67
C LYS D 366 -13.75 1.65 44.36
N ARG D 367 -13.41 0.73 43.45
CA ARG D 367 -12.91 1.12 42.14
C ARG D 367 -13.96 1.90 41.35
N ILE D 368 -15.22 1.51 41.53
CA ILE D 368 -16.33 2.19 40.86
C ILE D 368 -16.57 3.57 41.50
N GLU D 369 -16.39 3.63 42.81
CA GLU D 369 -16.64 4.86 43.56
C GLU D 369 -15.50 5.86 43.44
N ASP D 370 -14.43 5.47 42.76
CA ASP D 370 -13.30 6.36 42.56
C ASP D 370 -13.00 6.59 41.08
N GLY D 371 -13.85 6.04 40.22
CA GLY D 371 -13.70 6.19 38.79
C GLY D 371 -12.41 5.59 38.25
N VAL D 372 -11.93 4.56 38.93
CA VAL D 372 -10.67 3.93 38.57
C VAL D 372 -10.92 2.48 38.10
N GLU D 373 -10.10 2.02 37.17
CA GLU D 373 -10.19 0.66 36.67
C GLU D 373 -8.93 -0.15 37.00
N PHE D 374 -9.07 -1.45 37.18
CA PHE D 374 -7.93 -2.30 37.44
C PHE D 374 -7.03 -2.42 36.21
N HIS D 375 -5.72 -2.48 36.45
CA HIS D 375 -4.77 -2.78 35.39
C HIS D 375 -3.73 -3.79 35.89
N PRO D 376 -3.44 -4.81 35.06
CA PRO D 376 -2.48 -5.87 35.40
C PRO D 376 -1.08 -5.34 35.71
N LYS D 377 -0.39 -6.00 36.63
CA LYS D 377 0.93 -5.57 37.08
C LYS D 377 2.06 -6.09 36.20
N LEU D 378 1.84 -7.23 35.56
CA LEU D 378 2.94 -7.93 34.89
C LEU D 378 2.69 -8.17 33.40
N PHE D 379 1.43 -8.00 32.98
CA PHE D 379 1.07 -8.30 31.59
C PHE D 379 0.40 -7.12 30.91
N ARG D 380 0.77 -6.89 29.65
CA ARG D 380 0.18 -5.82 28.86
C ARG D 380 -0.92 -6.34 27.94
N ARG D 381 -1.82 -5.44 27.55
CA ARG D 381 -2.84 -5.75 26.57
C ARG D 381 -2.19 -5.93 25.20
N SER D 382 -2.84 -6.68 24.30
CA SER D 382 -2.23 -7.03 23.03
C SER D 382 -2.24 -5.91 22.00
N LYS D 383 -1.28 -5.99 21.08
CA LYS D 383 -1.20 -5.11 19.93
C LYS D 383 -1.93 -5.74 18.75
N PRO D 384 -2.33 -4.93 17.75
CA PRO D 384 -2.98 -5.44 16.55
C PRO D 384 -2.19 -6.57 15.86
N GLY D 385 -2.85 -7.70 15.64
CA GLY D 385 -2.23 -8.83 14.96
C GLY D 385 -1.40 -9.73 15.85
N GLU D 386 -1.73 -9.78 17.13
CA GLU D 386 -1.01 -10.64 18.07
C GLU D 386 -1.82 -11.88 18.44
N ASP D 387 -1.13 -12.98 18.68
CA ASP D 387 -1.77 -14.27 18.95
C ASP D 387 -2.51 -14.32 20.28
N LEU D 388 -2.02 -13.57 21.26
CA LEU D 388 -2.58 -13.64 22.61
C LEU D 388 -3.14 -12.30 23.08
N ASP D 389 -4.20 -12.36 23.87
CA ASP D 389 -4.79 -11.16 24.46
C ASP D 389 -3.78 -10.40 25.31
N TYR D 390 -3.02 -11.14 26.10
CA TYR D 390 -2.00 -10.55 26.96
C TYR D 390 -0.61 -11.09 26.65
N CYS D 391 0.38 -10.48 27.27
CA CYS D 391 1.77 -10.77 26.99
C CYS D 391 2.62 -10.14 28.08
N ILE D 392 3.70 -10.80 28.48
CA ILE D 392 4.54 -10.28 29.56
C ILE D 392 5.04 -8.89 29.18
N TYR D 393 5.05 -7.98 30.15
CA TYR D 393 5.28 -6.56 29.83
C TYR D 393 6.73 -6.29 29.43
N LYS D 394 7.66 -7.05 30.00
CA LYS D 394 9.07 -6.78 29.80
C LYS D 394 9.56 -7.29 28.45
N ASN D 395 10.26 -6.43 27.72
CA ASN D 395 10.81 -6.80 26.43
C ASN D 395 12.05 -7.69 26.59
N ILE D 396 11.99 -8.88 26.01
CA ILE D 396 13.13 -9.79 26.00
C ILE D 396 13.51 -10.10 24.57
N PRO D 397 14.56 -9.42 24.06
CA PRO D 397 15.04 -9.58 22.69
C PRO D 397 15.34 -11.04 22.35
N VAL D 398 14.99 -11.45 21.14
CA VAL D 398 15.12 -12.84 20.70
C VAL D 398 16.57 -13.31 20.73
N ASP D 399 17.46 -12.52 20.14
CA ASP D 399 18.86 -12.90 20.01
C ASP D 399 19.71 -12.40 21.18
N GLU D 400 19.06 -11.99 22.26
CA GLU D 400 19.76 -11.52 23.45
C GLU D 400 20.48 -12.66 24.15
N ASP D 401 21.55 -12.34 24.87
CA ASP D 401 22.34 -13.33 25.60
C ASP D 401 21.52 -14.00 26.70
N PRO D 402 21.57 -15.34 26.77
CA PRO D 402 20.85 -16.13 27.79
C PRO D 402 21.03 -15.63 29.21
N GLU D 403 22.25 -15.20 29.56
CA GLU D 403 22.52 -14.70 30.89
C GLU D 403 21.81 -13.37 31.14
N LYS D 404 21.72 -12.54 30.10
CA LYS D 404 21.06 -11.25 30.21
C LYS D 404 19.54 -11.41 30.21
N GLN D 405 19.06 -12.42 29.50
CA GLN D 405 17.63 -12.72 29.46
C GLN D 405 17.12 -13.13 30.84
N ILE D 406 17.90 -13.97 31.52
CA ILE D 406 17.55 -14.41 32.87
C ILE D 406 17.46 -13.23 33.82
N ARG D 407 18.41 -12.32 33.71
CA ARG D 407 18.45 -11.14 34.57
C ARG D 407 17.18 -10.31 34.40
N SER D 408 16.75 -10.13 33.15
CA SER D 408 15.53 -9.38 32.86
C SER D 408 14.30 -10.07 33.44
N ILE D 409 14.26 -11.40 33.31
CA ILE D 409 13.15 -12.18 33.83
C ILE D 409 13.01 -12.00 35.34
N LEU D 410 14.12 -12.14 36.06
CA LEU D 410 14.11 -12.03 37.52
C LEU D 410 13.78 -10.61 37.99
N GLN D 411 13.89 -9.65 37.08
CA GLN D 411 13.52 -8.26 37.36
C GLN D 411 12.01 -8.06 37.32
N ILE D 412 11.32 -8.93 36.59
CA ILE D 412 9.87 -8.82 36.44
C ILE D 412 9.16 -9.05 37.77
N ALA D 413 9.58 -10.09 38.48
CA ALA D 413 8.96 -10.48 39.74
C ALA D 413 9.90 -11.35 40.55
N PRO D 414 9.70 -11.41 41.88
CA PRO D 414 10.49 -12.33 42.68
C PRO D 414 10.14 -13.79 42.39
N ILE D 415 11.13 -14.58 41.98
CA ILE D 415 10.91 -15.97 41.61
C ILE D 415 11.76 -16.90 42.47
N LEU D 416 13.06 -16.62 42.52
CA LEU D 416 14.02 -17.42 43.28
C LEU D 416 14.06 -17.00 44.74
N PRO D 417 14.44 -17.94 45.64
CA PRO D 417 14.63 -17.63 47.06
C PRO D 417 15.59 -16.45 47.26
N GLY D 418 15.23 -15.54 48.15
CA GLY D 418 16.08 -14.39 48.42
C GLY D 418 15.71 -13.14 47.64
N GLN D 419 14.92 -13.31 46.59
CA GLN D 419 14.45 -12.16 45.81
C GLN D 419 13.42 -11.36 46.60
N GLN D 420 13.55 -10.04 46.56
CA GLN D 420 12.65 -9.19 47.30
C GLN D 420 11.79 -8.33 46.39
N PHE D 421 10.61 -7.98 46.88
CA PHE D 421 9.71 -7.10 46.17
C PHE D 421 10.28 -5.69 46.13
N THR D 422 9.96 -4.97 45.04
CA THR D 422 10.28 -3.56 44.96
C THR D 422 8.98 -2.79 44.69
N ASP D 423 9.05 -1.47 44.69
CA ASP D 423 7.87 -0.66 44.41
C ASP D 423 7.46 -0.78 42.94
N LYS D 424 8.42 -1.09 42.09
CA LYS D 424 8.15 -1.19 40.65
C LYS D 424 7.21 -2.35 40.32
N PHE D 425 7.19 -3.37 41.18
CA PHE D 425 6.36 -4.54 40.96
C PHE D 425 4.88 -4.20 40.97
N PHE D 426 4.48 -3.28 41.84
CA PHE D 426 3.06 -2.96 42.02
C PHE D 426 2.60 -1.86 41.07
N ILE D 427 3.52 -1.36 40.24
CA ILE D 427 3.14 -0.39 39.22
C ILE D 427 2.53 -1.11 38.02
N PRO D 428 1.34 -0.65 37.57
CA PRO D 428 0.66 -1.20 36.40
C PRO D 428 1.60 -1.40 35.21
N ALA D 429 1.44 -2.52 34.51
CA ALA D 429 2.34 -2.86 33.40
C ALA D 429 2.34 -1.81 32.30
N PHE D 430 1.17 -1.24 32.01
CA PHE D 430 1.07 -0.25 30.93
C PHE D 430 1.84 1.02 31.31
N GLU D 431 1.95 1.28 32.61
CA GLU D 431 2.75 2.39 33.10
C GLU D 431 4.25 2.12 32.95
N LYS D 432 4.67 0.91 33.33
CA LYS D 432 6.08 0.54 33.28
C LYS D 432 6.62 0.54 31.86
N ILE D 433 5.76 0.18 30.91
CA ILE D 433 6.12 0.20 29.50
C ILE D 433 6.36 1.62 29.01
N LYS D 434 5.46 2.53 29.40
CA LYS D 434 5.59 3.93 29.00
C LYS D 434 6.86 4.56 29.55
N SER D 435 7.19 4.27 30.79
CA SER D 435 8.42 4.77 31.39
C SER D 435 9.63 4.31 30.58
N GLN D 436 9.60 3.05 30.15
CA GLN D 436 10.72 2.46 29.41
C GLN D 436 10.88 3.11 28.03
N LYS D 437 9.78 3.29 27.31
CA LYS D 437 9.81 3.93 26.00
C LYS D 437 10.44 5.33 26.06
N LYS D 438 10.07 6.10 27.09
CA LYS D 438 10.64 7.42 27.31
C LYS D 438 12.16 7.36 27.51
N MET D 439 12.60 6.47 28.39
CA MET D 439 14.02 6.32 28.70
C MET D 439 14.84 5.92 27.48
N ILE D 440 14.40 4.85 26.81
CA ILE D 440 15.07 4.37 25.60
C ILE D 440 15.18 5.47 24.55
N GLU D 441 14.10 6.24 24.38
CA GLU D 441 14.09 7.35 23.43
C GLU D 441 15.01 8.48 23.87
N ASN D 442 15.24 8.59 25.18
CA ASN D 442 16.05 9.68 25.71
C ASN D 442 17.55 9.45 25.59
N GLU D 443 17.97 8.19 25.51
CA GLU D 443 19.39 7.88 25.32
C GLU D 443 19.71 7.52 23.87
N LYS D 444 18.74 7.70 22.98
CA LYS D 444 18.95 7.49 21.56
C LYS D 444 19.40 8.79 20.89
C1 2Y5 E . 0.03 -4.87 -1.49
O1 2Y5 E . -0.97 -5.87 -1.65
P1 2Y5 E . -1.18 -6.62 -3.06
C2 2Y5 E . -0.59 -3.62 -0.89
O2 2Y5 E . -1.64 -3.13 -1.73
C3 2Y5 E . 0.48 -2.55 -0.73
O3 2Y5 E . -0.11 -1.38 -0.15
C4 2Y5 E . 1.59 -3.07 0.17
O4 2Y5 E . 2.59 -2.05 0.33
P4 2Y5 E . 3.29 -1.83 1.73
C5 2Y5 E . 2.20 -4.31 -0.44
O5 2Y5 E . 3.26 -4.80 0.40
C6 2Y5 E . 1.14 -5.38 -0.60
O6 2Y5 E . 0.60 -5.71 0.69
C7 2Y5 E . -0.17 -8.52 -1.57
C8 2Y5 E . -0.96 -9.38 -0.58
C9 2Y5 E . -1.92 -8.49 0.22
C10 2Y5 E . -1.53 -11.58 -0.71
C11 2Y5 E . -3.71 -9.66 1.01
O11 2Y5 E . -0.08 -6.22 -3.95
C12 2Y5 E . -2.21 -12.74 -1.42
O12 2Y5 E . -2.58 -6.40 -3.50
C13 2Y5 E . -2.03 -14.03 -0.61
O13 2Y5 E . -1.00 -8.16 -2.66
C14 2Y5 E . -1.62 -15.17 -1.54
C15 2Y5 E . -1.65 -16.50 -0.77
C16 2Y5 E . -2.65 -17.34 -0.78
O16 2Y5 E . -1.70 -10.37 -1.29
C17 2Y5 E . -4.13 -16.97 -0.60
O17 2Y5 E . -0.88 -11.76 0.32
C18 2Y5 E . -4.99 -17.82 -1.54
O18 2Y5 E . -2.46 -9.23 1.32
C19 2Y5 E . -5.68 -17.37 -2.55
O19 2Y5 E . -4.30 -9.36 -0.01
C20 2Y5 E . -6.11 -15.92 -2.75
C21 2Y5 E . -6.71 -15.75 -4.16
C22 2Y5 E . -6.02 -15.52 -5.24
C23 2Y5 E . -4.61 -16.06 -5.54
C24 2Y5 E . -3.90 -15.13 -6.52
C25 2Y5 E . -2.65 -15.23 -6.89
C26 2Y5 E . -1.64 -16.25 -6.34
C27 2Y5 E . -0.22 -15.73 -6.57
C28 2Y5 E . 0.72 -16.37 -5.55
C29 2Y5 E . 2.11 -15.73 -5.67
C30 2Y5 E . 3.01 -16.27 -4.55
C31 2Y5 E . -4.35 -10.58 2.05
C32 2Y5 E . -5.76 -10.97 1.60
C33 2Y5 E . -5.75 -12.39 1.04
C34 2Y5 E . -6.93 -12.57 0.09
C35 2Y5 E . -7.33 -14.05 0.07
C36 2Y5 E . -8.66 -14.22 0.81
C37 2Y5 E . -9.80 -14.43 -0.19
C38 2Y5 E . -11.01 -15.03 0.52
C39 2Y5 E . -11.84 -13.91 1.14
C40 2Y5 E . -13.10 -14.49 1.80
C41 2Y5 E . -13.63 -13.51 2.84
O41 2Y5 E . 2.36 -0.85 2.35
C42 2Y5 E . -14.17 -14.30 4.04
O42 2Y5 E . 4.60 -1.28 1.39
C43 2Y5 E . -15.41 -13.59 4.60
O43 2Y5 E . 3.27 -3.16 2.36
C44 2Y5 E . -15.57 -13.93 6.09
C45 2Y5 E . -17.01 -14.33 6.36
C46 2Y5 E . -17.88 -13.07 6.41
C47 2Y5 E . -19.26 -13.41 6.99
C1 2Y5 F . 25.19 1.66 -29.87
O1 2Y5 F . 25.14 1.97 -28.47
P1 2Y5 F . 23.74 2.30 -27.77
C2 2Y5 F . 26.36 2.40 -30.51
O2 2Y5 F . 26.18 3.81 -30.34
C3 2Y5 F . 26.40 2.07 -32.00
O3 2Y5 F . 27.51 2.78 -32.60
C4 2Y5 F . 26.59 0.58 -32.19
O4 2Y5 F . 26.64 0.27 -33.59
P4 2Y5 F . 27.79 -0.65 -34.16
C5 2Y5 F . 25.43 -0.16 -31.54
O5 2Y5 F . 25.61 -1.57 -31.73
C6 2Y5 F . 25.38 0.16 -30.06
O6 2Y5 F . 26.61 -0.25 -29.44
C7 2Y5 F . 24.15 -0.11 -26.79
C8 2Y5 F . 25.01 -0.56 -25.61
C9 2Y5 F . 26.35 0.17 -25.64
C10 2Y5 F . 24.58 -1.26 -23.48
C11 2Y5 F . 27.32 0.68 -23.64
O11 2Y5 F . 22.66 1.96 -28.72
C12 2Y5 F . 24.09 -1.00 -22.06
O12 2Y5 F . 23.82 3.66 -27.21
C13 2Y5 F . 23.54 -2.29 -21.46
O13 2Y5 F . 23.71 1.23 -26.57
C14 2Y5 F . 22.34 -1.96 -20.55
C15 2Y5 F . 22.32 -2.93 -19.37
C16 2Y5 F . 23.13 -2.90 -18.34
O16 2Y5 F . 24.34 -0.28 -24.38
C17 2Y5 F . 23.83 -1.64 -17.81
O17 2Y5 F . 25.16 -2.33 -23.77
C18 2Y5 F . 23.14 -1.18 -16.53
O18 2Y5 F . 27.19 -0.29 -24.58
C19 2Y5 F . 22.59 -0.01 -16.36
O19 2Y5 F . 26.68 1.74 -23.64
C20 2Y5 F . 22.78 1.22 -17.28
C21 2Y5 F . 21.60 2.16 -17.11
C22 2Y5 F . 20.48 2.10 -17.79
C23 2Y5 F . 20.34 1.62 -19.24
C24 2Y5 F . 18.86 1.61 -19.64
C25 2Y5 F . 18.17 0.54 -19.94
C26 2Y5 F . 18.75 -0.75 -20.50
C27 2Y5 F . 17.60 -1.74 -20.77
C28 2Y5 F . 18.17 -3.06 -21.30
C29 2Y5 F . 17.78 -3.21 -22.78
C30 2Y5 F . 18.02 -4.66 -23.22
C31 2Y5 F . 28.32 0.39 -22.53
C32 2Y5 F . 27.59 0.07 -21.23
C33 2Y5 F . 27.38 1.36 -20.43
C34 2Y5 F . 26.48 1.07 -19.23
C35 2Y5 F . 27.27 1.27 -17.94
C36 2Y5 F . 26.85 2.57 -17.27
C37 2Y5 F . 27.68 2.81 -16.00
C38 2Y5 F . 27.85 4.31 -15.77
C39 2Y5 F . 28.72 4.54 -14.52
C40 2Y5 F . 30.16 4.11 -14.82
C41 2Y5 F . 31.12 4.86 -13.89
O41 2Y5 F . 28.90 0.32 -34.29
C42 2Y5 F . 32.56 4.57 -14.30
O42 2Y5 F . 27.25 -1.13 -35.44
C43 2Y5 F . 33.47 4.74 -13.09
O43 2Y5 F . 27.98 -1.66 -33.12
C44 2Y5 F . 34.89 5.09 -13.56
C45 2Y5 F . 35.81 5.22 -12.35
C46 2Y5 F . 36.54 6.55 -12.40
C47 2Y5 F . 37.34 6.75 -11.10
C1 2Y5 G . -31.88 20.14 -25.08
O1 2Y5 G . -30.46 20.11 -25.25
P1 2Y5 G . -29.75 18.77 -25.76
C2 2Y5 G . -32.23 20.93 -23.82
O2 2Y5 G . -31.63 20.29 -22.68
C3 2Y5 G . -33.73 20.97 -23.65
O3 2Y5 G . -34.05 21.72 -22.46
C4 2Y5 G . -34.36 21.66 -24.85
O4 2Y5 G . -35.79 21.70 -24.68
P4 2Y5 G . -36.58 23.04 -25.00
C5 2Y5 G . -34.02 20.87 -26.11
O5 2Y5 G . -34.62 21.51 -27.25
C6 2Y5 G . -32.52 20.83 -26.28
O6 2Y5 G . -32.01 22.16 -26.41
C7 2Y5 G . -29.53 20.24 -27.93
C8 2Y5 G . -28.48 21.25 -28.39
C9 2Y5 G . -28.27 22.30 -27.31
C10 2Y5 G . -26.94 20.64 -29.97
C11 2Y5 G . -26.08 22.94 -27.21
O11 2Y5 G . -30.80 17.83 -26.21
C12 2Y5 G . -25.82 19.71 -30.42
O12 2Y5 G . -28.78 18.33 -24.73
C13 2Y5 G . -25.41 20.07 -31.86
O13 2Y5 G . -28.93 19.29 -27.04
C14 2Y5 G . -24.05 20.77 -31.85
C15 2Y5 G . -23.28 20.40 -33.12
C16 2Y5 G . -21.97 20.37 -33.23
O16 2Y5 G . -27.24 20.56 -28.65
C17 2Y5 G . -21.00 20.90 -32.18
O17 2Y5 G . -27.52 21.37 -30.77
C18 2Y5 G . -19.76 19.99 -32.13
O18 2Y5 G . -27.29 23.25 -27.75
C19 2Y5 G . -19.63 18.92 -31.39
O19 2Y5 G . -25.89 22.01 -26.42
C20 2Y5 G . -20.69 17.84 -31.21
C21 2Y5 G . -20.22 16.84 -30.14
C22 2Y5 G . -20.97 15.91 -29.60
C23 2Y5 G . -22.39 15.55 -30.04
C24 2Y5 G . -22.33 14.67 -31.29
C25 2Y5 G . -23.35 14.40 -32.07
C26 2Y5 G . -24.39 15.41 -32.55
C27 2Y5 G . -25.26 14.77 -33.62
C28 2Y5 G . -25.95 15.88 -34.44
C29 2Y5 G . -27.45 15.60 -34.51
C30 2Y5 G . -27.77 14.83 -35.79
C31 2Y5 G . -24.93 23.86 -27.63
C32 2Y5 G . -23.91 23.06 -28.44
C33 2Y5 G . -22.54 23.73 -28.35
C34 2Y5 G . -21.45 22.68 -28.20
C35 2Y5 G . -20.08 23.35 -28.07
C36 2Y5 G . -19.03 22.31 -27.66
C37 2Y5 G . -17.65 22.95 -27.71
C38 2Y5 G . -17.36 23.65 -26.38
C39 2Y5 G . -16.31 24.75 -26.59
C40 2Y5 G . -16.47 25.82 -25.51
C41 2Y5 G . -15.55 27.01 -25.85
O41 2Y5 G . -36.51 23.73 -23.70
C42 2Y5 G . -15.68 28.06 -24.76
O42 2Y5 G . -37.93 22.57 -25.37
C43 2Y5 G . -14.56 29.10 -24.91
O43 2Y5 G . -35.80 23.66 -26.08
C44 2Y5 G . -14.47 29.95 -23.64
C45 2Y5 G . -13.27 30.89 -23.74
C46 2Y5 G . -12.91 31.42 -22.36
C47 2Y5 G . -11.55 32.12 -22.41
C1 2Y5 H . -16.33 -17.88 42.88
O1 2Y5 H . -15.60 -18.98 42.30
P1 2Y5 H . -15.91 -20.48 42.79
C2 2Y5 H . -15.37 -16.74 43.18
O2 2Y5 H . -14.37 -17.19 44.10
C3 2Y5 H . -16.14 -15.58 43.78
O3 2Y5 H . -15.23 -14.50 44.06
C4 2Y5 H . -17.19 -15.10 42.80
O4 2Y5 H . -17.93 -14.01 43.38
P4 2Y5 H . -17.97 -12.60 42.63
C5 2Y5 H . -18.15 -16.24 42.50
O5 2Y5 H . -19.15 -15.79 41.57
C6 2Y5 H . -17.39 -17.41 41.89
O6 2Y5 H . -16.76 -16.98 40.68
C7 2Y5 H . -17.25 -20.76 40.55
C8 2Y5 H . -16.81 -20.88 39.08
C9 2Y5 H . -15.65 -19.91 38.82
C10 2Y5 H . -17.01 -22.69 37.72
C11 2Y5 H . -14.15 -20.79 37.35
O11 2Y5 H . -17.15 -20.47 43.60
C12 2Y5 H . -16.56 -24.08 37.27
O12 2Y5 H . -14.67 -21.04 43.39
C13 2Y5 H . -17.76 -24.86 36.73
O13 2Y5 H . -16.20 -21.22 41.39
C14 2Y5 H . -17.64 -25.00 35.22
C15 2Y5 H . -18.04 -26.42 34.80
C16 2Y5 H . -17.21 -27.36 34.41
O16 2Y5 H . -16.38 -22.22 38.82
C17 2Y5 H . -15.70 -27.35 34.63
O17 2Y5 H . -17.87 -22.08 37.10
C18 2Y5 H . -15.16 -28.78 34.56
O18 2Y5 H . -15.26 -20.01 37.44
C19 2Y5 H . -14.69 -29.46 35.59
O19 2Y5 H . -13.64 -21.38 38.30
C20 2Y5 H . -14.08 -28.86 36.85
C21 2Y5 H . -14.28 -29.81 38.02
C22 2Y5 H . -15.09 -29.63 39.03
C23 2Y5 H . -16.48 -28.99 38.94
C24 2Y5 H . -17.46 -29.78 39.82
C25 2Y5 H . -18.76 -29.65 39.80
C26 2Y5 H . -19.53 -28.45 39.24
C27 2Y5 H . -20.99 -28.53 39.66
C28 2Y5 H . -21.73 -27.27 39.20
C29 2Y5 H . -23.20 -27.37 39.59
C30 2Y5 H . -23.84 -25.98 39.59
C31 2Y5 H . -13.54 -20.89 35.95
C32 2Y5 H . -12.43 -21.94 35.95
C33 2Y5 H . -13.04 -23.34 35.84
C34 2Y5 H . -12.38 -24.09 34.68
C35 2Y5 H . -11.63 -25.31 35.22
C36 2Y5 H . -11.01 -26.09 34.07
C37 2Y5 H . -10.31 -27.34 34.60
C38 2Y5 H . -8.89 -26.97 35.06
C39 2Y5 H . -7.89 -27.37 33.97
C40 2Y5 H . -7.25 -26.12 33.38
C41 2Y5 H . -5.95 -26.48 32.67
O41 2Y5 H . -16.56 -12.16 42.77
C42 2Y5 H . -5.63 -25.42 31.62
O42 2Y5 H . -18.93 -11.82 43.40
C43 2Y5 H . -4.44 -25.88 30.77
O43 2Y5 H . -18.36 -12.95 41.26
C44 2Y5 H . -3.80 -24.68 30.07
C45 2Y5 H . -2.62 -25.15 29.23
C46 2Y5 H . -1.35 -24.42 29.69
C47 2Y5 H . -0.21 -24.74 28.73
#